data_7QN5
#
_entry.id   7QN5
#
_cell.length_a   1.00
_cell.length_b   1.00
_cell.length_c   1.00
_cell.angle_alpha   90.00
_cell.angle_beta   90.00
_cell.angle_gamma   90.00
#
_symmetry.space_group_name_H-M   'P 1'
#
loop_
_entity.id
_entity.type
_entity.pdbx_description
1 polymer 'Gamma-aminobutyric acid receptor subunit alpha-4'
2 polymer 'Gamma-aminobutyric acid receptor subunit beta-3'
3 polymer 'Gamma-aminobutyric acid receptor subunit delta'
4 polymer 'Nanobody Nb25'
5 branched alpha-D-mannopyranose-(1-3)-[alpha-D-mannopyranose-(1-6)]beta-D-mannopyranose-(1-4)-2-acetamido-2-deoxy-beta-D-glucopyranose-(1-4)-2-acetamido-2-deoxy-beta-D-glucopyranose
6 branched 2-acetamido-2-deoxy-beta-D-glucopyranose-(1-4)-2-acetamido-2-deoxy-beta-D-glucopyranose
7 non-polymer 2-acetamido-2-deoxy-beta-D-glucopyranose
8 non-polymer 1,2-DIPALMITOYL-SN-GLYCERO-3-PHOSPHATE
9 non-polymer DECANE
10 non-polymer N-OCTANE
11 non-polymer '4-(2-HYDROXYETHYL)-1-PIPERAZINE ETHANESULFONIC ACID'
12 non-polymer 'CHLORIDE ION'
13 water water
#
loop_
_entity_poly.entity_id
_entity_poly.type
_entity_poly.pdbx_seq_one_letter_code
_entity_poly.pdbx_strand_id
1 'polypeptide(L)'
;MVSAKKVPAIALSAGVSFALLRFLCLAVCLNESPGQNQKEEKLCTENFTRILDSLLDGYDNRLRPGFGGPVTEVKTDIYV
TSFGPVSDVEMEYTMDVFFRQTWIDKRLKYDGPIEILRLNNMMVTKVWTPDTFFRNGKKSVSHNMTAPNKLFRIMRNGTI
LYTMRLTISAECPMRLVDFPMDGHACPLKFGSYAYPKSEMIYTWTKGPEKSVEVPKESSSLVQYDLIGQTVSSETIKSIT
GEYIVMTVYFHLRRKMGYFMIQTYIPCIMTVILSQVSFWINKESVPARTVFGITTVLTMTTLSISARHSLPKVSYATAMD
WFIAVCFAFVFSALIEFAAVNYFTNIQMEKAKRKTSKPPQEVPAAPVQREKHPEAPLQNTNANLNMRKRTNALVHSESDV
GNRTEVGNHSSKSSTVVQESSKGTPRSYLASSPNPFSRANAAETISAARALPSASPTSIRTGYMPRKASVGSASTRHVFG
SRLQRIKTTVNTIGATGKLSATPPPSAPPPSGSGTSKIDKYARILFPVTFGAFNMVYWVVYLSKDTMEKSESLM
;
A
2 'polypeptide(L)'
;MWGLAGGRLFGIFSAPVLVAVVCCAQSVNDPGNMSFVKETVDKLLKGYDIRLRPDFGGPPVCVGMNIDIASIDMVSEVNM
DYTLTMYFQQYWRDKRLAYSGIPLNLTLDNRVADQLWVPDTYFLNDKKSFVHGVTVKNRMIRLHPDGTVLYGLRITTTAA
CMMDLRRYPLDEQNCTLEIESYGYTTDDIEFYWRGGDKAVTGVERIELPQFSIVEHRLVSRNVVFATGAYPRLSLSFRLK
RNIGYFILQTYMPSILITILSWVSFWINYDASAARVALGITTVLTMTTINTHLRETLPKIPYVKAIDMYLMGCFVFVFLA
LLEYAFVNYIFFGRGPQRQKKLAEKTAKAKNDRSKSESNRVDAHGNILLTSLEVHNEMNEVSGGIGDTRNSAISFDNSGI
QYRKQSMPREGHGRFLGDRSLPHKKTHLRRRSSQLKIKIPDLTDVNAIDRWSRIVFPFTFSLFNLVYWLYYVN
;
B,C,D
3 'polypeptide(L)'
;MDAPARLLAPLLLLCAQQLRGTRAMNDIGDYVGSNLEISWLPNLDGLIAGYARNFRPGIGGPPVNVALALEVASIDHISE
ANMEYTMTVFLHQSWRDSRLSYNHTNETLGLDSRFVDKLWLPDTFIVNAKSAWFHDVTVENKLIRLQPDGVILYSIRITS
TVACDMDLAKYPMDEQECMLDLESYGYSSEDIVYYWSESQEHIHGLDKLQLAQFTITSYRFTTELMNFKSAGQFPRLSLH
FHLRRNRGVYIIQSYMPSVLLVAMSWVSFWISQAAVPARVSLGITTVLTMTTLMVSARSSLPRASAIKALDVYFWICYVF
VFAALVEYAFAHFNADYRKKQKAKVKVSRPRAEMDVRNAIVLFSLSAAGVTQELAISRRQRRVPGNLMGSYRSVGVETGE
TKKEGAARSGGQGGIRARLRPIDADTIDIYARAVFPAAFAAVNVIYWAAYAMGGSGGSGGSGKTETSQVAPA
;
E
4 'polypeptide(L)'
;QVQLVESGGGLVQGSLRLSCAASGHTFNYPIMGWFRQAPGKEREFVGAISWSGGSTSYADSVKDRFTISRDNAKNTVYLE
MNNLKPEDTAVYYCAAKGRYSGGLYYPTNYDYWGQGTQVTV
;
F,G
#
loop_
_chem_comp.id
_chem_comp.type
_chem_comp.name
_chem_comp.formula
BMA D-saccharide, beta linking beta-D-mannopyranose 'C6 H12 O6'
CL non-polymer 'CHLORIDE ION' 'Cl -1'
D10 non-polymer DECANE 'C10 H22'
EPE non-polymer '4-(2-HYDROXYETHYL)-1-PIPERAZINE ETHANESULFONIC ACID' 'C8 H18 N2 O4 S'
MAN D-saccharide, alpha linking alpha-D-mannopyranose 'C6 H12 O6'
NAG D-saccharide, beta linking 2-acetamido-2-deoxy-beta-D-glucopyranose 'C8 H15 N O6'
OCT non-polymer N-OCTANE 'C8 H18'
PX6 non-polymer 1,2-DIPALMITOYL-SN-GLYCERO-3-PHOSPHATE 'C35 H68 O8 P -1'
#
# COMPACT_ATOMS: atom_id res chain seq x y z
N GLU A 46 12.10 50.62 -9.96
CA GLU A 46 12.85 49.89 -8.94
C GLU A 46 12.76 50.59 -7.59
N ASN A 47 11.56 51.06 -7.26
CA ASN A 47 11.37 51.73 -5.98
C ASN A 47 11.62 50.80 -4.81
N PHE A 48 11.13 49.57 -4.88
CA PHE A 48 11.33 48.59 -3.82
C PHE A 48 12.41 47.57 -4.12
N THR A 49 12.77 47.38 -5.40
CA THR A 49 13.86 46.47 -5.73
C THR A 49 15.18 46.96 -5.16
N ARG A 50 15.42 48.27 -5.23
CA ARG A 50 16.65 48.82 -4.66
C ARG A 50 16.68 48.66 -3.14
N ILE A 51 15.52 48.79 -2.49
CA ILE A 51 15.46 48.65 -1.04
C ILE A 51 15.84 47.23 -0.63
N LEU A 52 15.28 46.24 -1.31
CA LEU A 52 15.62 44.85 -0.99
C LEU A 52 17.08 44.54 -1.29
N ASP A 53 17.59 45.06 -2.42
CA ASP A 53 19.00 44.84 -2.75
C ASP A 53 19.91 45.51 -1.73
N SER A 54 19.53 46.68 -1.24
CA SER A 54 20.33 47.36 -0.22
C SER A 54 20.37 46.55 1.06
N LEU A 55 19.24 45.98 1.47
CA LEU A 55 19.20 45.17 2.69
C LEU A 55 20.08 43.94 2.56
N LEU A 56 20.03 43.26 1.42
CA LEU A 56 20.82 42.05 1.21
C LEU A 56 22.27 42.35 0.89
N ASP A 57 22.63 43.61 0.62
CA ASP A 57 24.01 43.95 0.33
C ASP A 57 24.82 43.94 1.63
N GLY A 58 25.92 43.20 1.64
CA GLY A 58 26.71 43.07 2.85
C GLY A 58 25.97 42.37 3.97
N TYR A 59 25.12 41.40 3.64
CA TYR A 59 24.34 40.65 4.61
C TYR A 59 24.75 39.20 4.56
N ASP A 60 25.10 38.64 5.72
CA ASP A 60 25.51 37.25 5.84
C ASP A 60 24.43 36.50 6.62
N ASN A 61 23.75 35.58 5.94
CA ASN A 61 22.68 34.80 6.57
C ASN A 61 23.22 33.73 7.51
N ARG A 62 24.52 33.47 7.49
CA ARG A 62 25.12 32.47 8.36
C ARG A 62 25.42 33.00 9.76
N LEU A 63 25.20 34.29 10.01
CA LEU A 63 25.44 34.90 11.31
C LEU A 63 24.12 35.39 11.89
N ARG A 64 23.87 35.04 13.15
CA ARG A 64 22.66 35.48 13.82
C ARG A 64 22.71 36.99 14.05
N PRO A 65 21.54 37.64 14.14
CA PRO A 65 21.53 39.07 14.48
C PRO A 65 22.15 39.29 15.86
N GLY A 66 22.91 40.36 15.98
CA GLY A 66 23.66 40.59 17.20
C GLY A 66 24.69 39.52 17.48
N PHE A 67 25.39 39.06 16.43
CA PHE A 67 26.39 38.02 16.59
C PHE A 67 27.53 38.49 17.47
N GLY A 68 27.89 37.68 18.46
CA GLY A 68 28.95 38.03 19.37
C GLY A 68 28.58 39.03 20.44
N GLY A 69 27.32 39.46 20.51
CA GLY A 69 26.89 40.42 21.47
C GLY A 69 25.68 39.97 22.27
N PRO A 70 24.62 40.78 22.25
CA PRO A 70 23.41 40.42 23.00
C PRO A 70 22.78 39.14 22.48
N VAL A 71 22.11 38.42 23.39
CA VAL A 71 21.47 37.17 23.04
C VAL A 71 20.27 37.45 22.14
N THR A 72 20.16 36.70 21.05
CA THR A 72 19.02 36.85 20.16
C THR A 72 17.78 36.23 20.78
N GLU A 73 16.71 37.01 20.87
CA GLU A 73 15.47 36.56 21.47
C GLU A 73 14.44 36.29 20.37
N VAL A 74 13.86 35.10 20.38
CA VAL A 74 12.86 34.69 19.39
C VAL A 74 11.54 34.51 20.11
N LYS A 75 10.52 35.23 19.66
CA LYS A 75 9.18 35.12 20.22
C LYS A 75 8.38 34.15 19.38
N THR A 76 7.85 33.10 20.02
CA THR A 76 7.18 32.02 19.32
C THR A 76 5.76 31.85 19.85
N ASP A 77 4.82 31.64 18.93
CA ASP A 77 3.46 31.26 19.27
C ASP A 77 3.00 30.20 18.27
N ILE A 78 2.10 29.33 18.73
CA ILE A 78 1.65 28.19 17.95
C ILE A 78 0.13 28.27 17.80
N TYR A 79 -0.35 28.18 16.57
CA TYR A 79 -1.77 28.07 16.27
C TYR A 79 -2.02 26.68 15.70
N VAL A 80 -2.76 25.86 16.43
CA VAL A 80 -3.01 24.47 16.04
C VAL A 80 -4.23 24.45 15.13
N THR A 81 -4.01 24.24 13.84
CA THR A 81 -5.11 24.15 12.89
C THR A 81 -5.82 22.81 12.98
N SER A 82 -5.11 21.75 13.37
CA SER A 82 -5.71 20.42 13.45
C SER A 82 -4.88 19.58 14.42
N PHE A 83 -5.51 19.12 15.49
CA PHE A 83 -4.87 18.21 16.43
C PHE A 83 -5.24 16.79 15.99
N GLY A 84 -4.30 16.13 15.30
CA GLY A 84 -4.59 14.90 14.63
C GLY A 84 -4.80 13.75 15.60
N PRO A 85 -5.06 12.57 15.06
CA PRO A 85 -5.35 11.40 15.90
C PRO A 85 -4.13 10.98 16.72
N VAL A 86 -4.42 10.36 17.86
CA VAL A 86 -3.39 9.84 18.76
C VAL A 86 -3.30 8.34 18.58
N SER A 87 -2.09 7.85 18.30
CA SER A 87 -1.84 6.43 18.09
C SER A 87 -1.33 5.84 19.40
N ASP A 88 -2.19 5.07 20.07
CA ASP A 88 -1.79 4.44 21.33
C ASP A 88 -0.72 3.39 21.09
N VAL A 89 -0.83 2.61 20.01
CA VAL A 89 0.13 1.56 19.73
C VAL A 89 1.52 2.13 19.50
N GLU A 90 1.60 3.21 18.73
CA GLU A 90 2.88 3.84 18.44
C GLU A 90 3.27 4.90 19.46
N MET A 91 2.39 5.23 20.40
CA MET A 91 2.65 6.26 21.41
C MET A 91 3.06 7.58 20.77
N GLU A 92 2.36 7.96 19.70
CA GLU A 92 2.64 9.19 18.99
C GLU A 92 1.32 9.87 18.65
N TYR A 93 1.40 11.18 18.42
CA TYR A 93 0.25 11.97 18.00
C TYR A 93 0.65 12.89 16.87
N THR A 94 -0.30 13.17 15.99
CA THR A 94 -0.08 14.05 14.85
C THR A 94 -0.75 15.39 15.11
N MET A 95 -0.21 16.45 14.50
CA MET A 95 -0.71 17.79 14.73
C MET A 95 -0.27 18.70 13.59
N ASP A 96 -1.20 19.51 13.09
CA ASP A 96 -0.92 20.53 12.08
C ASP A 96 -1.00 21.90 12.75
N VAL A 97 0.07 22.68 12.64
CA VAL A 97 0.17 23.95 13.35
C VAL A 97 0.66 25.04 12.40
N PHE A 98 0.37 26.28 12.80
CA PHE A 98 1.01 27.47 12.24
C PHE A 98 2.10 27.89 13.21
N PHE A 99 3.33 27.50 12.93
CA PHE A 99 4.45 27.76 13.83
C PHE A 99 5.01 29.15 13.53
N ARG A 100 4.72 30.10 14.41
CA ARG A 100 5.09 31.49 14.21
C ARG A 100 6.32 31.82 15.05
N GLN A 101 7.29 32.51 14.44
CA GLN A 101 8.49 32.96 15.12
C GLN A 101 8.72 34.44 14.81
N THR A 102 9.10 35.20 15.83
CA THR A 102 9.33 36.62 15.72
C THR A 102 10.65 36.99 16.39
N TRP A 103 11.46 37.77 15.70
CA TRP A 103 12.73 38.24 16.25
C TRP A 103 13.10 39.55 15.59
N ILE A 104 14.07 40.25 16.18
CA ILE A 104 14.52 41.55 15.71
C ILE A 104 15.88 41.38 15.05
N ASP A 105 15.99 41.83 13.79
CA ASP A 105 17.25 41.81 13.06
C ASP A 105 17.49 43.23 12.57
N LYS A 106 18.42 43.93 13.22
CA LYS A 106 18.69 45.33 12.88
C LYS A 106 19.33 45.47 11.50
N ARG A 107 19.93 44.40 10.97
CA ARG A 107 20.54 44.47 9.65
C ARG A 107 19.51 44.67 8.54
N LEU A 108 18.24 44.37 8.82
CA LEU A 108 17.18 44.49 7.82
C LEU A 108 16.33 45.74 8.02
N LYS A 109 16.77 46.68 8.84
CA LYS A 109 16.05 47.94 8.99
C LYS A 109 16.06 48.70 7.68
N TYR A 110 14.89 49.21 7.27
CA TYR A 110 14.77 49.96 6.03
C TYR A 110 13.92 51.20 6.27
N ASP A 111 14.18 52.22 5.47
CA ASP A 111 13.42 53.47 5.49
C ASP A 111 12.59 53.52 4.22
N GLY A 112 11.27 53.39 4.38
CA GLY A 112 10.37 53.37 3.24
C GLY A 112 8.97 53.82 3.59
N PRO A 113 8.20 54.21 2.57
CA PRO A 113 6.81 54.65 2.83
C PRO A 113 5.94 53.58 3.46
N ILE A 114 6.15 52.32 3.12
CA ILE A 114 5.32 51.22 3.60
C ILE A 114 5.91 50.68 4.90
N GLU A 115 5.04 50.43 5.88
CA GLU A 115 5.51 50.02 7.19
C GLU A 115 5.98 48.56 7.19
N ILE A 116 5.24 47.67 6.54
CA ILE A 116 5.51 46.24 6.58
C ILE A 116 5.72 45.74 5.17
N LEU A 117 6.81 45.01 4.96
CA LEU A 117 7.12 44.40 3.66
C LEU A 117 6.70 42.93 3.72
N ARG A 118 5.58 42.62 3.08
CA ARG A 118 5.12 41.22 2.97
C ARG A 118 5.72 40.64 1.69
N LEU A 119 6.77 39.84 1.85
CA LEU A 119 7.57 39.36 0.74
C LEU A 119 7.23 37.92 0.39
N ASN A 120 7.80 37.45 -0.70
CA ASN A 120 7.61 36.08 -1.14
C ASN A 120 8.33 35.12 -0.19
N ASN A 121 7.83 33.88 -0.13
CA ASN A 121 8.38 32.90 0.80
C ASN A 121 9.80 32.49 0.47
N MET A 122 10.24 32.67 -0.78
CA MET A 122 11.61 32.32 -1.13
C MET A 122 12.63 33.31 -0.59
N MET A 123 12.19 34.46 -0.09
CA MET A 123 13.09 35.41 0.55
C MET A 123 13.67 34.86 1.85
N VAL A 124 13.06 33.82 2.41
CA VAL A 124 13.51 33.26 3.68
C VAL A 124 14.93 32.71 3.56
N THR A 125 15.22 32.01 2.48
CA THR A 125 16.54 31.40 2.31
C THR A 125 17.65 32.44 2.24
N LYS A 126 17.34 33.66 1.83
CA LYS A 126 18.36 34.70 1.70
C LYS A 126 18.71 35.36 3.03
N VAL A 127 17.89 35.19 4.06
CA VAL A 127 18.10 35.83 5.35
C VAL A 127 18.32 34.75 6.42
N TRP A 128 18.66 35.21 7.62
CA TRP A 128 18.88 34.32 8.75
C TRP A 128 17.55 34.01 9.42
N THR A 129 17.34 32.73 9.73
CA THR A 129 16.16 32.28 10.45
C THR A 129 16.58 31.33 11.57
N PRO A 130 15.81 31.27 12.66
CA PRO A 130 16.14 30.34 13.74
C PRO A 130 16.09 28.90 13.26
N ASP A 131 16.99 28.08 13.81
CA ASP A 131 17.06 26.66 13.46
C ASP A 131 16.26 25.83 14.46
N THR A 132 14.99 26.17 14.58
CA THR A 132 14.12 25.50 15.54
C THR A 132 13.82 24.08 15.08
N PHE A 133 13.96 23.11 15.99
CA PHE A 133 13.63 21.73 15.72
C PHE A 133 12.88 21.16 16.92
N PHE A 134 12.11 20.11 16.67
CA PHE A 134 11.28 19.49 17.69
C PHE A 134 12.01 18.26 18.24
N ARG A 135 12.34 18.30 19.54
CA ARG A 135 13.17 17.26 20.13
C ARG A 135 12.47 15.91 20.16
N ASN A 136 11.17 15.90 20.44
CA ASN A 136 10.40 14.67 20.48
C ASN A 136 9.66 14.39 19.18
N GLY A 137 9.91 15.19 18.14
CA GLY A 137 9.23 14.99 16.87
C GLY A 137 9.78 13.76 16.15
N LYS A 138 8.92 12.76 15.93
CA LYS A 138 9.36 11.56 15.23
C LYS A 138 9.56 11.83 13.74
N LYS A 139 8.60 12.48 13.11
CA LYS A 139 8.65 12.72 11.66
C LYS A 139 7.75 13.90 11.36
N SER A 140 8.34 15.02 10.94
CA SER A 140 7.61 16.24 10.66
C SER A 140 7.74 16.60 9.20
N VAL A 141 6.70 17.23 8.66
CA VAL A 141 6.63 17.60 7.25
C VAL A 141 6.33 19.09 7.16
N SER A 142 7.07 19.79 6.31
CA SER A 142 6.80 21.18 5.97
C SER A 142 6.06 21.20 4.65
N HIS A 143 4.83 21.69 4.66
CA HIS A 143 3.97 21.61 3.48
C HIS A 143 4.49 22.48 2.35
N ASN A 144 4.37 21.97 1.13
CA ASN A 144 4.96 22.60 -0.05
C ASN A 144 3.99 22.68 -1.22
N MET A 145 2.69 22.56 -0.97
CA MET A 145 1.72 22.42 -2.04
C MET A 145 1.42 23.77 -2.68
N THR A 146 1.77 23.89 -3.97
CA THR A 146 1.52 25.04 -4.85
C THR A 146 2.42 26.20 -4.48
N ALA A 147 3.09 26.10 -3.34
CA ALA A 147 4.07 27.06 -2.84
C ALA A 147 4.61 26.55 -1.51
N PRO A 148 5.82 26.93 -1.12
CA PRO A 148 6.25 26.68 0.26
C PRO A 148 5.37 27.44 1.23
N ASN A 149 4.72 26.71 2.13
CA ASN A 149 3.80 27.34 3.08
C ASN A 149 4.58 28.08 4.14
N LYS A 150 5.22 29.18 3.74
CA LYS A 150 6.02 30.00 4.64
C LYS A 150 5.60 31.46 4.50
N LEU A 151 5.52 32.15 5.62
CA LEU A 151 5.20 33.57 5.67
C LEU A 151 6.42 34.34 6.14
N PHE A 152 6.72 35.44 5.47
CA PHE A 152 7.91 36.24 5.79
C PHE A 152 7.57 37.72 5.62
N ARG A 153 7.64 38.46 6.72
CA ARG A 153 7.33 39.88 6.73
C ARG A 153 8.43 40.65 7.45
N ILE A 154 8.82 41.78 6.88
CA ILE A 154 9.85 42.65 7.46
C ILE A 154 9.22 43.99 7.79
N MET A 155 9.42 44.44 9.02
CA MET A 155 8.96 45.75 9.46
C MET A 155 10.10 46.75 9.42
N ARG A 156 9.75 48.03 9.48
CA ARG A 156 10.77 49.09 9.45
C ARG A 156 11.68 49.03 10.66
N ASN A 157 11.16 48.56 11.80
CA ASN A 157 11.98 48.40 12.99
C ASN A 157 12.98 47.27 12.88
N GLY A 158 12.90 46.45 11.84
CA GLY A 158 13.70 45.25 11.73
C GLY A 158 13.07 44.01 12.31
N THR A 159 11.90 44.14 12.94
CA THR A 159 11.18 42.97 13.43
C THR A 159 10.77 42.08 12.27
N ILE A 160 10.98 40.78 12.44
CA ILE A 160 10.72 39.79 11.40
C ILE A 160 9.65 38.82 11.90
N LEU A 161 8.61 38.62 11.09
CA LEU A 161 7.59 37.61 11.36
C LEU A 161 7.78 36.48 10.37
N TYR A 162 8.00 35.27 10.88
CA TYR A 162 8.27 34.10 10.05
C TYR A 162 7.42 32.94 10.56
N THR A 163 6.38 32.60 9.82
CA THR A 163 5.48 31.52 10.18
C THR A 163 5.49 30.45 9.09
N MET A 164 5.45 29.20 9.50
CA MET A 164 5.46 28.07 8.57
C MET A 164 4.44 27.04 9.01
N ARG A 165 3.72 26.47 8.05
CA ARG A 165 2.73 25.45 8.31
C ARG A 165 3.40 24.09 8.36
N LEU A 166 3.26 23.40 9.49
CA LEU A 166 3.96 22.15 9.73
C LEU A 166 2.99 21.08 10.18
N THR A 167 3.25 19.83 9.77
CA THR A 167 2.61 18.66 10.32
C THR A 167 3.62 17.95 11.21
N ILE A 168 3.29 17.79 12.49
CA ILE A 168 4.23 17.31 13.50
C ILE A 168 3.74 15.98 14.04
N SER A 169 4.59 14.97 13.98
CA SER A 169 4.38 13.70 14.67
C SER A 169 5.40 13.63 15.80
N ALA A 170 4.91 13.58 17.03
CA ALA A 170 5.76 13.68 18.21
C ALA A 170 5.53 12.50 19.13
N GLU A 171 6.57 12.17 19.90
CA GLU A 171 6.48 11.08 20.88
C GLU A 171 5.59 11.51 22.04
N CYS A 172 4.66 10.63 22.43
CA CYS A 172 3.80 10.84 23.58
C CYS A 172 3.85 9.60 24.45
N PRO A 173 4.80 9.52 25.38
CA PRO A 173 4.84 8.37 26.30
C PRO A 173 3.56 8.27 27.11
N MET A 174 3.10 7.04 27.32
CA MET A 174 1.81 6.80 27.97
C MET A 174 1.96 5.74 29.05
N ARG A 175 1.22 5.92 30.13
CA ARG A 175 1.07 4.92 31.18
C ARG A 175 -0.36 4.39 31.10
N LEU A 176 -0.51 3.18 30.57
CA LEU A 176 -1.82 2.60 30.31
C LEU A 176 -2.32 1.73 31.47
N VAL A 177 -1.91 2.03 32.70
CA VAL A 177 -2.36 1.26 33.84
C VAL A 177 -3.87 1.43 34.04
N ASP A 178 -4.39 2.64 33.84
CA ASP A 178 -5.80 2.93 34.01
C ASP A 178 -6.59 2.82 32.71
N PHE A 179 -5.98 2.31 31.66
CA PHE A 179 -6.66 2.17 30.37
C PHE A 179 -7.89 1.28 30.53
N PRO A 180 -9.04 1.64 29.92
CA PRO A 180 -9.24 2.82 29.06
C PRO A 180 -9.69 4.08 29.80
N MET A 181 -9.80 4.01 31.13
CA MET A 181 -10.21 5.16 31.92
C MET A 181 -8.97 5.93 32.39
N ASP A 182 -8.22 6.43 31.42
CA ASP A 182 -6.93 7.05 31.67
C ASP A 182 -6.80 8.35 30.89
N GLY A 183 -5.96 9.24 31.40
CA GLY A 183 -5.64 10.48 30.72
C GLY A 183 -4.15 10.64 30.56
N HIS A 184 -3.77 11.29 29.47
CA HIS A 184 -2.36 11.49 29.13
C HIS A 184 -2.10 12.95 28.80
N ALA A 185 -0.84 13.34 28.98
CA ALA A 185 -0.38 14.70 28.66
C ALA A 185 0.71 14.57 27.60
N CYS A 186 0.34 14.74 26.34
CA CYS A 186 1.29 14.61 25.25
C CYS A 186 2.14 15.86 25.13
N PRO A 187 3.46 15.77 25.23
CA PRO A 187 4.30 16.96 25.19
C PRO A 187 4.72 17.33 23.76
N LEU A 188 5.21 18.56 23.64
CA LEU A 188 5.80 19.06 22.40
C LEU A 188 6.98 19.95 22.78
N LYS A 189 8.18 19.45 22.57
CA LYS A 189 9.40 20.15 22.96
C LYS A 189 10.14 20.63 21.72
N PHE A 190 10.44 21.92 21.66
CA PHE A 190 11.17 22.49 20.54
C PHE A 190 12.19 23.49 21.05
N GLY A 191 13.22 23.72 20.24
CA GLY A 191 14.27 24.65 20.60
C GLY A 191 15.29 24.73 19.50
N SER A 192 16.32 25.53 19.75
CA SER A 192 17.40 25.69 18.78
C SER A 192 18.28 24.45 18.75
N TYR A 193 18.60 24.01 17.53
CA TYR A 193 19.47 22.84 17.39
C TYR A 193 20.93 23.20 17.63
N ALA A 194 21.36 24.38 17.18
CA ALA A 194 22.78 24.74 17.19
C ALA A 194 23.13 25.87 18.15
N TYR A 195 22.21 26.79 18.42
CA TYR A 195 22.52 27.95 19.24
C TYR A 195 22.18 27.66 20.70
N PRO A 196 23.15 27.66 21.61
CA PRO A 196 22.83 27.45 23.03
C PRO A 196 22.16 28.66 23.65
N LYS A 197 21.82 28.58 24.93
CA LYS A 197 21.10 29.67 25.60
C LYS A 197 21.95 30.93 25.67
N SER A 198 23.27 30.82 25.61
CA SER A 198 24.12 32.01 25.64
C SER A 198 24.09 32.79 24.35
N GLU A 199 23.52 32.24 23.28
CA GLU A 199 23.44 32.92 21.99
C GLU A 199 22.01 33.20 21.55
N MET A 200 21.09 32.26 21.74
CA MET A 200 19.70 32.47 21.37
C MET A 200 18.79 31.86 22.42
N ILE A 201 17.74 32.59 22.77
CA ILE A 201 16.73 32.14 23.72
C ILE A 201 15.37 32.22 23.05
N TYR A 202 14.43 31.43 23.58
CA TYR A 202 13.08 31.37 23.05
C TYR A 202 12.11 31.89 24.11
N THR A 203 11.19 32.74 23.69
CA THR A 203 10.15 33.30 24.56
C THR A 203 8.82 33.19 23.85
N TRP A 204 7.75 33.12 24.62
CA TRP A 204 6.41 33.09 24.06
C TRP A 204 5.98 34.52 23.71
N THR A 205 5.45 34.69 22.49
CA THR A 205 5.10 36.02 22.00
C THR A 205 4.08 36.68 22.92
N LYS A 206 2.97 36.00 23.18
CA LYS A 206 1.99 36.45 24.15
C LYS A 206 2.34 35.84 25.50
N GLY A 207 1.40 35.92 26.45
CA GLY A 207 1.57 35.24 27.71
C GLY A 207 1.61 33.74 27.49
N PRO A 208 2.17 33.01 28.47
CA PRO A 208 2.24 31.54 28.32
C PRO A 208 0.88 30.89 28.13
N GLU A 209 -0.18 31.48 28.70
CA GLU A 209 -1.51 30.90 28.53
C GLU A 209 -2.07 31.15 27.14
N LYS A 210 -1.83 32.34 26.59
CA LYS A 210 -2.43 32.74 25.31
C LYS A 210 -1.54 32.48 24.11
N SER A 211 -0.32 31.98 24.31
CA SER A 211 0.60 31.81 23.19
C SER A 211 0.24 30.62 22.33
N VAL A 212 -0.23 29.53 22.94
CA VAL A 212 -0.67 28.34 22.21
C VAL A 212 -2.20 28.34 22.22
N GLU A 213 -2.80 28.47 21.06
CA GLU A 213 -4.25 28.51 20.92
C GLU A 213 -4.70 27.31 20.09
N VAL A 214 -5.59 26.50 20.66
CA VAL A 214 -6.16 25.35 19.98
C VAL A 214 -7.67 25.55 19.92
N PRO A 215 -8.19 26.02 18.80
CA PRO A 215 -9.65 26.20 18.69
C PRO A 215 -10.37 24.87 18.78
N LYS A 216 -11.60 24.92 19.31
CA LYS A 216 -12.39 23.71 19.45
C LYS A 216 -12.68 23.06 18.10
N GLU A 217 -12.73 23.86 17.04
CA GLU A 217 -12.95 23.32 15.71
C GLU A 217 -11.76 22.50 15.22
N SER A 218 -10.56 22.76 15.74
CA SER A 218 -9.35 22.09 15.29
C SER A 218 -9.24 20.66 15.80
N SER A 219 -10.12 20.24 16.70
CA SER A 219 -10.02 18.91 17.31
C SER A 219 -10.37 17.84 16.27
N SER A 220 -9.35 17.09 15.84
CA SER A 220 -9.54 15.94 14.97
C SER A 220 -9.48 14.64 15.74
N LEU A 221 -9.48 14.70 17.08
CA LEU A 221 -9.41 13.50 17.89
C LEU A 221 -10.70 12.67 17.75
N VAL A 222 -10.52 11.35 17.81
CA VAL A 222 -11.63 10.41 17.69
C VAL A 222 -11.98 9.80 19.04
N GLN A 223 -10.98 9.23 19.73
CA GLN A 223 -11.18 8.59 21.02
C GLN A 223 -10.62 9.40 22.18
N TYR A 224 -10.26 10.65 21.95
CA TYR A 224 -9.69 11.50 23.00
C TYR A 224 -10.43 12.83 23.03
N ASP A 225 -10.36 13.49 24.19
CA ASP A 225 -10.89 14.82 24.37
C ASP A 225 -9.77 15.71 24.90
N LEU A 226 -9.59 16.87 24.27
CA LEU A 226 -8.51 17.79 24.65
C LEU A 226 -9.02 18.69 25.76
N ILE A 227 -8.61 18.39 26.99
CA ILE A 227 -9.05 19.18 28.14
C ILE A 227 -8.44 20.58 28.08
N GLY A 228 -7.14 20.65 27.83
CA GLY A 228 -6.45 21.93 27.79
C GLY A 228 -4.98 21.72 27.55
N GLN A 229 -4.25 22.84 27.53
CA GLN A 229 -2.81 22.81 27.30
C GLN A 229 -2.10 23.66 28.34
N THR A 230 -0.91 23.21 28.74
CA THR A 230 -0.04 23.95 29.64
C THR A 230 1.27 24.26 28.93
N VAL A 231 1.87 25.38 29.28
CA VAL A 231 3.04 25.92 28.59
C VAL A 231 4.14 26.17 29.60
N SER A 232 5.35 25.68 29.30
CA SER A 232 6.49 25.89 30.17
C SER A 232 7.76 25.89 29.33
N SER A 233 8.83 26.45 29.90
CA SER A 233 10.14 26.48 29.27
C SER A 233 11.18 26.01 30.26
N GLU A 234 12.10 25.15 29.79
CA GLU A 234 13.15 24.59 30.62
C GLU A 234 14.48 24.69 29.90
N THR A 235 15.53 24.19 30.55
CA THR A 235 16.87 24.15 29.98
C THR A 235 17.41 22.74 30.06
N ILE A 236 18.09 22.29 29.01
CA ILE A 236 18.73 20.99 28.99
C ILE A 236 20.20 21.18 28.66
N LYS A 237 21.01 20.22 29.10
CA LYS A 237 22.46 20.27 28.91
C LYS A 237 22.90 19.08 28.05
N SER A 238 23.83 19.35 27.15
CA SER A 238 24.40 18.33 26.29
C SER A 238 25.87 18.67 26.03
N ILE A 239 26.54 17.81 25.27
CA ILE A 239 27.95 18.05 24.96
C ILE A 239 28.10 19.30 24.11
N THR A 240 27.14 19.56 23.22
CA THR A 240 27.20 20.77 22.40
C THR A 240 27.01 22.03 23.25
N GLY A 241 26.16 21.97 24.25
CA GLY A 241 25.95 23.10 25.13
C GLY A 241 24.63 22.98 25.87
N GLU A 242 24.25 24.10 26.49
CA GLU A 242 23.00 24.19 27.23
C GLU A 242 21.99 24.97 26.40
N TYR A 243 20.81 24.38 26.19
CA TYR A 243 19.83 24.92 25.26
C TYR A 243 18.52 25.21 25.97
N ILE A 244 17.83 26.24 25.49
CA ILE A 244 16.48 26.54 25.94
C ILE A 244 15.50 25.60 25.24
N VAL A 245 14.64 24.96 26.02
CA VAL A 245 13.64 24.04 25.49
C VAL A 245 12.26 24.55 25.89
N MET A 246 11.39 24.71 24.90
CA MET A 246 10.02 25.15 25.11
C MET A 246 9.09 23.94 25.01
N THR A 247 8.27 23.74 26.03
CA THR A 247 7.41 22.57 26.12
C THR A 247 5.95 22.97 26.12
N VAL A 248 5.15 22.25 25.34
CA VAL A 248 3.70 22.38 25.33
C VAL A 248 3.12 21.02 25.67
N TYR A 249 2.30 20.96 26.72
CA TYR A 249 1.67 19.72 27.16
C TYR A 249 0.19 19.78 26.81
N PHE A 250 -0.27 18.81 26.01
CA PHE A 250 -1.67 18.70 25.65
C PHE A 250 -2.31 17.62 26.51
N HIS A 251 -3.27 18.02 27.34
CA HIS A 251 -3.91 17.10 28.28
C HIS A 251 -5.11 16.44 27.60
N LEU A 252 -5.05 15.13 27.45
CA LEU A 252 -6.05 14.35 26.72
C LEU A 252 -6.76 13.41 27.67
N ARG A 253 -8.09 13.39 27.61
CA ARG A 253 -8.91 12.45 28.36
C ARG A 253 -9.54 11.48 27.38
N ARG A 254 -9.28 10.19 27.59
CA ARG A 254 -9.80 9.17 26.67
C ARG A 254 -11.31 9.00 26.86
N LYS A 255 -12.01 8.84 25.76
CA LYS A 255 -13.44 8.55 25.78
C LYS A 255 -13.64 7.04 25.77
N MET A 256 -14.34 6.53 26.78
CA MET A 256 -14.51 5.10 26.95
C MET A 256 -15.77 4.57 26.30
N GLY A 257 -16.47 5.39 25.52
CA GLY A 257 -17.69 4.92 24.87
C GLY A 257 -17.44 3.77 23.92
N TYR A 258 -16.34 3.84 23.16
CA TYR A 258 -16.02 2.75 22.23
C TYR A 258 -15.69 1.47 22.99
N PHE A 259 -14.82 1.56 23.99
CA PHE A 259 -14.41 0.36 24.72
C PHE A 259 -15.54 -0.20 25.56
N MET A 260 -16.49 0.66 25.98
CA MET A 260 -17.63 0.17 26.73
C MET A 260 -18.47 -0.80 25.91
N ILE A 261 -18.69 -0.47 24.63
CA ILE A 261 -19.53 -1.31 23.79
C ILE A 261 -18.73 -2.39 23.07
N GLN A 262 -17.47 -2.12 22.72
CA GLN A 262 -16.68 -3.10 22.01
C GLN A 262 -16.21 -4.24 22.91
N THR A 263 -15.85 -3.93 24.15
CA THR A 263 -15.27 -4.93 25.05
C THR A 263 -16.12 -5.19 26.28
N TYR A 264 -16.50 -4.15 27.03
CA TYR A 264 -17.16 -4.36 28.31
C TYR A 264 -18.53 -5.01 28.14
N ILE A 265 -19.33 -4.50 27.22
CA ILE A 265 -20.67 -5.07 27.01
C ILE A 265 -20.61 -6.53 26.57
N PRO A 266 -19.81 -6.92 25.58
CA PRO A 266 -19.72 -8.35 25.24
C PRO A 266 -19.25 -9.22 26.41
N CYS A 267 -18.32 -8.71 27.21
CA CYS A 267 -17.86 -9.48 28.37
C CYS A 267 -18.97 -9.65 29.39
N ILE A 268 -19.74 -8.59 29.66
CA ILE A 268 -20.83 -8.69 30.63
C ILE A 268 -21.90 -9.65 30.13
N MET A 269 -22.27 -9.56 28.85
CA MET A 269 -23.28 -10.46 28.31
C MET A 269 -22.80 -11.90 28.31
N THR A 270 -21.51 -12.12 28.04
CA THR A 270 -20.96 -13.47 28.07
C THR A 270 -21.06 -14.07 29.47
N VAL A 271 -20.77 -13.28 30.50
CA VAL A 271 -20.91 -13.76 31.88
C VAL A 271 -22.37 -14.08 32.18
N ILE A 272 -23.28 -13.20 31.76
CA ILE A 272 -24.71 -13.45 31.97
C ILE A 272 -25.15 -14.68 31.18
N LEU A 273 -24.63 -14.83 29.95
CA LEU A 273 -24.99 -15.99 29.14
C LEU A 273 -24.55 -17.29 29.81
N SER A 274 -23.38 -17.31 30.42
CA SER A 274 -22.91 -18.51 31.10
C SER A 274 -23.81 -18.87 32.28
N GLN A 275 -24.28 -17.86 33.02
CA GLN A 275 -25.13 -18.10 34.18
C GLN A 275 -26.52 -18.60 33.81
N VAL A 276 -26.90 -18.52 32.53
CA VAL A 276 -28.18 -19.08 32.09
C VAL A 276 -28.18 -20.60 32.27
N SER A 277 -27.01 -21.23 32.12
CA SER A 277 -26.92 -22.67 32.25
C SER A 277 -27.33 -23.18 33.63
N PHE A 278 -27.27 -22.32 34.65
CA PHE A 278 -27.66 -22.74 36.00
C PHE A 278 -29.13 -23.11 36.05
N TRP A 279 -29.98 -22.37 35.34
CA TRP A 279 -31.42 -22.64 35.33
C TRP A 279 -31.80 -23.81 34.44
N ILE A 280 -30.89 -24.31 33.61
CA ILE A 280 -31.15 -25.49 32.80
C ILE A 280 -31.08 -26.72 33.68
N ASN A 281 -31.97 -27.68 33.44
CA ASN A 281 -32.03 -28.89 34.25
C ASN A 281 -30.74 -29.69 34.12
N LYS A 282 -30.34 -30.32 35.23
CA LYS A 282 -29.10 -31.08 35.25
C LYS A 282 -29.15 -32.33 34.37
N GLU A 283 -30.35 -32.81 34.04
CA GLU A 283 -30.45 -34.00 33.21
C GLU A 283 -29.92 -33.76 31.80
N SER A 284 -30.04 -32.53 31.29
CA SER A 284 -29.56 -32.19 29.96
C SER A 284 -28.07 -31.87 30.02
N VAL A 285 -27.28 -32.93 30.20
CA VAL A 285 -25.83 -32.78 30.27
C VAL A 285 -25.24 -32.20 28.98
N PRO A 286 -25.58 -32.70 27.78
CA PRO A 286 -25.01 -32.07 26.56
C PRO A 286 -25.39 -30.62 26.40
N ALA A 287 -26.61 -30.23 26.80
CA ALA A 287 -27.05 -28.86 26.61
C ALA A 287 -26.25 -27.89 27.46
N ARG A 288 -26.03 -28.23 28.74
CA ARG A 288 -25.27 -27.34 29.61
C ARG A 288 -23.78 -27.36 29.32
N THR A 289 -23.29 -28.46 28.75
CA THR A 289 -21.88 -28.53 28.37
C THR A 289 -21.55 -27.53 27.27
N VAL A 290 -22.44 -27.40 26.28
CA VAL A 290 -22.21 -26.44 25.19
C VAL A 290 -22.21 -25.02 25.72
N PHE A 291 -23.03 -24.74 26.74
CA PHE A 291 -23.03 -23.41 27.35
C PHE A 291 -21.64 -23.05 27.88
N GLY A 292 -21.02 -23.97 28.62
CA GLY A 292 -19.71 -23.68 29.18
C GLY A 292 -18.63 -23.53 28.14
N ILE A 293 -18.62 -24.41 27.13
CA ILE A 293 -17.56 -24.39 26.13
C ILE A 293 -17.59 -23.10 25.33
N THR A 294 -18.76 -22.72 24.85
CA THR A 294 -18.86 -21.56 23.96
C THR A 294 -18.55 -20.26 24.71
N THR A 295 -19.02 -20.13 25.95
CA THR A 295 -18.73 -18.93 26.72
C THR A 295 -17.24 -18.80 27.01
N VAL A 296 -16.58 -19.92 27.33
CA VAL A 296 -15.14 -19.89 27.56
C VAL A 296 -14.40 -19.51 26.29
N LEU A 297 -14.79 -20.09 25.15
CA LEU A 297 -14.16 -19.75 23.88
C LEU A 297 -14.42 -18.29 23.51
N THR A 298 -15.64 -17.80 23.79
CA THR A 298 -15.95 -16.41 23.50
C THR A 298 -15.08 -15.46 24.32
N MET A 299 -14.86 -15.79 25.60
CA MET A 299 -14.00 -14.96 26.44
C MET A 299 -12.57 -14.95 25.93
N THR A 300 -12.10 -16.09 25.39
CA THR A 300 -10.76 -16.13 24.82
C THR A 300 -10.65 -15.19 23.62
N THR A 301 -11.67 -15.17 22.76
CA THR A 301 -11.66 -14.27 21.61
C THR A 301 -11.69 -12.81 22.05
N LEU A 302 -12.51 -12.49 23.06
CA LEU A 302 -12.60 -11.12 23.53
C LEU A 302 -11.28 -10.65 24.14
N SER A 303 -10.60 -11.51 24.88
CA SER A 303 -9.34 -11.13 25.49
C SER A 303 -8.29 -10.81 24.43
N ILE A 304 -8.22 -11.62 23.38
CA ILE A 304 -7.26 -11.37 22.30
C ILE A 304 -7.63 -10.09 21.55
N SER A 305 -8.92 -9.89 21.28
CA SER A 305 -9.34 -8.70 20.52
C SER A 305 -9.08 -7.42 21.29
N ALA A 306 -9.19 -7.46 22.62
CA ALA A 306 -8.96 -6.25 23.41
C ALA A 306 -7.52 -5.78 23.31
N ARG A 307 -6.57 -6.70 23.32
CA ARG A 307 -5.16 -6.37 23.24
C ARG A 307 -4.68 -6.21 21.80
N HIS A 308 -5.55 -6.37 20.81
CA HIS A 308 -5.14 -6.27 19.41
C HIS A 308 -4.61 -4.87 19.10
N SER A 309 -5.45 -3.86 19.23
CA SER A 309 -5.03 -2.49 18.97
C SER A 309 -4.15 -1.93 20.08
N LEU A 310 -4.35 -2.38 21.31
CA LEU A 310 -3.57 -1.88 22.43
C LEU A 310 -2.11 -2.31 22.29
N PRO A 311 -1.16 -1.41 22.55
CA PRO A 311 0.25 -1.79 22.51
C PRO A 311 0.59 -2.79 23.59
N LYS A 312 1.58 -3.63 23.31
CA LYS A 312 2.00 -4.67 24.24
C LYS A 312 2.86 -4.05 25.35
N VAL A 313 2.37 -4.13 26.58
CA VAL A 313 3.06 -3.61 27.74
C VAL A 313 3.13 -4.69 28.81
N SER A 314 4.12 -4.56 29.70
CA SER A 314 4.32 -5.58 30.73
C SER A 314 3.24 -5.51 31.80
N TYR A 315 2.85 -4.30 32.19
CA TYR A 315 1.87 -4.14 33.26
C TYR A 315 0.47 -4.48 32.78
N ALA A 316 -0.47 -4.54 33.73
CA ALA A 316 -1.84 -4.92 33.45
C ALA A 316 -2.73 -3.68 33.46
N THR A 317 -3.51 -3.50 32.40
CA THR A 317 -4.45 -2.40 32.31
C THR A 317 -5.70 -2.71 33.11
N ALA A 318 -6.52 -1.67 33.31
CA ALA A 318 -7.79 -1.85 34.01
C ALA A 318 -8.71 -2.80 33.24
N MET A 319 -8.72 -2.69 31.92
CA MET A 319 -9.55 -3.58 31.11
C MET A 319 -9.07 -5.03 31.19
N ASP A 320 -7.76 -5.23 31.38
CA ASP A 320 -7.25 -6.60 31.56
C ASP A 320 -7.81 -7.24 32.82
N TRP A 321 -7.90 -6.47 33.90
CA TRP A 321 -8.48 -7.01 35.14
C TRP A 321 -9.95 -7.37 34.95
N PHE A 322 -10.70 -6.53 34.24
CA PHE A 322 -12.11 -6.83 34.02
C PHE A 322 -12.29 -8.10 33.20
N ILE A 323 -11.48 -8.29 32.18
CA ILE A 323 -11.55 -9.50 31.37
C ILE A 323 -11.14 -10.71 32.19
N ALA A 324 -10.09 -10.58 33.00
CA ALA A 324 -9.62 -11.70 33.81
C ALA A 324 -10.68 -12.16 34.80
N VAL A 325 -11.35 -11.21 35.45
CA VAL A 325 -12.41 -11.57 36.40
C VAL A 325 -13.59 -12.19 35.67
N CYS A 326 -13.98 -11.61 34.52
CA CYS A 326 -15.06 -12.19 33.74
C CYS A 326 -14.71 -13.58 33.26
N PHE A 327 -13.44 -13.80 32.88
CA PHE A 327 -13.01 -15.14 32.49
C PHE A 327 -13.11 -16.11 33.67
N ALA A 328 -12.77 -15.65 34.87
CA ALA A 328 -12.89 -16.50 36.05
C ALA A 328 -14.34 -16.88 36.32
N PHE A 329 -15.26 -15.93 36.19
CA PHE A 329 -16.68 -16.23 36.39
C PHE A 329 -17.18 -17.24 35.36
N VAL A 330 -16.78 -17.07 34.09
CA VAL A 330 -17.23 -17.99 33.06
C VAL A 330 -16.66 -19.39 33.30
N PHE A 331 -15.37 -19.47 33.65
CA PHE A 331 -14.77 -20.77 33.92
C PHE A 331 -15.38 -21.42 35.16
N SER A 332 -15.69 -20.61 36.19
CA SER A 332 -16.32 -21.15 37.38
C SER A 332 -17.71 -21.72 37.07
N ALA A 333 -18.43 -21.09 36.14
CA ALA A 333 -19.72 -21.63 35.72
C ALA A 333 -19.58 -23.00 35.10
N LEU A 334 -18.55 -23.19 34.27
CA LEU A 334 -18.27 -24.51 33.71
C LEU A 334 -17.88 -25.50 34.80
N ILE A 335 -17.07 -25.06 35.76
CA ILE A 335 -16.71 -25.93 36.89
C ILE A 335 -17.93 -26.26 37.73
N GLU A 336 -18.85 -25.30 37.87
CA GLU A 336 -20.05 -25.55 38.67
C GLU A 336 -20.89 -26.67 38.07
N PHE A 337 -21.04 -26.69 36.74
CA PHE A 337 -21.78 -27.76 36.10
C PHE A 337 -21.07 -29.10 36.28
N ALA A 338 -19.73 -29.10 36.23
CA ALA A 338 -18.98 -30.32 36.48
C ALA A 338 -19.23 -30.84 37.88
N ALA A 339 -19.28 -29.94 38.87
CA ALA A 339 -19.60 -30.35 40.23
C ALA A 339 -21.02 -30.91 40.31
N VAL A 340 -21.98 -30.28 39.63
CA VAL A 340 -23.35 -30.77 39.64
C VAL A 340 -23.41 -32.17 39.02
N ASN A 341 -22.75 -32.35 37.87
CA ASN A 341 -22.77 -33.65 37.21
C ASN A 341 -22.05 -34.71 38.03
N TYR A 342 -20.92 -34.35 38.64
CA TYR A 342 -20.16 -35.32 39.42
C TYR A 342 -20.94 -35.78 40.64
N PHE A 343 -21.58 -34.85 41.36
CA PHE A 343 -22.28 -35.20 42.59
C PHE A 343 -23.62 -35.88 42.33
N THR A 344 -24.26 -35.60 41.19
CA THR A 344 -25.53 -36.24 40.90
C THR A 344 -25.35 -37.70 40.49
N ASN A 345 -24.17 -38.08 40.01
CA ASN A 345 -23.91 -39.48 39.72
C ASN A 345 -23.73 -40.29 41.00
N ILE A 346 -23.07 -39.71 42.00
CA ILE A 346 -22.93 -40.37 43.30
C ILE A 346 -24.29 -40.58 43.94
N GLN A 347 -25.15 -39.55 43.88
CA GLN A 347 -26.51 -39.69 44.40
C GLN A 347 -27.30 -40.74 43.61
N MET A 348 -27.13 -40.75 42.29
CA MET A 348 -27.82 -41.74 41.47
C MET A 348 -27.34 -43.15 41.79
N GLU A 349 -26.04 -43.31 42.01
CA GLU A 349 -25.45 -44.60 42.34
C GLU A 349 -25.46 -44.89 43.84
N LYS A 350 -26.34 -44.23 44.59
CA LYS A 350 -26.46 -44.42 46.03
C LYS A 350 -25.14 -44.17 46.76
N THR A 515 -33.38 -28.96 40.94
CA THR A 515 -33.54 -29.91 42.03
C THR A 515 -32.21 -30.24 42.68
N SER A 516 -31.19 -29.44 42.37
CA SER A 516 -29.85 -29.61 42.91
C SER A 516 -29.49 -28.43 43.80
N LYS A 517 -28.91 -28.73 44.96
CA LYS A 517 -28.51 -27.67 45.89
C LYS A 517 -27.44 -26.79 45.28
N ILE A 518 -26.51 -27.37 44.53
CA ILE A 518 -25.43 -26.59 43.92
C ILE A 518 -26.01 -25.58 42.93
N ASP A 519 -26.98 -26.01 42.12
CA ASP A 519 -27.61 -25.10 41.18
C ASP A 519 -28.36 -23.98 41.89
N LYS A 520 -29.06 -24.32 42.98
CA LYS A 520 -29.85 -23.31 43.68
C LYS A 520 -28.98 -22.20 44.24
N TYR A 521 -27.84 -22.55 44.83
CA TYR A 521 -26.92 -21.53 45.33
C TYR A 521 -26.24 -20.79 44.18
N ALA A 522 -25.94 -21.50 43.09
CA ALA A 522 -25.28 -20.86 41.95
C ALA A 522 -26.18 -19.83 41.28
N ARG A 523 -27.49 -20.09 41.25
CA ARG A 523 -28.41 -19.14 40.60
C ARG A 523 -28.47 -17.81 41.33
N ILE A 524 -28.04 -17.75 42.59
CA ILE A 524 -28.08 -16.54 43.39
C ILE A 524 -26.68 -15.96 43.61
N LEU A 525 -25.73 -16.81 44.02
CA LEU A 525 -24.40 -16.31 44.36
C LEU A 525 -23.68 -15.75 43.15
N PHE A 526 -23.76 -16.43 42.00
CA PHE A 526 -23.06 -15.94 40.81
C PHE A 526 -23.56 -14.57 40.35
N PRO A 527 -24.86 -14.31 40.19
CA PRO A 527 -25.27 -12.94 39.84
C PRO A 527 -24.90 -11.90 40.89
N VAL A 528 -24.96 -12.26 42.17
CA VAL A 528 -24.65 -11.31 43.23
C VAL A 528 -23.16 -10.99 43.24
N THR A 529 -22.32 -12.03 43.17
CA THR A 529 -20.88 -11.81 43.19
C THR A 529 -20.41 -11.02 41.97
N PHE A 530 -20.93 -11.34 40.80
CA PHE A 530 -20.57 -10.58 39.60
C PHE A 530 -21.07 -9.15 39.69
N GLY A 531 -22.29 -8.95 40.19
CA GLY A 531 -22.79 -7.61 40.39
C GLY A 531 -22.00 -6.83 41.41
N ALA A 532 -21.59 -7.50 42.49
CA ALA A 532 -20.76 -6.84 43.49
C ALA A 532 -19.40 -6.44 42.91
N PHE A 533 -18.83 -7.29 42.06
CA PHE A 533 -17.55 -6.97 41.44
C PHE A 533 -17.66 -5.73 40.57
N ASN A 534 -18.76 -5.59 39.82
CA ASN A 534 -18.93 -4.42 38.96
C ASN A 534 -19.01 -3.15 39.79
N MET A 535 -19.70 -3.19 40.93
CA MET A 535 -19.78 -2.02 41.79
C MET A 535 -18.40 -1.62 42.31
N VAL A 536 -17.60 -2.61 42.71
CA VAL A 536 -16.26 -2.31 43.20
C VAL A 536 -15.36 -1.86 42.06
N TYR A 537 -15.45 -2.52 40.90
CA TYR A 537 -14.54 -2.22 39.79
C TYR A 537 -14.77 -0.81 39.27
N TRP A 538 -16.02 -0.44 39.01
CA TRP A 538 -16.29 0.85 38.40
C TRP A 538 -16.03 2.00 39.35
N VAL A 539 -16.38 1.84 40.63
CA VAL A 539 -16.20 2.91 41.60
C VAL A 539 -14.72 3.24 41.77
N VAL A 540 -13.87 2.21 41.84
CA VAL A 540 -12.44 2.43 42.08
C VAL A 540 -11.82 3.21 40.92
N TYR A 541 -12.13 2.82 39.69
CA TYR A 541 -11.47 3.44 38.54
C TYR A 541 -12.09 4.76 38.14
N LEU A 542 -13.42 4.88 38.21
CA LEU A 542 -14.06 6.14 37.86
C LEU A 542 -13.77 7.23 38.89
N SER A 543 -13.39 6.87 40.11
CA SER A 543 -13.04 7.88 41.11
C SER A 543 -11.72 8.55 40.78
N LYS A 544 -10.78 7.83 40.19
CA LYS A 544 -9.48 8.38 39.85
C LYS A 544 -9.59 9.45 38.77
N GLY B 32 6.57 33.32 -35.07
CA GLY B 32 7.28 32.56 -36.08
C GLY B 32 8.77 32.75 -36.03
N ASN B 33 9.21 34.00 -35.94
CA ASN B 33 10.62 34.32 -35.72
C ASN B 33 10.98 33.98 -34.28
N MET B 34 11.76 32.91 -34.09
CA MET B 34 12.06 32.45 -32.74
C MET B 34 13.06 33.35 -32.04
N SER B 35 13.96 33.98 -32.80
CA SER B 35 14.87 34.97 -32.22
C SER B 35 14.10 36.18 -31.71
N PHE B 36 13.06 36.59 -32.43
CA PHE B 36 12.23 37.70 -31.98
C PHE B 36 11.47 37.34 -30.72
N VAL B 37 10.87 36.15 -30.68
CA VAL B 37 10.15 35.71 -29.48
C VAL B 37 11.13 35.55 -28.31
N LYS B 38 12.30 34.99 -28.58
CA LYS B 38 13.29 34.82 -27.52
C LYS B 38 13.71 36.17 -26.94
N GLU B 39 13.92 37.16 -27.83
CA GLU B 39 14.27 38.50 -27.38
C GLU B 39 13.17 39.09 -26.50
N THR B 40 11.92 39.02 -26.97
CA THR B 40 10.79 39.54 -26.21
C THR B 40 10.72 38.91 -24.81
N VAL B 41 10.83 37.59 -24.74
CA VAL B 41 10.69 36.90 -23.46
C VAL B 41 11.88 37.22 -22.56
N ASP B 42 13.09 37.24 -23.12
CA ASP B 42 14.27 37.62 -22.34
C ASP B 42 14.08 39.00 -21.73
N LYS B 43 13.52 39.93 -22.51
CA LYS B 43 13.31 41.29 -22.01
C LYS B 43 12.30 41.29 -20.86
N LEU B 44 11.25 40.48 -20.98
CA LEU B 44 10.26 40.36 -19.91
C LEU B 44 10.91 39.96 -18.59
N LEU B 45 11.84 39.03 -18.64
CA LEU B 45 12.42 38.43 -17.44
C LEU B 45 13.67 39.15 -16.99
N LYS B 46 14.13 40.14 -17.74
CA LYS B 46 15.33 40.90 -17.38
C LYS B 46 14.99 41.82 -16.22
N GLY B 47 15.67 41.66 -15.10
CA GLY B 47 15.39 42.46 -13.92
C GLY B 47 14.07 42.15 -13.25
N TYR B 48 13.44 41.03 -13.61
CA TYR B 48 12.20 40.61 -12.96
C TYR B 48 12.51 40.13 -11.56
N ASP B 49 11.81 40.69 -10.56
CA ASP B 49 12.00 40.32 -9.17
C ASP B 49 10.85 39.41 -8.74
N ILE B 50 11.16 38.11 -8.60
CA ILE B 50 10.17 37.14 -8.14
C ILE B 50 9.69 37.44 -6.73
N ARG B 51 10.44 38.23 -5.97
CA ARG B 51 10.09 38.48 -4.57
C ARG B 51 8.86 39.37 -4.44
N LEU B 52 8.56 40.18 -5.44
CA LEU B 52 7.53 41.20 -5.36
C LEU B 52 6.31 40.74 -6.15
N ARG B 53 5.15 40.77 -5.50
CA ARG B 53 3.91 40.49 -6.20
C ARG B 53 3.64 41.56 -7.25
N PRO B 54 2.85 41.24 -8.27
CA PRO B 54 2.36 42.27 -9.20
C PRO B 54 1.67 43.39 -8.45
N ASP B 55 1.97 44.63 -8.85
CA ASP B 55 1.39 45.83 -8.23
C ASP B 55 1.73 45.92 -6.75
N PHE B 56 2.89 45.39 -6.36
CA PHE B 56 3.39 45.52 -5.00
C PHE B 56 3.21 46.96 -4.51
N GLY B 57 2.65 47.09 -3.31
CA GLY B 57 2.42 48.39 -2.72
C GLY B 57 1.16 49.07 -3.23
N GLY B 58 0.46 48.47 -4.18
CA GLY B 58 -0.73 49.03 -4.76
C GLY B 58 -1.94 48.21 -4.40
N PRO B 59 -3.01 48.31 -5.20
CA PRO B 59 -4.21 47.52 -4.95
C PRO B 59 -3.90 46.04 -5.03
N PRO B 60 -4.70 45.19 -4.38
CA PRO B 60 -4.41 43.75 -4.41
C PRO B 60 -4.49 43.19 -5.82
N VAL B 61 -3.68 42.16 -6.08
CA VAL B 61 -3.78 41.40 -7.32
C VAL B 61 -4.96 40.45 -7.22
N CYS B 62 -5.84 40.48 -8.22
CA CYS B 62 -6.99 39.59 -8.28
C CYS B 62 -6.57 38.29 -8.95
N VAL B 63 -6.74 37.18 -8.24
CA VAL B 63 -6.38 35.86 -8.76
C VAL B 63 -7.64 35.05 -8.98
N GLY B 64 -7.91 34.68 -10.23
CA GLY B 64 -9.04 33.85 -10.56
C GLY B 64 -8.65 32.38 -10.55
N MET B 65 -9.53 31.55 -10.00
CA MET B 65 -9.24 30.14 -9.83
C MET B 65 -10.37 29.30 -10.41
N ASN B 66 -9.98 28.32 -11.23
CA ASN B 66 -10.92 27.32 -11.71
CA ASN B 66 -10.90 27.31 -11.77
C ASN B 66 -10.35 25.93 -11.47
N ILE B 67 -11.25 24.98 -11.26
CA ILE B 67 -10.86 23.61 -10.96
C ILE B 67 -11.56 22.68 -11.95
N ASP B 68 -10.82 21.73 -12.49
CA ASP B 68 -11.39 20.61 -13.24
C ASP B 68 -11.10 19.34 -12.46
N ILE B 69 -12.15 18.72 -11.93
CA ILE B 69 -12.02 17.53 -11.10
CA ILE B 69 -12.00 17.53 -11.10
C ILE B 69 -11.76 16.33 -12.00
N ALA B 70 -10.67 15.62 -11.74
CA ALA B 70 -10.35 14.40 -12.46
C ALA B 70 -10.97 13.17 -11.82
N SER B 71 -10.90 13.07 -10.50
CA SER B 71 -11.35 11.90 -9.76
C SER B 71 -11.45 12.26 -8.29
N ILE B 72 -12.30 11.54 -7.57
CA ILE B 72 -12.17 11.34 -6.14
C ILE B 72 -11.87 9.88 -5.90
N ASP B 73 -10.61 9.57 -5.57
CA ASP B 73 -10.14 8.20 -5.60
C ASP B 73 -10.70 7.40 -4.42
N MET B 74 -10.77 8.01 -3.25
CA MET B 74 -11.01 7.29 -2.01
C MET B 74 -11.72 8.21 -1.04
N VAL B 75 -12.60 7.63 -0.22
CA VAL B 75 -13.17 8.29 0.95
C VAL B 75 -12.98 7.35 2.13
N SER B 76 -12.31 7.82 3.17
CA SER B 76 -11.95 7.00 4.31
C SER B 76 -12.70 7.50 5.54
N GLU B 77 -13.57 6.65 6.09
CA GLU B 77 -14.17 6.92 7.39
C GLU B 77 -13.15 6.79 8.52
N VAL B 78 -12.27 5.79 8.43
CA VAL B 78 -11.30 5.54 9.50
CA VAL B 78 -11.32 5.55 9.52
C VAL B 78 -10.37 6.73 9.66
N ASN B 79 -9.87 7.26 8.55
CA ASN B 79 -8.97 8.40 8.58
C ASN B 79 -9.69 9.73 8.48
N MET B 80 -11.01 9.72 8.27
CA MET B 80 -11.83 10.91 8.08
C MET B 80 -11.17 11.86 7.08
N ASP B 81 -11.00 11.35 5.86
CA ASP B 81 -10.42 12.14 4.77
C ASP B 81 -10.85 11.55 3.45
N TYR B 82 -10.53 12.28 2.38
CA TYR B 82 -10.82 11.86 1.02
C TYR B 82 -9.66 12.29 0.15
N THR B 83 -9.51 11.62 -1.01
CA THR B 83 -8.42 11.89 -1.92
C THR B 83 -8.98 12.39 -3.24
N LEU B 84 -8.54 13.58 -3.65
CA LEU B 84 -9.04 14.28 -4.82
C LEU B 84 -7.90 14.47 -5.80
N THR B 85 -8.18 14.27 -7.09
CA THR B 85 -7.27 14.66 -8.16
C THR B 85 -7.96 15.71 -9.02
N MET B 86 -7.27 16.79 -9.31
CA MET B 86 -7.87 17.91 -10.02
C MET B 86 -6.82 18.62 -10.86
N TYR B 87 -7.29 19.36 -11.84
CA TYR B 87 -6.49 20.35 -12.56
C TYR B 87 -6.77 21.72 -11.95
N PHE B 88 -5.79 22.29 -11.27
CA PHE B 88 -5.94 23.53 -10.54
C PHE B 88 -5.30 24.66 -11.34
N GLN B 89 -6.11 25.62 -11.76
CA GLN B 89 -5.65 26.72 -12.59
CA GLN B 89 -5.66 26.72 -12.60
C GLN B 89 -5.82 28.04 -11.86
N GLN B 90 -4.83 28.91 -12.02
CA GLN B 90 -4.84 30.24 -11.43
C GLN B 90 -4.68 31.28 -12.52
N TYR B 91 -5.50 32.33 -12.45
N TYR B 91 -5.41 32.38 -12.39
CA TYR B 91 -5.49 33.40 -13.43
CA TYR B 91 -5.53 33.40 -13.43
C TYR B 91 -5.20 34.72 -12.73
C TYR B 91 -5.28 34.77 -12.80
N TRP B 92 -4.20 35.45 -13.23
CA TRP B 92 -3.90 36.77 -12.69
C TRP B 92 -3.17 37.57 -13.75
N ARG B 93 -3.15 38.88 -13.54
CA ARG B 93 -2.48 39.81 -14.45
CA ARG B 93 -2.49 39.82 -14.45
C ARG B 93 -1.19 40.31 -13.80
N ASP B 94 -0.09 40.21 -14.55
CA ASP B 94 1.20 40.73 -14.10
C ASP B 94 1.69 41.68 -15.19
N LYS B 95 1.55 42.99 -14.96
CA LYS B 95 1.93 43.98 -15.96
C LYS B 95 3.42 43.93 -16.30
N ARG B 96 4.24 43.32 -15.45
CA ARG B 96 5.66 43.16 -15.78
C ARG B 96 5.87 42.21 -16.96
N LEU B 97 4.89 41.37 -17.28
CA LEU B 97 5.03 40.36 -18.31
C LEU B 97 4.29 40.73 -19.59
N ALA B 98 3.72 41.94 -19.65
CA ALA B 98 3.03 42.38 -20.85
C ALA B 98 4.01 42.51 -22.02
N TYR B 99 3.58 42.07 -23.20
CA TYR B 99 4.40 42.14 -24.39
C TYR B 99 3.55 42.61 -25.56
N SER B 100 4.20 43.28 -26.50
CA SER B 100 3.55 43.85 -27.67
C SER B 100 4.14 43.27 -28.94
N GLY B 101 3.39 43.40 -30.04
CA GLY B 101 3.87 43.02 -31.35
C GLY B 101 3.84 41.54 -31.62
N ILE B 102 3.19 40.76 -30.77
CA ILE B 102 2.98 39.33 -30.97
C ILE B 102 1.51 39.03 -30.67
N PRO B 103 0.68 38.82 -31.68
CA PRO B 103 -0.74 38.52 -31.47
C PRO B 103 -1.00 37.03 -31.22
N LEU B 104 -0.28 36.46 -30.25
CA LEU B 104 -0.44 35.08 -29.84
C LEU B 104 -0.44 35.02 -28.32
N ASN B 105 -1.03 33.97 -27.78
CA ASN B 105 -0.76 33.55 -26.41
C ASN B 105 0.42 32.60 -26.40
N LEU B 106 1.43 32.92 -25.58
CA LEU B 106 2.66 32.15 -25.52
C LEU B 106 2.48 31.04 -24.48
N THR B 107 2.47 29.79 -24.94
CA THR B 107 2.63 28.65 -24.06
C THR B 107 4.11 28.37 -23.87
N LEU B 108 4.58 28.45 -22.63
CA LEU B 108 5.99 28.30 -22.31
C LEU B 108 6.22 26.99 -21.59
N ASP B 109 7.45 26.48 -21.71
CA ASP B 109 7.85 25.30 -20.97
C ASP B 109 7.63 25.52 -19.47
N ASN B 110 7.16 24.46 -18.79
CA ASN B 110 6.74 24.60 -17.40
C ASN B 110 7.87 25.06 -16.49
N ARG B 111 9.13 24.89 -16.90
CA ARG B 111 10.25 25.33 -16.06
C ARG B 111 10.32 26.85 -15.92
N VAL B 112 9.65 27.59 -16.79
CA VAL B 112 9.62 29.05 -16.65
C VAL B 112 8.93 29.48 -15.37
N ALA B 113 8.03 28.63 -14.83
CA ALA B 113 7.31 28.96 -13.60
C ALA B 113 8.26 29.30 -12.47
N ASP B 114 9.48 28.74 -12.47
CA ASP B 114 10.45 29.00 -11.43
C ASP B 114 11.05 30.39 -11.52
N GLN B 115 10.87 31.10 -12.64
CA GLN B 115 11.38 32.45 -12.81
C GLN B 115 10.31 33.51 -12.65
N LEU B 116 9.08 33.12 -12.34
CA LEU B 116 7.95 34.03 -12.24
C LEU B 116 7.46 34.08 -10.80
N TRP B 117 6.84 35.20 -10.44
CA TRP B 117 5.99 35.21 -9.26
C TRP B 117 4.76 34.35 -9.51
N VAL B 118 4.40 33.54 -8.52
CA VAL B 118 3.09 32.87 -8.52
C VAL B 118 2.46 33.06 -7.15
N PRO B 119 1.13 32.97 -7.07
CA PRO B 119 0.47 33.08 -5.77
C PRO B 119 0.92 31.99 -4.81
N ASP B 120 0.83 32.30 -3.52
CA ASP B 120 1.20 31.34 -2.49
C ASP B 120 -0.02 30.57 -1.98
N THR B 121 -0.73 29.98 -2.93
CA THR B 121 -1.98 29.28 -2.64
C THR B 121 -1.69 27.95 -1.97
N TYR B 122 -2.48 27.63 -0.96
CA TYR B 122 -2.39 26.33 -0.29
C TYR B 122 -3.79 25.86 0.06
N PHE B 123 -3.88 24.59 0.44
CA PHE B 123 -5.14 23.96 0.82
C PHE B 123 -5.14 23.76 2.33
N LEU B 124 -5.93 24.56 3.04
CA LEU B 124 -5.81 24.63 4.49
C LEU B 124 -6.19 23.33 5.18
N ASN B 125 -7.08 22.55 4.57
CA ASN B 125 -7.51 21.29 5.19
C ASN B 125 -6.90 20.08 4.50
N ASP B 126 -5.81 20.25 3.76
CA ASP B 126 -5.15 19.11 3.15
C ASP B 126 -4.24 18.39 4.13
N LYS B 127 -4.14 17.08 3.97
CA LYS B 127 -3.26 16.25 4.78
C LYS B 127 -1.97 15.91 4.06
N LYS B 128 -2.04 15.64 2.76
CA LYS B 128 -0.86 15.29 1.98
C LYS B 128 -1.19 15.53 0.52
N SER B 129 -0.33 16.28 -0.17
CA SER B 129 -0.57 16.64 -1.56
C SER B 129 0.74 16.63 -2.32
N PHE B 130 0.65 16.43 -3.63
CA PHE B 130 1.81 16.49 -4.50
C PHE B 130 1.38 16.91 -5.89
N VAL B 131 2.30 17.53 -6.61
CA VAL B 131 2.16 17.77 -8.05
C VAL B 131 2.75 16.58 -8.81
N HIS B 132 1.97 16.02 -9.72
CA HIS B 132 2.44 14.90 -10.53
C HIS B 132 3.68 15.29 -11.33
N GLY B 133 4.62 14.35 -11.46
CA GLY B 133 5.93 14.67 -11.98
C GLY B 133 6.40 13.92 -13.20
N VAL B 134 5.55 13.08 -13.79
CA VAL B 134 5.91 12.29 -14.97
C VAL B 134 5.04 12.72 -16.14
N THR B 135 5.65 12.88 -17.31
CA THR B 135 7.09 12.72 -17.53
C THR B 135 7.84 13.97 -17.12
N VAL B 136 7.07 15.04 -16.91
CA VAL B 136 7.56 16.31 -16.41
C VAL B 136 6.61 16.75 -15.32
N LYS B 137 6.98 17.81 -14.61
CA LYS B 137 6.07 18.38 -13.63
C LYS B 137 4.78 18.80 -14.32
N ASN B 138 3.65 18.26 -13.86
CA ASN B 138 2.37 18.51 -14.52
C ASN B 138 1.97 19.95 -14.22
N ARG B 139 2.56 20.86 -14.99
CA ARG B 139 2.45 22.29 -14.76
C ARG B 139 2.40 23.00 -16.10
N MET B 140 1.60 24.06 -16.17
CA MET B 140 1.47 24.85 -17.39
C MET B 140 1.67 26.32 -17.08
N ILE B 141 2.28 27.04 -18.03
CA ILE B 141 2.35 28.50 -18.00
C ILE B 141 1.95 29.00 -19.38
N ARG B 142 0.90 29.82 -19.44
CA ARG B 142 0.51 30.49 -20.67
C ARG B 142 0.45 31.99 -20.42
N LEU B 143 1.24 32.74 -21.17
CA LEU B 143 1.24 34.20 -21.11
C LEU B 143 0.34 34.79 -22.19
N HIS B 144 -0.22 35.95 -21.89
CA HIS B 144 -1.07 36.68 -22.81
C HIS B 144 -0.51 38.08 -23.03
N PRO B 145 -0.76 38.69 -24.20
CA PRO B 145 -0.15 39.99 -24.51
C PRO B 145 -0.38 41.06 -23.46
N ASP B 146 -1.51 41.04 -22.76
CA ASP B 146 -1.80 42.04 -21.74
C ASP B 146 -1.13 41.74 -20.40
N GLY B 147 -0.37 40.66 -20.30
CA GLY B 147 0.30 40.29 -19.08
C GLY B 147 -0.49 39.35 -18.19
N THR B 148 -1.61 38.82 -18.67
CA THR B 148 -2.32 37.77 -17.95
C THR B 148 -1.51 36.49 -17.95
N VAL B 149 -1.35 35.90 -16.77
CA VAL B 149 -0.65 34.63 -16.60
C VAL B 149 -1.66 33.55 -16.27
N LEU B 150 -1.66 32.47 -17.05
CA LEU B 150 -2.43 31.27 -16.74
C LEU B 150 -1.47 30.21 -16.21
N TYR B 151 -1.69 29.80 -14.97
CA TYR B 151 -0.83 28.84 -14.30
C TYR B 151 -1.65 27.63 -13.88
N GLY B 152 -1.33 26.48 -14.43
CA GLY B 152 -2.09 25.26 -14.18
C GLY B 152 -1.24 24.20 -13.52
N LEU B 153 -1.84 23.46 -12.59
CA LEU B 153 -1.19 22.36 -11.91
C LEU B 153 -2.13 21.18 -11.85
N ARG B 154 -1.59 19.97 -11.96
CA ARG B 154 -2.35 18.76 -11.71
C ARG B 154 -1.95 18.24 -10.34
N ILE B 155 -2.90 18.23 -9.41
CA ILE B 155 -2.63 17.98 -8.01
C ILE B 155 -3.47 16.81 -7.54
N THR B 156 -2.87 15.93 -6.76
CA THR B 156 -3.62 14.98 -5.94
C THR B 156 -3.48 15.38 -4.49
N THR B 157 -4.62 15.52 -3.81
CA THR B 157 -4.65 15.96 -2.42
C THR B 157 -5.47 14.98 -1.60
N THR B 158 -4.93 14.58 -0.45
CA THR B 158 -5.73 13.99 0.62
C THR B 158 -6.11 15.09 1.59
N ALA B 159 -7.40 15.32 1.75
CA ALA B 159 -7.90 16.45 2.53
C ALA B 159 -8.80 15.95 3.65
N ALA B 160 -8.71 16.61 4.80
CA ALA B 160 -9.51 16.23 5.95
C ALA B 160 -11.00 16.45 5.68
N CYS B 161 -11.83 15.54 6.21
CA CYS B 161 -13.28 15.71 6.15
C CYS B 161 -13.87 15.06 7.39
N MET B 162 -14.15 15.87 8.40
CA MET B 162 -14.81 15.39 9.61
C MET B 162 -16.22 14.93 9.27
N MET B 163 -16.53 13.68 9.60
CA MET B 163 -17.80 13.07 9.24
C MET B 163 -18.66 12.86 10.48
N ASP B 164 -19.96 13.08 10.33
CA ASP B 164 -20.95 12.81 11.36
C ASP B 164 -21.53 11.43 11.09
N LEU B 165 -21.10 10.45 11.89
CA LEU B 165 -21.46 9.05 11.65
C LEU B 165 -22.61 8.59 12.53
N ARG B 166 -23.40 9.53 13.06
CA ARG B 166 -24.52 9.16 13.93
C ARG B 166 -25.58 8.37 13.18
N ARG B 167 -25.75 8.65 11.88
CA ARG B 167 -26.73 7.98 11.05
C ARG B 167 -26.10 6.93 10.14
N TYR B 168 -24.82 6.64 10.34
CA TYR B 168 -24.11 5.70 9.48
C TYR B 168 -24.76 4.32 9.58
N PRO B 169 -24.95 3.61 8.45
CA PRO B 169 -24.58 4.04 7.11
C PRO B 169 -25.68 4.71 6.30
N LEU B 170 -26.63 5.37 6.96
CA LEU B 170 -27.66 6.15 6.28
C LEU B 170 -27.38 7.64 6.36
N ASP B 171 -26.11 8.01 6.25
CA ASP B 171 -25.63 9.35 6.56
C ASP B 171 -25.37 10.15 5.30
N GLU B 172 -25.38 11.47 5.47
CA GLU B 172 -25.00 12.41 4.42
C GLU B 172 -23.84 13.25 4.95
N GLN B 173 -22.77 13.34 4.18
CA GLN B 173 -21.58 14.05 4.60
C GLN B 173 -21.34 15.29 3.75
N ASN B 174 -20.68 16.27 4.36
CA ASN B 174 -20.23 17.49 3.70
C ASN B 174 -18.70 17.51 3.77
N CYS B 175 -18.06 17.30 2.63
CA CYS B 175 -16.60 17.38 2.52
C CYS B 175 -16.22 18.60 1.71
N THR B 176 -15.28 19.39 2.25
CA THR B 176 -14.89 20.65 1.65
C THR B 176 -13.42 20.60 1.24
N LEU B 177 -13.06 21.52 0.35
CA LEU B 177 -11.68 21.88 0.08
C LEU B 177 -11.52 23.37 0.29
N GLU B 178 -10.68 23.77 1.24
CA GLU B 178 -10.51 25.16 1.61
C GLU B 178 -9.24 25.70 0.97
N ILE B 179 -9.39 26.73 0.13
CA ILE B 179 -8.31 27.29 -0.65
C ILE B 179 -8.01 28.69 -0.12
N GLU B 180 -6.75 28.96 0.20
CA GLU B 180 -6.43 30.21 0.86
C GLU B 180 -5.05 30.68 0.42
N SER B 181 -4.81 31.98 0.56
CA SER B 181 -3.47 32.54 0.44
C SER B 181 -2.71 32.35 1.75
N TYR B 182 -1.49 31.83 1.66
CA TYR B 182 -0.73 31.54 2.87
C TYR B 182 -0.27 32.81 3.56
N GLY B 183 0.42 33.68 2.84
CA GLY B 183 1.11 34.79 3.47
C GLY B 183 0.60 36.16 3.09
N TYR B 184 -0.05 36.26 1.94
CA TYR B 184 -0.57 37.54 1.48
C TYR B 184 -1.97 37.75 2.04
N THR B 185 -2.19 38.90 2.68
CA THR B 185 -3.51 39.28 3.16
C THR B 185 -4.36 39.84 2.02
N THR B 186 -5.61 40.17 2.34
CA THR B 186 -6.51 40.77 1.36
C THR B 186 -6.11 42.18 0.98
N ASP B 187 -5.16 42.78 1.70
CA ASP B 187 -4.53 44.01 1.21
C ASP B 187 -3.69 43.75 -0.03
N ASP B 188 -3.18 42.54 -0.19
CA ASP B 188 -2.22 42.22 -1.24
C ASP B 188 -2.76 41.30 -2.32
N ILE B 189 -3.68 40.40 -1.98
CA ILE B 189 -4.19 39.43 -2.93
C ILE B 189 -5.68 39.21 -2.67
N GLU B 190 -6.42 38.95 -3.74
CA GLU B 190 -7.83 38.62 -3.65
C GLU B 190 -8.12 37.42 -4.53
N PHE B 191 -9.00 36.54 -4.07
CA PHE B 191 -9.41 35.37 -4.82
C PHE B 191 -10.85 35.53 -5.30
N TYR B 192 -11.13 34.94 -6.47
CA TYR B 192 -12.50 34.79 -6.92
C TYR B 192 -12.61 33.51 -7.73
N TRP B 193 -13.83 32.97 -7.78
CA TRP B 193 -14.16 31.85 -8.66
C TRP B 193 -14.34 32.38 -10.08
N ARG B 194 -13.43 32.02 -10.97
CA ARG B 194 -13.45 32.56 -12.33
C ARG B 194 -14.52 31.83 -13.12
N GLY B 195 -15.56 32.57 -13.49
CA GLY B 195 -16.76 31.98 -14.06
C GLY B 195 -17.88 31.77 -13.09
N GLY B 196 -17.75 32.22 -11.86
CA GLY B 196 -18.78 32.03 -10.84
C GLY B 196 -19.08 30.56 -10.61
N ASP B 197 -20.33 30.19 -10.87
CA ASP B 197 -20.79 28.84 -10.56
C ASP B 197 -20.30 27.80 -11.55
N LYS B 198 -19.64 28.22 -12.63
CA LYS B 198 -19.05 27.31 -13.60
C LYS B 198 -17.55 27.17 -13.41
N ALA B 199 -16.99 27.73 -12.33
CA ALA B 199 -15.55 27.69 -12.13
C ALA B 199 -15.04 26.28 -11.87
N VAL B 200 -15.90 25.36 -11.43
CA VAL B 200 -15.51 24.00 -11.11
C VAL B 200 -16.23 23.08 -12.08
N THR B 201 -15.46 22.32 -12.85
CA THR B 201 -16.00 21.36 -13.81
C THR B 201 -15.63 19.94 -13.39
N GLY B 202 -16.31 18.98 -14.00
CA GLY B 202 -15.95 17.59 -13.85
C GLY B 202 -16.59 16.90 -12.67
N VAL B 203 -17.58 17.52 -12.03
CA VAL B 203 -18.26 16.87 -10.91
C VAL B 203 -18.98 15.61 -11.38
N GLU B 204 -19.40 15.60 -12.65
CA GLU B 204 -20.07 14.43 -13.20
C GLU B 204 -19.11 13.25 -13.36
N ARG B 205 -17.80 13.51 -13.36
CA ARG B 205 -16.81 12.45 -13.52
C ARG B 205 -16.65 11.61 -12.25
N ILE B 206 -16.98 12.19 -11.10
CA ILE B 206 -16.77 11.52 -9.82
C ILE B 206 -17.60 10.25 -9.78
N GLU B 207 -16.95 9.10 -9.56
CA GLU B 207 -17.59 7.79 -9.57
C GLU B 207 -17.13 7.06 -8.30
N LEU B 208 -17.77 7.39 -7.18
CA LEU B 208 -17.55 6.68 -5.93
C LEU B 208 -18.60 5.60 -5.77
N PRO B 209 -18.21 4.32 -5.65
CA PRO B 209 -19.23 3.27 -5.47
C PRO B 209 -20.14 3.50 -4.27
N GLN B 210 -19.59 3.99 -3.17
CA GLN B 210 -20.31 4.07 -1.91
C GLN B 210 -21.06 5.39 -1.74
N PHE B 211 -20.84 6.37 -2.61
CA PHE B 211 -21.44 7.69 -2.46
C PHE B 211 -21.96 8.18 -3.80
N SER B 212 -23.01 8.99 -3.73
CA SER B 212 -23.42 9.86 -4.83
C SER B 212 -23.15 11.31 -4.45
N ILE B 213 -22.68 12.09 -5.42
CA ILE B 213 -22.54 13.53 -5.22
C ILE B 213 -23.90 14.18 -5.44
N VAL B 214 -24.49 14.69 -4.36
CA VAL B 214 -25.80 15.31 -4.45
C VAL B 214 -25.68 16.71 -5.04
N GLU B 215 -24.68 17.47 -4.58
CA GLU B 215 -24.57 18.89 -4.87
C GLU B 215 -23.13 19.30 -4.64
N HIS B 216 -22.71 20.36 -5.33
CA HIS B 216 -21.50 21.09 -4.99
C HIS B 216 -21.81 22.58 -4.92
N ARG B 217 -21.05 23.29 -4.08
CA ARG B 217 -21.23 24.72 -3.91
C ARG B 217 -19.87 25.41 -3.91
N LEU B 218 -19.86 26.66 -4.36
CA LEU B 218 -18.67 27.49 -4.39
C LEU B 218 -18.91 28.69 -3.48
N VAL B 219 -17.97 28.93 -2.56
CA VAL B 219 -18.08 30.03 -1.63
C VAL B 219 -16.82 30.88 -1.71
N SER B 220 -16.96 32.17 -1.41
CA SER B 220 -15.86 33.11 -1.34
C SER B 220 -16.05 33.92 -0.07
N ARG B 221 -14.99 34.05 0.72
CA ARG B 221 -15.05 34.90 1.91
C ARG B 221 -13.64 35.28 2.33
N ASN B 222 -13.58 36.17 3.32
CA ASN B 222 -12.34 36.56 3.96
C ASN B 222 -12.26 35.92 5.34
N VAL B 223 -11.09 35.40 5.68
CA VAL B 223 -10.85 34.74 6.96
C VAL B 223 -9.82 35.55 7.74
N VAL B 224 -10.14 35.87 8.98
CA VAL B 224 -9.31 36.74 9.81
C VAL B 224 -8.50 35.89 10.77
N PHE B 225 -7.20 36.15 10.84
CA PHE B 225 -6.28 35.61 11.82
C PHE B 225 -5.57 36.75 12.53
N ALA B 226 -4.75 36.39 13.52
CA ALA B 226 -3.97 37.40 14.23
C ALA B 226 -3.08 38.20 13.29
N THR B 227 -2.62 37.57 12.21
CA THR B 227 -1.74 38.22 11.26
C THR B 227 -2.48 39.01 10.19
N GLY B 228 -3.81 38.91 10.14
CA GLY B 228 -4.61 39.75 9.27
C GLY B 228 -5.74 38.96 8.62
N ALA B 229 -6.38 39.60 7.66
CA ALA B 229 -7.49 39.02 6.91
C ALA B 229 -6.98 38.39 5.62
N TYR B 230 -7.38 37.16 5.36
CA TYR B 230 -6.89 36.43 4.21
C TYR B 230 -8.02 36.01 3.28
N PRO B 231 -7.80 36.00 1.98
CA PRO B 231 -8.83 35.53 1.05
C PRO B 231 -9.00 34.02 1.11
N ARG B 232 -10.25 33.58 1.01
CA ARG B 232 -10.59 32.17 1.08
C ARG B 232 -11.56 31.82 -0.05
N LEU B 233 -11.31 30.69 -0.70
CA LEU B 233 -12.28 30.03 -1.56
C LEU B 233 -12.57 28.64 -1.01
N SER B 234 -13.84 28.25 -1.00
CA SER B 234 -14.24 26.96 -0.44
C SER B 234 -15.08 26.20 -1.46
N LEU B 235 -14.66 24.98 -1.76
CA LEU B 235 -15.41 24.05 -2.59
C LEU B 235 -15.90 22.93 -1.69
N SER B 236 -17.20 22.69 -1.68
CA SER B 236 -17.79 21.65 -0.86
C SER B 236 -18.66 20.72 -1.72
N PHE B 237 -18.78 19.48 -1.27
CA PHE B 237 -19.64 18.49 -1.88
C PHE B 237 -20.55 17.88 -0.83
N ARG B 238 -21.77 17.56 -1.23
CA ARG B 238 -22.69 16.80 -0.39
C ARG B 238 -22.68 15.36 -0.88
N LEU B 239 -22.24 14.44 -0.01
CA LEU B 239 -22.13 13.02 -0.35
C LEU B 239 -23.24 12.26 0.36
N LYS B 240 -23.99 11.47 -0.42
CA LYS B 240 -25.04 10.62 0.12
C LYS B 240 -24.62 9.17 -0.01
N ARG B 241 -24.52 8.48 1.11
CA ARG B 241 -24.06 7.10 1.12
C ARG B 241 -25.09 6.20 0.45
N ASN B 242 -24.63 5.31 -0.42
CA ASN B 242 -25.50 4.28 -0.99
C ASN B 242 -25.70 3.15 0.00
N ILE B 243 -26.96 2.84 0.29
CA ILE B 243 -27.29 1.83 1.29
C ILE B 243 -26.99 0.42 0.81
N GLY B 244 -27.02 0.19 -0.51
CA GLY B 244 -27.09 -1.17 -1.04
C GLY B 244 -26.05 -2.11 -0.47
N TYR B 245 -24.79 -1.66 -0.40
CA TYR B 245 -23.72 -2.51 0.11
C TYR B 245 -24.01 -2.95 1.55
N PHE B 246 -24.54 -2.02 2.35
CA PHE B 246 -24.74 -2.26 3.78
C PHE B 246 -25.91 -3.19 4.03
N ILE B 247 -26.99 -3.03 3.25
CA ILE B 247 -28.09 -4.00 3.28
C ILE B 247 -27.54 -5.41 3.12
N LEU B 248 -26.65 -5.60 2.15
CA LEU B 248 -26.17 -6.95 1.83
C LEU B 248 -25.15 -7.43 2.86
N GLN B 249 -24.29 -6.53 3.34
CA GLN B 249 -23.13 -6.95 4.13
C GLN B 249 -23.48 -7.13 5.61
N THR B 250 -24.30 -6.24 6.16
CA THR B 250 -24.58 -6.26 7.59
C THR B 250 -26.05 -6.48 7.91
N TYR B 251 -26.96 -5.76 7.24
CA TYR B 251 -28.37 -5.85 7.58
C TYR B 251 -28.93 -7.23 7.29
N MET B 252 -28.68 -7.76 6.09
CA MET B 252 -29.26 -9.06 5.74
C MET B 252 -28.74 -10.19 6.60
N PRO B 253 -27.43 -10.35 6.84
CA PRO B 253 -26.98 -11.40 7.77
C PRO B 253 -27.66 -11.31 9.14
N SER B 254 -27.84 -10.10 9.67
CA SER B 254 -28.49 -9.95 10.97
C SER B 254 -29.95 -10.41 10.92
N ILE B 255 -30.65 -10.10 9.83
CA ILE B 255 -32.02 -10.57 9.66
C ILE B 255 -32.04 -12.09 9.60
N LEU B 256 -31.10 -12.69 8.87
CA LEU B 256 -31.10 -14.14 8.69
C LEU B 256 -30.75 -14.86 9.98
N ILE B 257 -29.86 -14.29 10.79
CA ILE B 257 -29.54 -14.87 12.09
C ILE B 257 -30.77 -14.79 13.01
N THR B 258 -31.48 -13.66 12.97
CA THR B 258 -32.65 -13.50 13.83
C THR B 258 -33.74 -14.49 13.46
N ILE B 259 -33.96 -14.69 12.16
CA ILE B 259 -34.94 -15.69 11.72
C ILE B 259 -34.50 -17.07 12.17
N LEU B 260 -33.20 -17.38 12.01
CA LEU B 260 -32.66 -18.66 12.44
C LEU B 260 -32.97 -18.92 13.91
N SER B 261 -32.89 -17.88 14.74
CA SER B 261 -33.15 -18.02 16.18
C SER B 261 -34.55 -18.53 16.44
N TRP B 262 -35.51 -18.21 15.57
CA TRP B 262 -36.90 -18.55 15.79
C TRP B 262 -37.19 -20.02 15.52
N VAL B 263 -36.36 -20.68 14.71
CA VAL B 263 -36.52 -22.11 14.45
C VAL B 263 -36.65 -22.89 15.75
N SER B 264 -35.93 -22.45 16.79
CA SER B 264 -35.99 -23.09 18.10
C SER B 264 -37.42 -23.30 18.57
N PHE B 265 -38.31 -22.34 18.30
CA PHE B 265 -39.65 -22.40 18.88
C PHE B 265 -40.50 -23.51 18.26
N TRP B 266 -40.09 -24.05 17.11
CA TRP B 266 -40.78 -25.18 16.49
CA TRP B 266 -40.77 -25.17 16.48
C TRP B 266 -40.17 -26.51 16.86
N ILE B 267 -39.17 -26.54 17.73
CA ILE B 267 -38.53 -27.77 18.17
C ILE B 267 -39.12 -28.18 19.51
N ASN B 268 -39.21 -29.49 19.73
CA ASN B 268 -39.76 -30.01 20.98
C ASN B 268 -38.89 -29.57 22.16
N TYR B 269 -39.55 -29.32 23.29
CA TYR B 269 -38.85 -28.82 24.46
C TYR B 269 -37.93 -29.85 25.09
N ASP B 270 -38.07 -31.13 24.73
CA ASP B 270 -37.17 -32.16 25.22
C ASP B 270 -35.83 -32.16 24.48
N ALA B 271 -35.78 -31.53 23.30
CA ALA B 271 -34.59 -31.45 22.47
C ALA B 271 -33.67 -30.37 23.01
N SER B 272 -33.14 -30.63 24.22
CA SER B 272 -32.40 -29.59 24.94
C SER B 272 -31.13 -29.21 24.19
N ALA B 273 -30.39 -30.20 23.71
CA ALA B 273 -29.15 -29.91 23.00
C ALA B 273 -29.42 -29.09 21.75
N ALA B 274 -30.44 -29.46 20.98
CA ALA B 274 -30.75 -28.77 19.73
C ALA B 274 -31.15 -27.32 19.98
N ARG B 275 -32.04 -27.09 20.94
CA ARG B 275 -32.58 -25.75 21.14
C ARG B 275 -31.57 -24.84 21.82
N VAL B 276 -30.75 -25.38 22.72
CA VAL B 276 -29.71 -24.58 23.35
C VAL B 276 -28.62 -24.24 22.33
N ALA B 277 -28.33 -25.17 21.42
CA ALA B 277 -27.35 -24.91 20.38
C ALA B 277 -27.79 -23.75 19.51
N LEU B 278 -29.07 -23.73 19.11
CA LEU B 278 -29.60 -22.64 18.31
C LEU B 278 -29.44 -21.31 19.04
N GLY B 279 -29.78 -21.29 20.33
CA GLY B 279 -29.65 -20.07 21.11
C GLY B 279 -28.22 -19.56 21.13
N ILE B 280 -27.27 -20.43 21.47
CA ILE B 280 -25.87 -20.04 21.59
C ILE B 280 -25.35 -19.51 20.25
N THR B 281 -25.52 -20.31 19.19
CA THR B 281 -24.87 -19.99 17.91
C THR B 281 -25.36 -18.65 17.37
N THR B 282 -26.65 -18.36 17.52
CA THR B 282 -27.19 -17.10 17.02
C THR B 282 -26.69 -15.93 17.85
N VAL B 283 -26.68 -16.09 19.18
CA VAL B 283 -26.20 -15.04 20.06
C VAL B 283 -24.74 -14.73 19.77
N LEU B 284 -23.92 -15.77 19.64
CA LEU B 284 -22.49 -15.57 19.45
C LEU B 284 -22.19 -15.04 18.05
N THR B 285 -22.96 -15.48 17.05
CA THR B 285 -22.79 -14.94 15.70
C THR B 285 -23.08 -13.45 15.68
N MET B 286 -24.07 -13.00 16.45
CA MET B 286 -24.41 -11.59 16.48
C MET B 286 -23.32 -10.78 17.16
N THR B 287 -22.60 -11.38 18.10
CA THR B 287 -21.47 -10.69 18.73
C THR B 287 -20.31 -10.56 17.74
N THR B 288 -20.00 -11.63 17.01
CA THR B 288 -18.90 -11.57 16.05
C THR B 288 -19.19 -10.54 14.96
N ILE B 289 -20.46 -10.45 14.53
CA ILE B 289 -20.83 -9.47 13.50
C ILE B 289 -20.63 -8.07 14.03
N ASN B 290 -21.10 -7.81 15.26
CA ASN B 290 -20.97 -6.49 15.86
C ASN B 290 -19.50 -6.07 15.96
N THR B 291 -18.68 -6.91 16.59
CA THR B 291 -17.29 -6.53 16.87
C THR B 291 -16.50 -6.38 15.59
N HIS B 292 -16.69 -7.29 14.63
CA HIS B 292 -16.06 -7.16 13.33
C HIS B 292 -16.38 -5.81 12.69
N LEU B 293 -17.67 -5.45 12.68
CA LEU B 293 -18.10 -4.23 11.99
C LEU B 293 -17.35 -3.02 12.52
N ARG B 294 -17.28 -2.86 13.84
CA ARG B 294 -16.73 -1.66 14.44
C ARG B 294 -15.21 -1.59 14.31
N GLU B 295 -14.57 -2.70 13.92
CA GLU B 295 -13.15 -2.72 13.60
C GLU B 295 -12.85 -2.17 12.22
N THR B 296 -13.89 -1.95 11.40
CA THR B 296 -13.75 -1.35 10.08
C THR B 296 -13.90 0.17 10.11
N LEU B 297 -14.15 0.73 11.27
CA LEU B 297 -14.57 2.11 11.45
C LEU B 297 -13.69 2.75 12.53
N PRO B 298 -13.65 4.08 12.60
CA PRO B 298 -12.89 4.72 13.67
C PRO B 298 -13.52 4.51 15.03
N LYS B 299 -12.70 4.73 16.07
CA LYS B 299 -13.07 4.45 17.45
C LYS B 299 -13.87 5.62 18.01
N ILE B 300 -15.07 5.80 17.47
CA ILE B 300 -15.96 6.87 17.89
C ILE B 300 -16.66 6.46 19.17
N PRO B 301 -16.95 7.39 20.09
CA PRO B 301 -17.60 7.05 21.36
C PRO B 301 -19.12 6.99 21.32
N TYR B 302 -19.77 7.29 20.21
CA TYR B 302 -21.22 7.36 20.17
C TYR B 302 -21.79 6.17 19.40
N VAL B 303 -23.11 6.01 19.53
CA VAL B 303 -23.82 4.91 18.89
C VAL B 303 -24.28 5.34 17.50
N LYS B 304 -23.98 4.52 16.50
CA LYS B 304 -24.41 4.77 15.13
C LYS B 304 -25.78 4.15 14.88
N ALA B 305 -26.31 4.42 13.68
CA ALA B 305 -27.56 3.78 13.28
C ALA B 305 -27.41 2.27 13.18
N ILE B 306 -26.30 1.80 12.60
CA ILE B 306 -26.09 0.37 12.43
C ILE B 306 -25.93 -0.31 13.78
N ASP B 307 -25.26 0.36 14.73
CA ASP B 307 -25.18 -0.16 16.09
C ASP B 307 -26.55 -0.39 16.69
N MET B 308 -27.48 0.55 16.46
CA MET B 308 -28.82 0.41 17.01
C MET B 308 -29.52 -0.82 16.46
N TYR B 309 -29.36 -1.07 15.16
CA TYR B 309 -29.97 -2.24 14.53
C TYR B 309 -29.39 -3.52 15.13
N LEU B 310 -28.06 -3.60 15.21
CA LEU B 310 -27.42 -4.82 15.70
C LEU B 310 -27.79 -5.06 17.16
N MET B 311 -27.93 -4.00 17.94
CA MET B 311 -28.33 -4.15 19.34
C MET B 311 -29.76 -4.65 19.44
N GLY B 312 -30.65 -4.15 18.58
CA GLY B 312 -31.99 -4.71 18.53
C GLY B 312 -32.00 -6.18 18.17
N CYS B 313 -31.22 -6.54 17.15
CA CYS B 313 -31.19 -7.94 16.71
C CYS B 313 -30.62 -8.83 17.80
N PHE B 314 -29.59 -8.34 18.51
CA PHE B 314 -29.01 -9.10 19.61
C PHE B 314 -30.07 -9.38 20.67
N VAL B 315 -30.87 -8.38 21.03
CA VAL B 315 -31.87 -8.54 22.07
C VAL B 315 -32.90 -9.59 21.66
N PHE B 316 -33.30 -9.59 20.40
CA PHE B 316 -34.27 -10.60 19.94
C PHE B 316 -33.70 -12.00 20.11
N VAL B 317 -32.47 -12.23 19.63
CA VAL B 317 -31.95 -13.59 19.61
C VAL B 317 -31.61 -14.03 21.03
N PHE B 318 -31.18 -13.09 21.87
CA PHE B 318 -30.88 -13.40 23.27
C PHE B 318 -32.17 -13.78 24.01
N LEU B 319 -33.25 -13.04 23.77
CA LEU B 319 -34.53 -13.36 24.39
C LEU B 319 -35.07 -14.70 23.90
N ALA B 320 -34.78 -15.06 22.65
CA ALA B 320 -35.22 -16.35 22.14
C ALA B 320 -34.58 -17.49 22.92
N LEU B 321 -33.29 -17.35 23.25
CA LEU B 321 -32.63 -18.36 24.07
C LEU B 321 -33.19 -18.34 25.48
N LEU B 322 -33.40 -17.14 26.04
CA LEU B 322 -33.97 -17.03 27.38
C LEU B 322 -35.38 -17.58 27.43
N GLU B 323 -36.12 -17.46 26.32
CA GLU B 323 -37.45 -18.08 26.25
C GLU B 323 -37.34 -19.58 26.48
N TYR B 324 -36.34 -20.22 25.88
CA TYR B 324 -36.19 -21.66 26.06
C TYR B 324 -35.79 -21.99 27.49
N ALA B 325 -34.88 -21.19 28.06
CA ALA B 325 -34.51 -21.38 29.45
C ALA B 325 -35.75 -21.36 30.33
N PHE B 326 -36.68 -20.43 30.04
CA PHE B 326 -37.90 -20.34 30.82
C PHE B 326 -38.76 -21.59 30.60
N VAL B 327 -38.92 -22.02 29.34
CA VAL B 327 -39.67 -23.24 29.06
C VAL B 327 -39.00 -24.40 29.77
N ASN B 328 -37.68 -24.52 29.61
CA ASN B 328 -36.92 -25.59 30.24
C ASN B 328 -37.13 -25.54 31.75
N TYR B 329 -37.16 -24.32 32.30
CA TYR B 329 -37.23 -24.11 33.75
C TYR B 329 -38.50 -24.68 34.36
N ILE B 330 -39.60 -24.76 33.64
CA ILE B 330 -40.83 -25.11 34.32
C ILE B 330 -41.28 -26.49 33.92
N PHE B 331 -40.75 -27.03 32.81
CA PHE B 331 -41.31 -28.28 32.31
C PHE B 331 -40.86 -29.39 33.23
N PHE B 332 -39.73 -29.17 33.90
CA PHE B 332 -39.11 -30.04 34.88
C PHE B 332 -39.33 -29.51 36.30
N ALA B 447 -47.56 -24.06 25.18
CA ALA B 447 -48.28 -22.82 24.92
C ALA B 447 -47.32 -21.65 24.77
N ILE B 448 -46.28 -21.64 25.61
CA ILE B 448 -45.29 -20.57 25.55
C ILE B 448 -44.56 -20.58 24.22
N ASP B 449 -44.21 -21.77 23.72
CA ASP B 449 -43.57 -21.86 22.41
C ASP B 449 -44.50 -21.33 21.31
N ARG B 450 -45.78 -21.73 21.36
CA ARG B 450 -46.71 -21.29 20.33
C ARG B 450 -46.85 -19.77 20.34
N TRP B 451 -46.90 -19.19 21.54
CA TRP B 451 -46.95 -17.74 21.69
C TRP B 451 -45.70 -17.09 21.13
N SER B 452 -44.54 -17.72 21.33
CA SER B 452 -43.29 -17.20 20.77
C SER B 452 -43.31 -17.27 19.24
N ARG B 453 -43.93 -18.31 18.68
CA ARG B 453 -43.94 -18.47 17.23
C ARG B 453 -44.63 -17.31 16.52
N ILE B 454 -45.57 -16.64 17.19
CA ILE B 454 -46.28 -15.54 16.59
C ILE B 454 -45.72 -14.20 17.06
N VAL B 455 -45.46 -14.06 18.37
CA VAL B 455 -45.13 -12.77 18.94
C VAL B 455 -43.74 -12.32 18.51
N PHE B 456 -42.78 -13.25 18.43
CA PHE B 456 -41.41 -12.87 18.07
C PHE B 456 -41.31 -12.34 16.64
N PRO B 457 -41.78 -13.05 15.60
CA PRO B 457 -41.67 -12.47 14.25
C PRO B 457 -42.41 -11.14 14.14
N PHE B 458 -43.56 -11.03 14.79
CA PHE B 458 -44.35 -9.80 14.72
C PHE B 458 -43.61 -8.64 15.39
N THR B 459 -42.97 -8.89 16.52
CA THR B 459 -42.21 -7.85 17.21
C THR B 459 -41.01 -7.41 16.37
N PHE B 460 -40.35 -8.36 15.71
CA PHE B 460 -39.25 -8.01 14.82
C PHE B 460 -39.71 -7.12 13.68
N SER B 461 -40.92 -7.39 13.16
CA SER B 461 -41.49 -6.54 12.12
C SER B 461 -41.72 -5.13 12.64
N LEU B 462 -42.28 -5.00 13.85
CA LEU B 462 -42.45 -3.70 14.47
C LEU B 462 -41.09 -3.00 14.63
N PHE B 463 -40.10 -3.71 15.17
CA PHE B 463 -38.78 -3.14 15.35
C PHE B 463 -38.24 -2.59 14.03
N ASN B 464 -38.35 -3.38 12.96
CA ASN B 464 -37.83 -2.96 11.67
C ASN B 464 -38.61 -1.75 11.16
N LEU B 465 -39.92 -1.76 11.32
CA LEU B 465 -40.76 -0.66 10.84
C LEU B 465 -40.32 0.65 11.49
N VAL B 466 -40.23 0.66 12.81
CA VAL B 466 -39.84 1.88 13.53
C VAL B 466 -38.45 2.33 13.09
N TYR B 467 -37.50 1.39 13.02
CA TYR B 467 -36.13 1.71 12.67
C TYR B 467 -36.06 2.36 11.30
N TRP B 468 -36.60 1.69 10.27
CA TRP B 468 -36.40 2.15 8.90
C TRP B 468 -37.20 3.40 8.60
N LEU B 469 -38.27 3.66 9.36
CA LEU B 469 -39.01 4.91 9.22
C LEU B 469 -38.21 6.07 9.81
N TYR B 470 -37.63 5.86 11.00
CA TYR B 470 -36.87 6.91 11.67
C TYR B 470 -35.68 7.36 10.82
N TYR B 471 -35.02 6.42 10.15
CA TYR B 471 -33.72 6.66 9.54
C TYR B 471 -33.79 6.82 8.03
N VAL B 472 -34.80 6.26 7.37
CA VAL B 472 -35.03 6.53 5.95
C VAL B 472 -36.17 7.53 5.81
N GLY C 32 35.31 10.80 -33.26
CA GLY C 32 36.59 10.38 -32.74
C GLY C 32 37.35 11.48 -32.05
N ASN C 33 37.44 12.64 -32.72
CA ASN C 33 38.00 13.84 -32.10
C ASN C 33 37.00 14.39 -31.08
N MET C 34 37.34 14.26 -29.80
CA MET C 34 36.40 14.63 -28.75
C MET C 34 36.30 16.14 -28.61
N SER C 35 37.39 16.86 -28.90
CA SER C 35 37.34 18.32 -28.91
C SER C 35 36.41 18.83 -30.02
N PHE C 36 36.43 18.15 -31.18
CA PHE C 36 35.53 18.52 -32.26
C PHE C 36 34.08 18.27 -31.89
N VAL C 37 33.79 17.10 -31.31
CA VAL C 37 32.43 16.79 -30.89
C VAL C 37 31.99 17.74 -29.78
N LYS C 38 32.89 18.03 -28.83
CA LYS C 38 32.55 18.95 -27.76
C LYS C 38 32.22 20.33 -28.31
N GLU C 39 33.00 20.79 -29.28
CA GLU C 39 32.73 22.09 -29.92
C GLU C 39 31.37 22.09 -30.59
N THR C 40 31.09 21.06 -31.39
CA THR C 40 29.80 20.96 -32.08
C THR C 40 28.64 21.01 -31.09
N VAL C 41 28.72 20.24 -30.01
CA VAL C 41 27.60 20.17 -29.07
C VAL C 41 27.48 21.47 -28.30
N ASP C 42 28.61 22.07 -27.89
CA ASP C 42 28.57 23.37 -27.24
C ASP C 42 27.88 24.40 -28.12
N LYS C 43 28.16 24.37 -29.43
CA LYS C 43 27.55 25.31 -30.35
C LYS C 43 26.05 25.09 -30.42
N LEU C 44 25.61 23.82 -30.42
CA LEU C 44 24.19 23.50 -30.46
C LEU C 44 23.47 24.14 -29.27
N LEU C 45 24.07 24.11 -28.09
CA LEU C 45 23.41 24.53 -26.87
C LEU C 45 23.67 25.99 -26.54
N LYS C 46 24.50 26.67 -27.33
CA LYS C 46 24.79 28.08 -27.11
C LYS C 46 23.59 28.91 -27.52
N GLY C 47 23.02 29.65 -26.58
CA GLY C 47 21.83 30.44 -26.85
C GLY C 47 20.58 29.62 -27.06
N TYR C 48 20.60 28.34 -26.70
CA TYR C 48 19.42 27.50 -26.80
C TYR C 48 18.43 27.91 -25.71
N ASP C 49 17.19 28.20 -26.10
CA ASP C 49 16.14 28.58 -25.17
C ASP C 49 15.22 27.40 -24.93
N ILE C 50 15.34 26.78 -23.75
CA ILE C 50 14.49 25.67 -23.37
C ILE C 50 13.02 26.07 -23.28
N ARG C 51 12.75 27.37 -23.16
CA ARG C 51 11.37 27.83 -22.97
C ARG C 51 10.53 27.67 -24.23
N LEU C 52 11.17 27.65 -25.41
CA LEU C 52 10.48 27.69 -26.68
C LEU C 52 10.51 26.31 -27.31
N ARG C 53 9.33 25.82 -27.68
CA ARG C 53 9.26 24.57 -28.43
C ARG C 53 9.93 24.72 -29.79
N PRO C 54 10.37 23.60 -30.38
CA PRO C 54 10.82 23.64 -31.78
C PRO C 54 9.74 24.21 -32.69
N ASP C 55 10.16 25.08 -33.60
CA ASP C 55 9.26 25.72 -34.56
C ASP C 55 8.19 26.56 -33.85
N PHE C 56 8.54 27.11 -32.69
CA PHE C 56 7.66 28.03 -31.96
C PHE C 56 7.05 29.04 -32.93
N GLY C 57 5.74 29.22 -32.85
CA GLY C 57 5.04 30.15 -33.70
C GLY C 57 4.75 29.61 -35.08
N GLY C 58 5.20 28.39 -35.38
CA GLY C 58 5.01 27.78 -36.68
C GLY C 58 4.09 26.58 -36.58
N PRO C 59 4.17 25.67 -37.54
CA PRO C 59 3.36 24.45 -37.49
C PRO C 59 3.70 23.64 -36.25
N PRO C 60 2.76 22.81 -35.79
CA PRO C 60 3.03 22.01 -34.58
C PRO C 60 4.21 21.07 -34.77
N VAL C 61 4.91 20.81 -33.67
CA VAL C 61 5.95 19.78 -33.66
C VAL C 61 5.29 18.41 -33.54
N CYS C 62 5.65 17.50 -34.44
CA CYS C 62 5.13 16.14 -34.42
C CYS C 62 6.00 15.30 -33.49
N VAL C 63 5.38 14.71 -32.47
CA VAL C 63 6.09 13.88 -31.50
C VAL C 63 5.63 12.44 -31.68
N GLY C 64 6.57 11.56 -32.05
CA GLY C 64 6.28 10.14 -32.17
C GLY C 64 6.57 9.43 -30.85
N MET C 65 5.69 8.51 -30.48
CA MET C 65 5.79 7.81 -29.21
C MET C 65 5.72 6.31 -29.42
N ASN C 66 6.66 5.59 -28.82
N ASN C 66 6.65 5.59 -28.82
CA ASN C 66 6.69 4.14 -28.79
CA ASN C 66 6.63 4.13 -28.81
C ASN C 66 6.81 3.70 -27.34
C ASN C 66 6.88 3.64 -27.40
N ILE C 67 6.21 2.56 -27.03
CA ILE C 67 6.26 1.99 -25.68
C ILE C 67 6.75 0.56 -25.77
N ASP C 68 7.67 0.20 -24.88
CA ASP C 68 8.06 -1.19 -24.65
C ASP C 68 7.64 -1.56 -23.24
N ILE C 69 6.66 -2.46 -23.13
CA ILE C 69 6.12 -2.85 -21.84
C ILE C 69 7.08 -3.82 -21.17
N ALA C 70 7.50 -3.48 -19.94
CA ALA C 70 8.36 -4.36 -19.17
C ALA C 70 7.55 -5.34 -18.32
N SER C 71 6.49 -4.87 -17.69
CA SER C 71 5.71 -5.67 -16.76
C SER C 71 4.39 -4.95 -16.48
N ILE C 72 3.38 -5.71 -16.11
CA ILE C 72 2.26 -5.22 -15.33
C ILE C 72 2.32 -5.92 -13.97
N ASP C 73 2.74 -5.18 -12.95
CA ASP C 73 3.11 -5.80 -11.68
C ASP C 73 1.87 -6.26 -10.91
N MET C 74 0.80 -5.47 -10.94
CA MET C 74 -0.32 -5.65 -10.03
C MET C 74 -1.58 -5.12 -10.71
N VAL C 75 -2.70 -5.78 -10.42
CA VAL C 75 -4.03 -5.27 -10.74
C VAL C 75 -4.86 -5.35 -9.47
N SER C 76 -5.39 -4.21 -9.04
CA SER C 76 -6.10 -4.09 -7.78
C SER C 76 -7.57 -3.79 -8.06
N GLU C 77 -8.46 -4.72 -7.67
CA GLU C 77 -9.88 -4.44 -7.67
C GLU C 77 -10.26 -3.45 -6.58
N VAL C 78 -9.65 -3.58 -5.39
CA VAL C 78 -10.03 -2.72 -4.27
C VAL C 78 -9.70 -1.25 -4.56
N ASN C 79 -8.54 -1.01 -5.15
CA ASN C 79 -8.15 0.35 -5.50
C ASN C 79 -8.54 0.73 -6.93
N MET C 80 -9.08 -0.21 -7.70
CA MET C 80 -9.43 -0.02 -9.11
C MET C 80 -8.29 0.67 -9.87
N ASP C 81 -7.15 -0.01 -9.89
CA ASP C 81 -5.98 0.49 -10.59
C ASP C 81 -5.06 -0.68 -10.92
N TYR C 82 -4.04 -0.38 -11.73
CA TYR C 82 -3.03 -1.34 -12.11
C TYR C 82 -1.69 -0.64 -12.16
N THR C 83 -0.62 -1.41 -12.06
CA THR C 83 0.73 -0.87 -12.04
C THR C 83 1.51 -1.38 -13.24
N LEU C 84 2.01 -0.46 -14.04
CA LEU C 84 2.68 -0.76 -15.30
C LEU C 84 4.11 -0.25 -15.23
N THR C 85 5.05 -1.05 -15.74
CA THR C 85 6.41 -0.59 -15.99
C THR C 85 6.69 -0.67 -17.48
N MET C 86 7.24 0.40 -18.03
CA MET C 86 7.43 0.49 -19.47
C MET C 86 8.67 1.34 -19.77
N TYR C 87 9.19 1.15 -20.97
CA TYR C 87 10.16 2.07 -21.56
C TYR C 87 9.42 3.02 -22.49
N PHE C 88 9.36 4.29 -22.11
CA PHE C 88 8.57 5.29 -22.82
C PHE C 88 9.53 6.15 -23.64
N GLN C 89 9.38 6.11 -24.96
CA GLN C 89 10.26 6.82 -25.88
CA GLN C 89 10.26 6.82 -25.87
C GLN C 89 9.48 7.86 -26.65
N GLN C 90 10.08 9.04 -26.83
CA GLN C 90 9.50 10.14 -27.58
C GLN C 90 10.44 10.52 -28.71
N TYR C 91 9.89 10.72 -29.90
N TYR C 91 9.88 10.84 -29.87
CA TYR C 91 10.64 11.08 -31.10
CA TYR C 91 10.63 11.06 -31.10
C TYR C 91 10.13 12.40 -31.63
C TYR C 91 10.15 12.35 -31.74
N TRP C 92 11.03 13.35 -31.83
CA TRP C 92 10.67 14.62 -32.44
C TRP C 92 11.91 15.24 -33.07
N ARG C 93 11.69 16.20 -33.96
CA ARG C 93 12.75 16.90 -34.65
C ARG C 93 12.87 18.32 -34.11
N ASP C 94 14.09 18.70 -33.71
CA ASP C 94 14.38 20.04 -33.23
C ASP C 94 15.51 20.58 -34.10
N LYS C 95 15.16 21.45 -35.05
CA LYS C 95 16.14 21.99 -35.99
C LYS C 95 17.23 22.80 -35.31
N ARG C 96 17.01 23.23 -34.07
CA ARG C 96 18.06 23.91 -33.32
C ARG C 96 19.22 22.99 -32.98
N LEU C 97 19.00 21.67 -33.01
CA LEU C 97 20.01 20.70 -32.60
C LEU C 97 20.65 20.00 -33.78
N ALA C 98 20.33 20.41 -35.00
CA ALA C 98 20.92 19.82 -36.19
C ALA C 98 22.42 20.11 -36.23
N TYR C 99 23.20 19.10 -36.61
CA TYR C 99 24.65 19.23 -36.69
C TYR C 99 25.14 18.56 -37.97
N SER C 100 26.24 19.08 -38.50
CA SER C 100 26.83 18.60 -39.74
C SER C 100 28.26 18.12 -39.50
N GLY C 101 28.75 17.32 -40.44
CA GLY C 101 30.13 16.89 -40.43
C GLY C 101 30.44 15.79 -39.45
N ILE C 102 29.41 15.16 -38.88
CA ILE C 102 29.56 14.00 -38.00
C ILE C 102 28.52 12.96 -38.45
N PRO C 103 28.94 11.91 -39.15
CA PRO C 103 28.01 10.86 -39.59
C PRO C 103 27.74 9.80 -38.53
N LEU C 104 27.37 10.25 -37.33
CA LEU C 104 27.02 9.37 -36.23
C LEU C 104 25.75 9.90 -35.57
N ASN C 105 25.03 9.01 -34.89
CA ASN C 105 24.07 9.42 -33.89
C ASN C 105 24.76 9.56 -32.54
N LEU C 106 24.60 10.73 -31.92
CA LEU C 106 25.26 11.04 -30.65
C LEU C 106 24.37 10.57 -29.51
N THR C 107 24.83 9.56 -28.77
CA THR C 107 24.23 9.23 -27.48
C THR C 107 24.91 10.07 -26.41
N LEU C 108 24.11 10.88 -25.72
CA LEU C 108 24.62 11.82 -24.72
C LEU C 108 24.23 11.37 -23.32
N ASP C 109 25.02 11.77 -22.35
CA ASP C 109 24.70 11.52 -20.95
C ASP C 109 23.32 12.07 -20.63
N ASN C 110 22.55 11.32 -19.83
CA ASN C 110 21.15 11.66 -19.59
C ASN C 110 20.97 13.04 -18.97
N ARG C 111 22.01 13.59 -18.33
CA ARG C 111 21.89 14.91 -17.73
C ARG C 111 21.72 16.03 -18.75
N VAL C 112 22.03 15.76 -20.03
CA VAL C 112 21.82 16.77 -21.06
C VAL C 112 20.34 17.08 -21.24
N ALA C 113 19.46 16.14 -20.87
CA ALA C 113 18.01 16.35 -21.01
C ALA C 113 17.56 17.62 -20.30
N ASP C 114 18.26 18.01 -19.23
CA ASP C 114 17.90 19.21 -18.48
C ASP C 114 18.21 20.49 -19.23
N GLN C 115 19.00 20.42 -20.31
CA GLN C 115 19.34 21.59 -21.10
C GLN C 115 18.56 21.67 -22.41
N LEU C 116 17.65 20.72 -22.65
CA LEU C 116 16.90 20.64 -23.88
C LEU C 116 15.43 20.89 -23.61
N TRP C 117 14.72 21.36 -24.62
CA TRP C 117 13.27 21.25 -24.61
C TRP C 117 12.86 19.80 -24.74
N VAL C 118 11.89 19.40 -23.93
CA VAL C 118 11.22 18.10 -24.13
C VAL C 118 9.72 18.33 -24.06
N PRO C 119 8.94 17.43 -24.67
CA PRO C 119 7.48 17.56 -24.59
C PRO C 119 6.99 17.49 -23.16
N ASP C 120 5.85 18.11 -22.91
CA ASP C 120 5.23 18.10 -21.57
C ASP C 120 4.20 16.98 -21.46
N THR C 121 4.65 15.77 -21.78
CA THR C 121 3.78 14.62 -21.80
C THR C 121 3.44 14.16 -20.39
N TYR C 122 2.19 13.81 -20.17
CA TYR C 122 1.76 13.26 -18.89
C TYR C 122 0.73 12.17 -19.15
N PHE C 123 0.44 11.40 -18.11
CA PHE C 123 -0.53 10.31 -18.16
C PHE C 123 -1.77 10.73 -17.39
N LEU C 124 -2.84 11.02 -18.13
CA LEU C 124 -4.00 11.69 -17.54
C LEU C 124 -4.70 10.82 -16.49
N ASN C 125 -4.64 9.51 -16.62
CA ASN C 125 -5.31 8.62 -15.67
C ASN C 125 -4.32 7.95 -14.73
N ASP C 126 -3.12 8.50 -14.57
CA ASP C 126 -2.18 7.94 -13.62
C ASP C 126 -2.47 8.42 -12.20
N LYS C 127 -2.19 7.54 -11.23
CA LYS C 127 -2.35 7.86 -9.83
C LYS C 127 -1.02 8.21 -9.17
N LYS C 128 0.05 7.50 -9.53
CA LYS C 128 1.36 7.74 -8.95
C LYS C 128 2.40 7.14 -9.90
N SER C 129 3.39 7.94 -10.26
CA SER C 129 4.40 7.51 -11.22
C SER C 129 5.75 8.08 -10.82
N PHE C 130 6.81 7.39 -11.25
CA PHE C 130 8.16 7.86 -11.01
C PHE C 130 9.08 7.34 -12.12
N VAL C 131 10.14 8.08 -12.37
CA VAL C 131 11.25 7.62 -13.21
C VAL C 131 12.27 6.94 -12.31
N HIS C 132 12.65 5.71 -12.69
CA HIS C 132 13.66 4.97 -11.93
C HIS C 132 14.97 5.74 -11.87
N GLY C 133 15.65 5.66 -10.73
CA GLY C 133 16.78 6.54 -10.47
C GLY C 133 18.11 5.88 -10.15
N VAL C 134 18.20 4.56 -10.22
CA VAL C 134 19.42 3.84 -9.91
C VAL C 134 19.90 3.12 -11.17
N THR C 135 21.21 3.18 -11.44
CA THR C 135 22.18 3.92 -10.63
C THR C 135 22.16 5.40 -11.00
N VAL C 136 21.50 5.69 -12.12
CA VAL C 136 21.27 7.04 -12.59
C VAL C 136 19.82 7.12 -13.00
N LYS C 137 19.36 8.32 -13.31
CA LYS C 137 18.01 8.48 -13.82
CA LYS C 137 18.00 8.49 -13.82
C LYS C 137 17.86 7.67 -15.10
N ASN C 138 16.89 6.75 -15.11
CA ASN C 138 16.74 5.84 -16.25
C ASN C 138 16.18 6.66 -17.41
N ARG C 139 17.09 7.36 -18.08
CA ARG C 139 16.75 8.33 -19.11
C ARG C 139 17.79 8.26 -20.21
N MET C 140 17.36 8.44 -21.45
CA MET C 140 18.26 8.43 -22.59
C MET C 140 18.02 9.64 -23.47
N ILE C 141 19.09 10.17 -24.05
CA ILE C 141 19.02 11.19 -25.08
C ILE C 141 19.93 10.76 -26.22
N ARG C 142 19.36 10.61 -27.41
CA ARG C 142 20.14 10.33 -28.62
C ARG C 142 19.79 11.39 -29.66
N LEU C 143 20.81 12.13 -30.12
CA LEU C 143 20.68 13.12 -31.16
C LEU C 143 21.05 12.53 -32.51
N HIS C 144 20.43 13.05 -33.56
CA HIS C 144 20.69 12.64 -34.93
C HIS C 144 21.09 13.86 -35.76
N PRO C 145 21.89 13.66 -36.81
CA PRO C 145 22.41 14.81 -37.57
C PRO C 145 21.34 15.77 -38.07
N ASP C 146 20.15 15.28 -38.39
CA ASP C 146 19.08 16.14 -38.87
C ASP C 146 18.32 16.85 -37.75
N GLY C 147 18.73 16.68 -36.50
CA GLY C 147 18.08 17.32 -35.38
C GLY C 147 16.97 16.51 -34.75
N THR C 148 16.80 15.26 -35.14
CA THR C 148 15.87 14.36 -34.45
C THR C 148 16.39 14.03 -33.06
N VAL C 149 15.52 14.18 -32.07
CA VAL C 149 15.84 13.85 -30.68
C VAL C 149 15.08 12.60 -30.28
N LEU C 150 15.81 11.60 -29.79
N LEU C 150 15.81 11.61 -29.76
CA LEU C 150 15.23 10.41 -29.20
CA LEU C 150 15.20 10.41 -29.20
C LEU C 150 15.34 10.53 -27.68
C LEU C 150 15.35 10.48 -27.68
N TYR C 151 14.22 10.56 -26.99
CA TYR C 151 14.18 10.74 -25.55
C TYR C 151 13.45 9.56 -24.92
N GLY C 152 14.16 8.79 -24.12
CA GLY C 152 13.62 7.58 -23.52
C GLY C 152 13.59 7.67 -22.01
N LEU C 153 12.53 7.13 -21.40
CA LEU C 153 12.38 7.08 -19.96
C LEU C 153 11.90 5.69 -19.56
N ARG C 154 12.35 5.21 -18.42
CA ARG C 154 11.81 4.00 -17.83
C ARG C 154 10.90 4.42 -16.67
N ILE C 155 9.61 4.14 -16.81
CA ILE C 155 8.60 4.69 -15.91
C ILE C 155 7.82 3.52 -15.30
N THR C 156 7.54 3.63 -14.01
CA THR C 156 6.53 2.80 -13.38
C THR C 156 5.35 3.70 -13.02
N THR C 157 4.15 3.31 -13.46
CA THR C 157 2.95 4.09 -13.24
C THR C 157 1.88 3.21 -12.62
N THR C 158 1.23 3.73 -11.57
CA THR C 158 -0.05 3.21 -11.13
C THR C 158 -1.15 4.07 -11.77
N ALA C 159 -2.01 3.44 -12.57
CA ALA C 159 -2.99 4.16 -13.36
C ALA C 159 -4.39 3.66 -13.02
N ALA C 160 -5.35 4.58 -13.00
CA ALA C 160 -6.72 4.23 -12.68
C ALA C 160 -7.31 3.31 -13.74
N CYS C 161 -8.15 2.37 -13.31
CA CYS C 161 -8.89 1.52 -14.23
C CYS C 161 -10.22 1.17 -13.55
N MET C 162 -11.27 1.91 -13.91
CA MET C 162 -12.61 1.61 -13.42
C MET C 162 -13.06 0.26 -13.96
N MET C 163 -13.43 -0.65 -13.07
CA MET C 163 -13.78 -2.01 -13.43
C MET C 163 -15.27 -2.24 -13.24
N ASP C 164 -15.86 -2.99 -14.17
CA ASP C 164 -17.26 -3.43 -14.08
C ASP C 164 -17.27 -4.83 -13.46
N LEU C 165 -17.63 -4.92 -12.19
CA LEU C 165 -17.54 -6.16 -11.44
C LEU C 165 -18.88 -6.89 -11.36
N ARG C 166 -19.81 -6.58 -12.27
CA ARG C 166 -21.12 -7.22 -12.24
C ARG C 166 -21.01 -8.71 -12.53
N ARG C 167 -20.04 -9.11 -13.35
CA ARG C 167 -19.83 -10.51 -13.70
C ARG C 167 -18.67 -11.13 -12.95
N TYR C 168 -18.11 -10.43 -11.97
CA TYR C 168 -16.96 -10.92 -11.24
C TYR C 168 -17.31 -12.21 -10.52
N PRO C 169 -16.43 -13.22 -10.55
CA PRO C 169 -15.12 -13.20 -11.20
C PRO C 169 -15.08 -13.77 -12.62
N LEU C 170 -16.19 -13.70 -13.35
CA LEU C 170 -16.24 -14.10 -14.76
C LEU C 170 -16.24 -12.90 -15.67
N ASP C 171 -15.48 -11.86 -15.32
CA ASP C 171 -15.57 -10.55 -15.93
C ASP C 171 -14.42 -10.32 -16.90
N GLU C 172 -14.63 -9.38 -17.82
CA GLU C 172 -13.62 -8.90 -18.73
C GLU C 172 -13.48 -7.40 -18.53
N GLN C 173 -12.25 -6.94 -18.33
CA GLN C 173 -12.01 -5.52 -18.05
C GLN C 173 -11.24 -4.86 -19.18
N ASN C 174 -11.45 -3.56 -19.31
CA ASN C 174 -10.74 -2.69 -20.25
C ASN C 174 -9.96 -1.68 -19.42
N CYS C 175 -8.64 -1.81 -19.38
CA CYS C 175 -7.77 -0.87 -18.70
C CYS C 175 -6.96 -0.10 -19.73
N THR C 176 -6.95 1.23 -19.60
CA THR C 176 -6.31 2.11 -20.56
C THR C 176 -5.16 2.88 -19.92
N LEU C 177 -4.27 3.38 -20.77
CA LEU C 177 -3.32 4.42 -20.39
C LEU C 177 -3.52 5.59 -21.34
N GLU C 178 -3.87 6.74 -20.80
CA GLU C 178 -4.18 7.93 -21.60
C GLU C 178 -2.99 8.88 -21.58
N ILE C 179 -2.43 9.14 -22.76
CA ILE C 179 -1.21 9.93 -22.90
C ILE C 179 -1.58 11.24 -23.58
N GLU C 180 -1.19 12.36 -22.98
CA GLU C 180 -1.64 13.65 -23.48
C GLU C 180 -0.56 14.69 -23.26
N SER C 181 -0.62 15.76 -24.04
CA SER C 181 0.18 16.95 -23.79
C SER C 181 -0.49 17.81 -22.72
N TYR C 182 0.28 18.23 -21.72
CA TYR C 182 -0.32 18.97 -20.61
C TYR C 182 -0.73 20.37 -21.03
N GLY C 183 0.21 21.13 -21.60
CA GLY C 183 -0.02 22.56 -21.79
C GLY C 183 -0.05 23.00 -23.24
N TYR C 184 0.54 22.22 -24.13
CA TYR C 184 0.57 22.56 -25.55
C TYR C 184 -0.67 22.00 -26.22
N THR C 185 -1.39 22.85 -26.94
CA THR C 185 -2.53 22.43 -27.73
C THR C 185 -2.08 21.82 -29.06
N THR C 186 -3.06 21.35 -29.84
CA THR C 186 -2.76 20.82 -31.17
C THR C 186 -2.30 21.87 -32.15
N ASP C 187 -2.42 23.16 -31.81
CA ASP C 187 -1.76 24.20 -32.58
C ASP C 187 -0.24 24.11 -32.43
N ASP C 188 0.24 23.57 -31.32
CA ASP C 188 1.66 23.60 -30.99
C ASP C 188 2.33 22.23 -31.03
N ILE C 189 1.61 21.16 -30.71
N ILE C 189 1.62 21.16 -30.69
CA ILE C 189 2.19 19.83 -30.66
CA ILE C 189 2.20 19.81 -30.61
C ILE C 189 1.17 18.82 -31.17
C ILE C 189 1.18 18.81 -31.13
N GLU C 190 1.67 17.77 -31.81
CA GLU C 190 0.85 16.67 -32.29
C GLU C 190 1.51 15.35 -31.90
N PHE C 191 0.69 14.38 -31.53
CA PHE C 191 1.19 13.04 -31.19
C PHE C 191 0.79 12.04 -32.27
N TYR C 192 1.64 11.04 -32.44
CA TYR C 192 1.29 9.88 -33.25
C TYR C 192 1.99 8.65 -32.68
N TRP C 193 1.40 7.49 -32.94
CA TRP C 193 2.02 6.21 -32.64
C TRP C 193 3.08 5.91 -33.71
N ARG C 194 4.35 5.94 -33.31
CA ARG C 194 5.45 5.78 -34.27
C ARG C 194 5.56 4.31 -34.62
N GLY C 195 5.26 3.98 -35.88
CA GLY C 195 5.14 2.60 -36.30
C GLY C 195 3.72 2.09 -36.36
N GLY C 196 2.72 2.94 -36.13
CA GLY C 196 1.33 2.54 -36.13
C GLY C 196 1.07 1.44 -35.10
N ASP C 197 0.63 0.28 -35.60
CA ASP C 197 0.20 -0.80 -34.71
C ASP C 197 1.36 -1.55 -34.08
N LYS C 198 2.60 -1.24 -34.47
CA LYS C 198 3.79 -1.81 -33.87
C LYS C 198 4.46 -0.86 -32.88
N ALA C 199 3.82 0.26 -32.58
CA ALA C 199 4.43 1.25 -31.69
C ALA C 199 4.59 0.73 -30.26
N VAL C 200 3.80 -0.26 -29.87
CA VAL C 200 3.83 -0.81 -28.52
C VAL C 200 4.30 -2.24 -28.60
N THR C 201 5.41 -2.54 -27.93
CA THR C 201 5.98 -3.87 -27.90
C THR C 201 5.93 -4.42 -26.48
N GLY C 202 6.13 -5.74 -26.37
CA GLY C 202 6.28 -6.38 -25.09
C GLY C 202 4.99 -6.81 -24.44
N VAL C 203 3.87 -6.80 -25.18
CA VAL C 203 2.61 -7.26 -24.61
C VAL C 203 2.68 -8.74 -24.25
N GLU C 204 3.52 -9.50 -24.97
CA GLU C 204 3.69 -10.91 -24.67
C GLU C 204 4.41 -11.12 -23.34
N ARG C 205 5.11 -10.11 -22.84
CA ARG C 205 5.85 -10.23 -21.59
C ARG C 205 4.93 -10.22 -20.38
N ILE C 206 3.74 -9.62 -20.52
CA ILE C 206 2.84 -9.46 -19.39
C ILE C 206 2.42 -10.82 -18.88
N GLU C 207 2.67 -11.08 -17.59
CA GLU C 207 2.40 -12.37 -16.96
C GLU C 207 1.64 -12.08 -15.66
N LEU C 208 0.33 -11.88 -15.80
CA LEU C 208 -0.55 -11.73 -14.65
C LEU C 208 -1.19 -13.08 -14.35
N PRO C 209 -1.01 -13.63 -13.14
CA PRO C 209 -1.64 -14.92 -12.82
C PRO C 209 -3.15 -14.92 -13.00
N GLN C 210 -3.80 -13.82 -12.63
CA GLN C 210 -5.25 -13.76 -12.57
C GLN C 210 -5.90 -13.31 -13.87
N PHE C 211 -5.10 -12.84 -14.84
CA PHE C 211 -5.64 -12.29 -16.08
C PHE C 211 -4.83 -12.80 -17.26
N SER C 212 -5.51 -12.91 -18.40
CA SER C 212 -4.87 -13.01 -19.71
C SER C 212 -5.12 -11.73 -20.49
N ILE C 213 -4.10 -11.27 -21.20
CA ILE C 213 -4.28 -10.13 -22.12
C ILE C 213 -4.88 -10.67 -23.42
N VAL C 214 -6.13 -10.31 -23.68
CA VAL C 214 -6.80 -10.78 -24.89
C VAL C 214 -6.32 -9.98 -26.10
N GLU C 215 -6.21 -8.67 -25.95
CA GLU C 215 -6.01 -7.75 -27.06
C GLU C 215 -5.44 -6.46 -26.50
N HIS C 216 -4.70 -5.74 -27.34
CA HIS C 216 -4.38 -4.35 -27.10
C HIS C 216 -4.69 -3.53 -28.34
N ARG C 217 -5.02 -2.26 -28.13
CA ARG C 217 -5.35 -1.36 -29.22
C ARG C 217 -4.66 -0.02 -29.00
N LEU C 218 -4.35 0.64 -30.11
CA LEU C 218 -3.74 1.97 -30.10
C LEU C 218 -4.70 2.95 -30.75
N VAL C 219 -4.97 4.05 -30.06
CA VAL C 219 -5.88 5.06 -30.58
C VAL C 219 -5.19 6.41 -30.56
N SER C 220 -5.58 7.29 -31.47
CA SER C 220 -5.11 8.66 -31.55
C SER C 220 -6.32 9.55 -31.75
N ARG C 221 -6.42 10.62 -30.97
CA ARG C 221 -7.49 11.58 -31.14
C ARG C 221 -7.11 12.90 -30.51
N ASN C 222 -7.95 13.91 -30.74
CA ASN C 222 -7.83 15.21 -30.11
C ASN C 222 -8.92 15.34 -29.04
N VAL C 223 -8.53 15.88 -27.88
CA VAL C 223 -9.44 16.07 -26.76
C VAL C 223 -9.57 17.56 -26.49
N VAL C 224 -10.80 18.03 -26.40
CA VAL C 224 -11.10 19.46 -26.27
C VAL C 224 -11.43 19.77 -24.82
N PHE C 225 -10.79 20.81 -24.30
CA PHE C 225 -11.07 21.41 -23.01
C PHE C 225 -11.35 22.89 -23.18
N ALA C 226 -11.70 23.56 -22.08
CA ALA C 226 -11.94 24.99 -22.13
C ALA C 226 -10.72 25.74 -22.63
N THR C 227 -9.52 25.23 -22.35
CA THR C 227 -8.28 25.88 -22.75
C THR C 227 -7.85 25.53 -24.16
N GLY C 228 -8.52 24.59 -24.82
CA GLY C 228 -8.29 24.30 -26.21
C GLY C 228 -8.30 22.80 -26.48
N ALA C 229 -7.88 22.46 -27.70
CA ALA C 229 -7.83 21.08 -28.16
C ALA C 229 -6.42 20.51 -27.94
N TYR C 230 -6.35 19.33 -27.34
CA TYR C 230 -5.07 18.74 -26.99
C TYR C 230 -4.90 17.38 -27.65
N PRO C 231 -3.68 17.03 -28.07
CA PRO C 231 -3.43 15.71 -28.64
C PRO C 231 -3.49 14.62 -27.58
N ARG C 232 -4.05 13.48 -27.97
CA ARG C 232 -4.21 12.34 -27.07
C ARG C 232 -3.76 11.07 -27.78
N LEU C 233 -3.02 10.23 -27.06
CA LEU C 233 -2.79 8.85 -27.44
C LEU C 233 -3.31 7.94 -26.33
N SER C 234 -4.00 6.87 -26.74
N SER C 234 -3.99 6.87 -26.73
CA SER C 234 -4.61 5.93 -25.80
CA SER C 234 -4.61 5.93 -25.79
C SER C 234 -4.08 4.53 -26.08
C SER C 234 -4.10 4.52 -26.08
N LEU C 235 -3.60 3.86 -25.04
CA LEU C 235 -3.26 2.45 -25.08
C LEU C 235 -4.20 1.72 -24.14
N SER C 236 -4.91 0.73 -24.66
CA SER C 236 -5.84 -0.05 -23.87
C SER C 236 -5.55 -1.53 -23.99
N PHE C 237 -5.91 -2.28 -22.95
CA PHE C 237 -5.80 -3.72 -22.92
C PHE C 237 -7.14 -4.32 -22.53
N ARG C 238 -7.45 -5.48 -23.11
CA ARG C 238 -8.60 -6.27 -22.69
C ARG C 238 -8.11 -7.41 -21.81
N LEU C 239 -8.53 -7.42 -20.55
N LEU C 239 -8.54 -7.41 -20.55
CA LEU C 239 -8.08 -8.41 -19.59
CA LEU C 239 -8.11 -8.40 -19.58
C LEU C 239 -9.23 -9.37 -19.29
C LEU C 239 -9.25 -9.38 -19.32
N LYS C 240 -8.97 -10.67 -19.44
CA LYS C 240 -9.94 -11.71 -19.16
C LYS C 240 -9.50 -12.45 -17.90
N ARG C 241 -10.35 -12.43 -16.88
CA ARG C 241 -10.02 -13.05 -15.60
C ARG C 241 -9.96 -14.57 -15.76
N ASN C 242 -8.93 -15.18 -15.20
CA ASN C 242 -8.86 -16.64 -15.13
C ASN C 242 -9.73 -17.16 -13.99
N ILE C 243 -10.63 -18.08 -14.33
CA ILE C 243 -11.59 -18.59 -13.35
C ILE C 243 -10.93 -19.51 -12.33
N GLY C 244 -9.84 -20.18 -12.72
CA GLY C 244 -9.35 -21.32 -11.95
C GLY C 244 -9.20 -21.06 -10.47
N TYR C 245 -8.60 -19.92 -10.10
CA TYR C 245 -8.39 -19.61 -8.68
C TYR C 245 -9.72 -19.55 -7.95
N PHE C 246 -10.75 -18.98 -8.59
CA PHE C 246 -12.03 -18.73 -7.94
C PHE C 246 -12.83 -20.02 -7.78
N ILE C 247 -12.77 -20.91 -8.79
CA ILE C 247 -13.32 -22.25 -8.64
C ILE C 247 -12.81 -22.89 -7.36
N LEU C 248 -11.51 -22.80 -7.12
CA LEU C 248 -10.90 -23.51 -6.00
C LEU C 248 -11.17 -22.79 -4.70
N GLN C 249 -11.15 -21.45 -4.70
CA GLN C 249 -11.16 -20.69 -3.46
C GLN C 249 -12.57 -20.49 -2.92
N THR C 250 -13.54 -20.22 -3.79
CA THR C 250 -14.89 -19.88 -3.36
C THR C 250 -15.95 -20.86 -3.84
N TYR C 251 -15.92 -21.22 -5.13
CA TYR C 251 -16.97 -22.07 -5.69
C TYR C 251 -16.96 -23.46 -5.08
N MET C 252 -15.77 -24.09 -5.02
CA MET C 252 -15.71 -25.46 -4.52
C MET C 252 -16.09 -25.56 -3.05
N PRO C 253 -15.55 -24.73 -2.14
CA PRO C 253 -16.04 -24.80 -0.74
C PRO C 253 -17.56 -24.66 -0.62
N SER C 254 -18.18 -23.78 -1.41
CA SER C 254 -19.62 -23.62 -1.35
C SER C 254 -20.34 -24.89 -1.79
N ILE C 255 -19.84 -25.54 -2.85
CA ILE C 255 -20.41 -26.80 -3.30
C ILE C 255 -20.28 -27.85 -2.20
N LEU C 256 -19.12 -27.91 -1.55
CA LEU C 256 -18.87 -28.94 -0.54
C LEU C 256 -19.72 -28.71 0.70
N ILE C 257 -19.95 -27.45 1.08
CA ILE C 257 -20.83 -27.15 2.20
C ILE C 257 -22.26 -27.56 1.86
N THR C 258 -22.69 -27.27 0.62
CA THR C 258 -24.06 -27.60 0.22
C THR C 258 -24.28 -29.11 0.23
N ILE C 259 -23.30 -29.88 -0.26
CA ILE C 259 -23.40 -31.33 -0.22
C ILE C 259 -23.45 -31.81 1.23
N LEU C 260 -22.60 -31.23 2.08
CA LEU C 260 -22.59 -31.57 3.50
C LEU C 260 -23.97 -31.40 4.10
N SER C 261 -24.68 -30.34 3.71
CA SER C 261 -26.01 -30.08 4.27
C SER C 261 -26.97 -31.22 4.00
N TRP C 262 -26.77 -31.95 2.89
CA TRP C 262 -27.69 -33.00 2.48
C TRP C 262 -27.54 -34.27 3.32
N VAL C 263 -26.37 -34.46 3.93
CA VAL C 263 -26.14 -35.62 4.81
C VAL C 263 -27.26 -35.74 5.83
N SER C 264 -27.77 -34.59 6.31
CA SER C 264 -28.86 -34.57 7.28
C SER C 264 -30.02 -35.47 6.86
N PHE C 265 -30.34 -35.51 5.56
CA PHE C 265 -31.54 -36.20 5.12
C PHE C 265 -31.42 -37.71 5.25
N TRP C 266 -30.19 -38.23 5.41
CA TRP C 266 -29.98 -39.66 5.62
CA TRP C 266 -29.98 -39.66 5.62
C TRP C 266 -29.88 -40.03 7.09
N ILE C 267 -30.06 -39.06 8.00
CA ILE C 267 -30.01 -39.31 9.43
C ILE C 267 -31.43 -39.47 9.95
N ASN C 268 -31.58 -40.32 10.97
CA ASN C 268 -32.89 -40.55 11.56
C ASN C 268 -33.43 -39.27 12.18
N TYR C 269 -34.75 -39.10 12.10
CA TYR C 269 -35.38 -37.88 12.57
C TYR C 269 -35.34 -37.74 14.08
N ASP C 270 -35.04 -38.81 14.81
CA ASP C 270 -34.89 -38.72 16.25
C ASP C 270 -33.55 -38.15 16.67
N ALA C 271 -32.58 -38.14 15.75
CA ALA C 271 -31.24 -37.61 16.01
C ALA C 271 -31.26 -36.08 15.91
N SER C 272 -31.97 -35.47 16.86
CA SER C 272 -32.23 -34.04 16.77
C SER C 272 -30.94 -33.24 16.87
N ALA C 273 -30.07 -33.59 17.82
CA ALA C 273 -28.82 -32.87 17.98
C ALA C 273 -27.97 -32.96 16.72
N ALA C 274 -27.87 -34.16 16.14
CA ALA C 274 -27.02 -34.36 14.96
C ALA C 274 -27.54 -33.55 13.77
N ARG C 275 -28.84 -33.62 13.51
CA ARG C 275 -29.39 -33.01 12.30
C ARG C 275 -29.46 -31.50 12.43
N VAL C 276 -29.74 -31.00 13.64
CA VAL C 276 -29.75 -29.55 13.86
C VAL C 276 -28.33 -29.01 13.77
N ALA C 277 -27.35 -29.77 14.26
CA ALA C 277 -25.95 -29.35 14.17
C ALA C 277 -25.54 -29.19 12.72
N LEU C 278 -25.90 -30.15 11.87
CA LEU C 278 -25.58 -30.06 10.45
C LEU C 278 -26.19 -28.80 9.84
N GLY C 279 -27.46 -28.52 10.16
CA GLY C 279 -28.11 -27.34 9.63
C GLY C 279 -27.40 -26.06 10.02
N ILE C 280 -27.11 -25.91 11.32
CA ILE C 280 -26.46 -24.69 11.81
C ILE C 280 -25.10 -24.51 11.17
N THR C 281 -24.25 -25.53 11.25
CA THR C 281 -22.85 -25.39 10.84
C THR C 281 -22.74 -25.01 9.37
N THR C 282 -23.59 -25.59 8.52
CA THR C 282 -23.54 -25.29 7.09
C THR C 282 -24.04 -23.88 6.82
N VAL C 283 -25.13 -23.49 7.49
CA VAL C 283 -25.68 -22.15 7.32
C VAL C 283 -24.66 -21.11 7.75
N LEU C 284 -24.04 -21.31 8.91
CA LEU C 284 -23.11 -20.32 9.45
C LEU C 284 -21.82 -20.30 8.65
N THR C 285 -21.36 -21.46 8.17
CA THR C 285 -20.17 -21.49 7.31
C THR C 285 -20.41 -20.69 6.04
N MET C 286 -21.62 -20.76 5.48
CA MET C 286 -21.92 -20.02 4.27
C MET C 286 -21.95 -18.52 4.52
N THR C 287 -22.30 -18.11 5.74
CA THR C 287 -22.25 -16.69 6.08
C THR C 287 -20.82 -16.21 6.20
N THR C 288 -19.96 -17.00 6.87
CA THR C 288 -18.56 -16.61 7.03
C THR C 288 -17.87 -16.51 5.67
N ILE C 289 -18.20 -17.42 4.75
CA ILE C 289 -17.61 -17.39 3.42
C ILE C 289 -18.03 -16.14 2.68
N ASN C 290 -19.32 -15.81 2.74
CA ASN C 290 -19.84 -14.62 2.07
C ASN C 290 -19.15 -13.37 2.58
N THR C 291 -19.19 -13.16 3.90
CA THR C 291 -18.69 -11.90 4.48
C THR C 291 -17.20 -11.76 4.27
N HIS C 292 -16.44 -12.85 4.45
CA HIS C 292 -15.01 -12.83 4.17
C HIS C 292 -14.74 -12.39 2.74
N LEU C 293 -15.45 -12.99 1.77
CA LEU C 293 -15.18 -12.71 0.36
C LEU C 293 -15.29 -11.21 0.07
N ARG C 294 -16.37 -10.58 0.54
CA ARG C 294 -16.64 -9.19 0.17
C ARG C 294 -15.72 -8.21 0.89
N GLU C 295 -14.97 -8.68 1.89
CA GLU C 295 -13.93 -7.89 2.53
C GLU C 295 -12.64 -7.86 1.73
N THR C 296 -12.53 -8.68 0.69
CA THR C 296 -11.39 -8.68 -0.22
C THR C 296 -11.59 -7.75 -1.40
N LEU C 297 -12.74 -7.11 -1.50
CA LEU C 297 -13.21 -6.39 -2.68
C LEU C 297 -13.66 -5.01 -2.25
N PRO C 298 -13.78 -4.07 -3.19
CA PRO C 298 -14.30 -2.75 -2.83
C PRO C 298 -15.78 -2.79 -2.46
N LYS C 299 -16.21 -1.74 -1.76
CA LYS C 299 -17.56 -1.64 -1.20
C LYS C 299 -18.54 -1.18 -2.28
N ILE C 300 -18.74 -2.03 -3.27
CA ILE C 300 -19.64 -1.74 -4.38
C ILE C 300 -21.08 -1.99 -3.92
N PRO C 301 -22.05 -1.22 -4.41
CA PRO C 301 -23.44 -1.40 -3.99
C PRO C 301 -24.24 -2.44 -4.77
N TYR C 302 -23.68 -3.06 -5.79
CA TYR C 302 -24.44 -3.97 -6.64
C TYR C 302 -24.03 -5.42 -6.37
N VAL C 303 -24.84 -6.33 -6.89
CA VAL C 303 -24.63 -7.76 -6.71
C VAL C 303 -23.75 -8.28 -7.84
N LYS C 304 -22.70 -9.01 -7.48
CA LYS C 304 -21.80 -9.63 -8.44
C LYS C 304 -22.29 -11.03 -8.82
N ALA C 305 -21.59 -11.63 -9.78
CA ALA C 305 -21.89 -13.02 -10.14
C ALA C 305 -21.63 -13.96 -8.97
N ILE C 306 -20.52 -13.76 -8.26
CA ILE C 306 -20.17 -14.64 -7.15
C ILE C 306 -21.17 -14.50 -6.02
N ASP C 307 -21.65 -13.27 -5.77
CA ASP C 307 -22.71 -13.05 -4.79
C ASP C 307 -23.95 -13.88 -5.12
N MET C 308 -24.32 -13.93 -6.41
CA MET C 308 -25.50 -14.69 -6.80
C MET C 308 -25.33 -16.16 -6.48
N TYR C 309 -24.14 -16.70 -6.73
CA TYR C 309 -23.88 -18.11 -6.44
C TYR C 309 -24.00 -18.38 -4.94
N LEU C 310 -23.34 -17.54 -4.13
CA LEU C 310 -23.32 -17.75 -2.68
C LEU C 310 -24.73 -17.61 -2.11
N MET C 311 -25.53 -16.70 -2.67
CA MET C 311 -26.90 -16.54 -2.21
C MET C 311 -27.73 -17.77 -2.56
N GLY C 312 -27.52 -18.33 -3.75
CA GLY C 312 -28.18 -19.58 -4.08
C GLY C 312 -27.79 -20.70 -3.14
N CYS C 313 -26.48 -20.83 -2.86
CA CYS C 313 -26.02 -21.89 -1.98
C CYS C 313 -26.58 -21.72 -0.58
N PHE C 314 -26.63 -20.46 -0.11
CA PHE C 314 -27.19 -20.18 1.21
C PHE C 314 -28.64 -20.66 1.29
N VAL C 315 -29.43 -20.38 0.25
CA VAL C 315 -30.84 -20.74 0.25
C VAL C 315 -30.99 -22.26 0.33
N PHE C 316 -30.15 -23.00 -0.39
CA PHE C 316 -30.23 -24.46 -0.35
C PHE C 316 -29.98 -24.96 1.07
N VAL C 317 -28.89 -24.51 1.70
CA VAL C 317 -28.51 -25.08 2.98
C VAL C 317 -29.49 -24.62 4.06
N PHE C 318 -30.01 -23.40 3.93
CA PHE C 318 -31.02 -22.90 4.88
C PHE C 318 -32.31 -23.71 4.78
N LEU C 319 -32.74 -24.00 3.55
CA LEU C 319 -33.93 -24.81 3.35
C LEU C 319 -33.73 -26.23 3.86
N ALA C 320 -32.50 -26.75 3.79
CA ALA C 320 -32.23 -28.10 4.31
C ALA C 320 -32.47 -28.14 5.81
N LEU C 321 -32.06 -27.10 6.52
CA LEU C 321 -32.32 -27.03 7.96
C LEU C 321 -33.82 -26.87 8.21
N LEU C 322 -34.46 -25.99 7.44
CA LEU C 322 -35.91 -25.78 7.58
C LEU C 322 -36.67 -27.05 7.26
N GLU C 323 -36.16 -27.86 6.32
CA GLU C 323 -36.78 -29.15 6.05
C GLU C 323 -36.83 -30.00 7.31
N TYR C 324 -35.74 -30.00 8.09
CA TYR C 324 -35.71 -30.80 9.31
C TYR C 324 -36.67 -30.23 10.35
N ALA C 325 -36.71 -28.89 10.46
CA ALA C 325 -37.67 -28.26 11.36
C ALA C 325 -39.07 -28.72 11.03
N PHE C 326 -39.39 -28.81 9.74
CA PHE C 326 -40.72 -29.27 9.32
C PHE C 326 -40.92 -30.73 9.71
N VAL C 327 -39.93 -31.58 9.43
CA VAL C 327 -40.02 -32.98 9.82
C VAL C 327 -40.18 -33.07 11.34
N ASN C 328 -39.32 -32.35 12.06
CA ASN C 328 -39.37 -32.33 13.52
C ASN C 328 -40.75 -31.87 13.97
N TYR C 329 -41.31 -30.87 13.27
CA TYR C 329 -42.57 -30.24 13.66
C TYR C 329 -43.73 -31.22 13.66
N ILE C 330 -43.72 -32.25 12.83
CA ILE C 330 -44.95 -33.02 12.71
C ILE C 330 -44.76 -34.39 13.34
N PHE C 331 -43.53 -34.82 13.57
CA PHE C 331 -43.32 -36.19 14.00
C PHE C 331 -43.78 -36.31 15.45
N PHE C 332 -43.75 -35.17 16.15
CA PHE C 332 -44.18 -34.99 17.53
C PHE C 332 -45.51 -34.25 17.58
N ALA C 447 -41.01 -40.08 4.66
CA ALA C 447 -41.27 -39.82 3.25
C ALA C 447 -40.68 -38.48 2.83
N ILE C 448 -40.82 -37.49 3.72
CA ILE C 448 -40.30 -36.15 3.44
C ILE C 448 -38.79 -36.17 3.29
N ASP C 449 -38.11 -36.93 4.16
CA ASP C 449 -36.66 -37.06 4.04
C ASP C 449 -36.29 -37.72 2.72
N ARG C 450 -36.99 -38.79 2.35
CA ARG C 450 -36.66 -39.49 1.10
C ARG C 450 -36.84 -38.56 -0.10
N TRP C 451 -37.91 -37.77 -0.07
CA TRP C 451 -38.15 -36.77 -1.12
C TRP C 451 -37.03 -35.73 -1.16
N SER C 452 -36.54 -35.33 0.02
CA SER C 452 -35.42 -34.39 0.07
C SER C 452 -34.15 -35.02 -0.49
N ARG C 453 -33.95 -36.32 -0.28
CA ARG C 453 -32.73 -36.96 -0.75
C ARG C 453 -32.58 -36.90 -2.27
N ILE C 454 -33.70 -36.83 -3.00
CA ILE C 454 -33.65 -36.76 -4.45
C ILE C 454 -33.83 -35.33 -4.95
N VAL C 455 -34.77 -34.59 -4.39
CA VAL C 455 -35.17 -33.30 -4.94
C VAL C 455 -34.08 -32.26 -4.71
N PHE C 456 -33.43 -32.30 -3.54
CA PHE C 456 -32.40 -31.29 -3.23
C PHE C 456 -31.19 -31.40 -4.14
N PRO C 457 -30.54 -32.56 -4.28
CA PRO C 457 -29.38 -32.61 -5.20
C PRO C 457 -29.76 -32.24 -6.63
N PHE C 458 -30.94 -32.68 -7.06
CA PHE C 458 -31.38 -32.39 -8.43
C PHE C 458 -31.61 -30.90 -8.63
N THR C 459 -32.20 -30.22 -7.64
CA THR C 459 -32.42 -28.78 -7.73
C THR C 459 -31.10 -28.03 -7.76
N PHE C 460 -30.13 -28.47 -6.96
CA PHE C 460 -28.80 -27.86 -6.99
C PHE C 460 -28.16 -27.99 -8.36
N SER C 461 -28.38 -29.14 -9.01
CA SER C 461 -27.86 -29.34 -10.37
C SER C 461 -28.51 -28.34 -11.33
N LEU C 462 -29.83 -28.18 -11.23
CA LEU C 462 -30.52 -27.18 -12.04
C LEU C 462 -29.96 -25.79 -11.78
N PHE C 463 -29.83 -25.42 -10.50
CA PHE C 463 -29.30 -24.11 -10.15
C PHE C 463 -27.94 -23.89 -10.80
N ASN C 464 -27.05 -24.88 -10.69
CA ASN C 464 -25.70 -24.75 -11.26
C ASN C 464 -25.78 -24.63 -12.77
N LEU C 465 -26.64 -25.44 -13.40
CA LEU C 465 -26.75 -25.42 -14.86
C LEU C 465 -27.13 -24.02 -15.35
N VAL C 466 -28.20 -23.45 -14.77
CA VAL C 466 -28.66 -22.13 -15.18
C VAL C 466 -27.56 -21.11 -14.95
N TYR C 467 -26.94 -21.15 -13.77
CA TYR C 467 -25.91 -20.17 -13.41
C TYR C 467 -24.76 -20.20 -14.42
N TRP C 468 -24.15 -21.37 -14.61
CA TRP C 468 -22.93 -21.45 -15.40
C TRP C 468 -23.20 -21.25 -16.89
N LEU C 469 -24.43 -21.48 -17.34
CA LEU C 469 -24.79 -21.17 -18.72
C LEU C 469 -24.92 -19.66 -18.92
N TYR C 470 -25.58 -19.00 -17.97
CA TYR C 470 -25.80 -17.56 -18.09
C TYR C 470 -24.47 -16.80 -18.12
N TYR C 471 -23.49 -17.24 -17.33
CA TYR C 471 -22.29 -16.47 -17.06
C TYR C 471 -21.07 -16.97 -17.83
N VAL C 472 -21.03 -18.24 -18.21
CA VAL C 472 -19.99 -18.73 -19.10
C VAL C 472 -20.55 -18.86 -20.52
N GLY D 32 50.84 14.81 -0.34
CA GLY D 32 51.12 15.55 0.87
C GLY D 32 50.89 17.04 0.73
N ASN D 33 51.43 17.62 -0.34
CA ASN D 33 51.16 19.01 -0.69
C ASN D 33 49.74 19.12 -1.22
N MET D 34 48.85 19.73 -0.43
CA MET D 34 47.44 19.76 -0.80
C MET D 34 47.18 20.77 -1.91
N SER D 35 47.98 21.84 -1.98
CA SER D 35 47.88 22.77 -3.10
C SER D 35 48.28 22.11 -4.41
N PHE D 36 49.28 21.23 -4.36
CA PHE D 36 49.70 20.49 -5.56
C PHE D 36 48.60 19.52 -6.00
N VAL D 37 48.03 18.78 -5.05
CA VAL D 37 46.95 17.85 -5.39
C VAL D 37 45.73 18.62 -5.89
N LYS D 38 45.41 19.75 -5.24
CA LYS D 38 44.27 20.55 -5.68
C LYS D 38 44.48 21.05 -7.10
N GLU D 39 45.69 21.50 -7.42
CA GLU D 39 46.02 21.96 -8.77
C GLU D 39 45.82 20.82 -9.78
N THR D 40 46.40 19.65 -9.48
CA THR D 40 46.27 18.50 -10.37
C THR D 40 44.82 18.17 -10.65
N VAL D 41 43.99 18.09 -9.59
CA VAL D 41 42.60 17.69 -9.76
C VAL D 41 41.83 18.77 -10.50
N ASP D 42 42.07 20.04 -10.16
CA ASP D 42 41.43 21.13 -10.89
C ASP D 42 41.73 21.05 -12.38
N LYS D 43 42.98 20.72 -12.73
CA LYS D 43 43.37 20.61 -14.13
C LYS D 43 42.61 19.46 -14.80
N LEU D 44 42.46 18.34 -14.09
CA LEU D 44 41.71 17.20 -14.63
C LEU D 44 40.30 17.60 -15.02
N LEU D 45 39.65 18.42 -14.20
CA LEU D 45 38.24 18.73 -14.38
C LEU D 45 38.03 20.00 -15.20
N LYS D 46 39.11 20.69 -15.57
CA LYS D 46 39.00 21.89 -16.37
C LYS D 46 38.64 21.52 -17.80
N GLY D 47 37.50 22.01 -18.28
CA GLY D 47 37.05 21.67 -19.61
C GLY D 47 36.58 20.24 -19.76
N TYR D 48 36.36 19.53 -18.65
CA TYR D 48 35.84 18.17 -18.71
C TYR D 48 34.37 18.22 -19.10
N ASP D 49 34.01 17.46 -20.14
CA ASP D 49 32.63 17.40 -20.62
C ASP D 49 31.99 16.11 -20.14
N ILE D 50 31.11 16.22 -19.14
CA ILE D 50 30.38 15.07 -18.62
C ILE D 50 29.49 14.43 -19.67
N ARG D 51 29.16 15.16 -20.74
CA ARG D 51 28.23 14.65 -21.74
C ARG D 51 28.84 13.54 -22.59
N LEU D 52 30.17 13.50 -22.69
CA LEU D 52 30.86 12.60 -23.60
C LEU D 52 31.47 11.46 -22.81
N ARG D 53 31.17 10.22 -23.22
CA ARG D 53 31.82 9.06 -22.63
C ARG D 53 33.31 9.08 -22.93
N PRO D 54 34.11 8.41 -22.10
CA PRO D 54 35.53 8.19 -22.45
C PRO D 54 35.67 7.54 -23.81
N ASP D 55 36.61 8.05 -24.60
CA ASP D 55 36.88 7.54 -25.95
C ASP D 55 35.67 7.68 -26.86
N PHE D 56 34.84 8.70 -26.61
CA PHE D 56 33.72 9.03 -27.48
C PHE D 56 34.14 8.95 -28.95
N GLY D 57 33.34 8.25 -29.74
CA GLY D 57 33.63 8.09 -31.15
C GLY D 57 34.64 7.03 -31.46
N GLY D 58 35.22 6.39 -30.44
CA GLY D 58 36.23 5.37 -30.61
C GLY D 58 35.71 4.03 -30.16
N PRO D 59 36.61 3.11 -29.82
CA PRO D 59 36.19 1.79 -29.34
C PRO D 59 35.38 1.93 -28.06
N PRO D 60 34.53 0.94 -27.75
CA PRO D 60 33.71 1.05 -26.54
C PRO D 60 34.57 1.10 -25.28
N VAL D 61 34.05 1.80 -24.27
CA VAL D 61 34.66 1.78 -22.95
C VAL D 61 34.27 0.48 -22.25
N CYS D 62 35.27 -0.22 -21.73
CA CYS D 62 35.04 -1.47 -20.99
C CYS D 62 34.79 -1.11 -19.53
N VAL D 63 33.64 -1.52 -19.00
CA VAL D 63 33.26 -1.26 -17.62
C VAL D 63 33.23 -2.58 -16.87
N GLY D 64 34.09 -2.70 -15.87
CA GLY D 64 34.12 -3.88 -15.01
C GLY D 64 33.22 -3.68 -13.80
N MET D 65 32.48 -4.72 -13.45
CA MET D 65 31.51 -4.64 -12.37
C MET D 65 31.73 -5.76 -11.37
N ASN D 66 31.77 -5.43 -10.10
CA ASN D 66 31.82 -6.41 -9.03
C ASN D 66 30.80 -6.04 -7.96
N ILE D 67 30.19 -7.05 -7.36
CA ILE D 67 29.13 -6.89 -6.39
C ILE D 67 29.55 -7.56 -5.09
N ASP D 68 29.32 -6.88 -3.97
CA ASP D 68 29.42 -7.47 -2.65
C ASP D 68 28.03 -7.46 -2.02
N ILE D 69 27.46 -8.65 -1.84
CA ILE D 69 26.11 -8.78 -1.32
C ILE D 69 26.13 -8.55 0.18
N ALA D 70 25.31 -7.59 0.64
CA ALA D 70 25.17 -7.33 2.06
C ALA D 70 24.08 -8.19 2.69
N SER D 71 22.94 -8.32 2.03
CA SER D 71 21.79 -9.01 2.57
C SER D 71 20.80 -9.26 1.44
N ILE D 72 19.98 -10.29 1.61
CA ILE D 72 18.68 -10.38 0.96
C ILE D 72 17.62 -10.31 2.05
N ASP D 73 16.95 -9.16 2.14
CA ASP D 73 16.12 -8.87 3.30
C ASP D 73 14.84 -9.68 3.29
N MET D 74 14.22 -9.84 2.12
CA MET D 74 12.86 -10.35 2.00
C MET D 74 12.72 -11.06 0.67
N VAL D 75 11.91 -12.11 0.67
CA VAL D 75 11.42 -12.74 -0.55
C VAL D 75 9.91 -12.86 -0.43
N SER D 76 9.20 -12.27 -1.40
CA SER D 76 7.75 -12.19 -1.36
C SER D 76 7.16 -13.03 -2.48
N GLU D 77 6.41 -14.06 -2.11
CA GLU D 77 5.61 -14.80 -3.09
C GLU D 77 4.44 -13.97 -3.59
N VAL D 78 3.78 -13.21 -2.70
CA VAL D 78 2.60 -12.47 -3.10
C VAL D 78 2.94 -11.40 -4.11
N ASN D 79 4.06 -10.70 -3.92
CA ASN D 79 4.48 -9.67 -4.85
C ASN D 79 5.45 -10.21 -5.91
N MET D 80 5.85 -11.48 -5.80
CA MET D 80 6.82 -12.10 -6.71
C MET D 80 8.03 -11.19 -6.91
N ASP D 81 8.71 -10.92 -5.80
CA ASP D 81 9.91 -10.09 -5.81
C ASP D 81 10.76 -10.41 -4.59
N TYR D 82 11.96 -9.86 -4.58
CA TYR D 82 12.89 -10.00 -3.48
C TYR D 82 13.63 -8.68 -3.30
N THR D 83 14.17 -8.47 -2.11
CA THR D 83 14.86 -7.24 -1.78
C THR D 83 16.31 -7.53 -1.46
N LEU D 84 17.21 -6.89 -2.20
CA LEU D 84 18.64 -7.13 -2.12
C LEU D 84 19.34 -5.85 -1.70
N THR D 85 20.32 -5.97 -0.81
CA THR D 85 21.24 -4.88 -0.52
C THR D 85 22.65 -5.32 -0.90
N MET D 86 23.35 -4.46 -1.62
CA MET D 86 24.65 -4.80 -2.15
C MET D 86 25.53 -3.56 -2.24
N TYR D 87 26.83 -3.80 -2.30
CA TYR D 87 27.81 -2.78 -2.69
C TYR D 87 28.13 -2.98 -4.17
N PHE D 88 27.71 -2.02 -4.99
CA PHE D 88 27.81 -2.12 -6.44
C PHE D 88 28.97 -1.25 -6.90
N GLN D 89 29.99 -1.86 -7.49
CA GLN D 89 31.20 -1.16 -7.90
C GLN D 89 31.40 -1.27 -9.39
N GLN D 90 31.79 -0.16 -10.02
CA GLN D 90 32.05 -0.09 -11.44
C GLN D 90 33.48 0.36 -11.68
N TYR D 91 34.16 -0.32 -12.59
N TYR D 91 34.12 -0.24 -12.68
CA TYR D 91 35.55 -0.05 -12.94
CA TYR D 91 35.54 -0.07 -12.94
C TYR D 91 35.63 0.31 -14.42
C TYR D 91 35.74 0.24 -14.41
N TRP D 92 36.26 1.44 -14.70
CA TRP D 92 36.49 1.83 -16.09
C TRP D 92 37.66 2.80 -16.13
N ARG D 93 38.22 2.97 -17.32
CA ARG D 93 39.36 3.86 -17.53
C ARG D 93 38.89 5.09 -18.32
N ASP D 94 39.20 6.27 -17.79
CA ASP D 94 38.88 7.54 -18.44
C ASP D 94 40.19 8.30 -18.59
N LYS D 95 40.75 8.29 -19.80
CA LYS D 95 42.04 8.93 -20.04
C LYS D 95 42.02 10.43 -19.78
N ARG D 96 40.84 11.04 -19.74
CA ARG D 96 40.75 12.45 -19.38
C ARG D 96 41.15 12.71 -17.92
N LEU D 97 41.12 11.68 -17.07
CA LEU D 97 41.39 11.84 -15.65
C LEU D 97 42.76 11.34 -15.26
N ALA D 98 43.59 10.94 -16.22
CA ALA D 98 44.94 10.49 -15.93
C ALA D 98 45.77 11.63 -15.37
N TYR D 99 46.57 11.31 -14.35
CA TYR D 99 47.43 12.30 -13.70
C TYR D 99 48.80 11.69 -13.45
N SER D 100 49.81 12.54 -13.46
CA SER D 100 51.20 12.13 -13.28
C SER D 100 51.79 12.82 -12.06
N GLY D 101 52.89 12.25 -11.57
CA GLY D 101 53.66 12.86 -10.51
C GLY D 101 53.07 12.69 -9.13
N ILE D 102 52.07 11.83 -8.99
CA ILE D 102 51.48 11.47 -7.70
C ILE D 102 51.35 9.96 -7.66
N PRO D 103 52.22 9.25 -6.93
CA PRO D 103 52.13 7.78 -6.84
C PRO D 103 51.16 7.31 -5.76
N LEU D 104 49.93 7.82 -5.82
CA LEU D 104 48.86 7.42 -4.92
C LEU D 104 47.59 7.21 -5.73
N ASN D 105 46.69 6.41 -5.18
CA ASN D 105 45.30 6.44 -5.61
C ASN D 105 44.54 7.48 -4.80
N LEU D 106 43.86 8.38 -5.49
CA LEU D 106 43.15 9.49 -4.87
C LEU D 106 41.73 9.04 -4.55
N THR D 107 41.42 8.93 -3.26
CA THR D 107 40.04 8.81 -2.82
C THR D 107 39.46 10.21 -2.65
N LEU D 108 38.41 10.51 -3.40
CA LEU D 108 37.80 11.83 -3.43
C LEU D 108 36.44 11.80 -2.76
N ASP D 109 36.04 12.96 -2.23
CA ASP D 109 34.71 13.10 -1.66
C ASP D 109 33.66 12.69 -2.69
N ASN D 110 32.61 12.02 -2.22
CA ASN D 110 31.63 11.42 -3.13
C ASN D 110 30.93 12.46 -4.00
N ARG D 111 30.93 13.73 -3.60
CA ARG D 111 30.29 14.77 -4.40
C ARG D 111 31.00 15.02 -5.73
N VAL D 112 32.24 14.56 -5.88
CA VAL D 112 32.94 14.71 -7.15
C VAL D 112 32.26 13.90 -8.24
N ALA D 113 31.52 12.84 -7.87
CA ALA D 113 30.84 12.01 -8.86
C ALA D 113 29.93 12.83 -9.77
N ASP D 114 29.40 13.94 -9.26
CA ASP D 114 28.50 14.79 -10.04
C ASP D 114 29.24 15.56 -11.13
N GLN D 115 30.56 15.62 -11.08
CA GLN D 115 31.35 16.32 -12.08
C GLN D 115 32.01 15.38 -13.08
N LEU D 116 31.78 14.07 -12.95
CA LEU D 116 32.41 13.07 -13.79
C LEU D 116 31.36 12.39 -14.66
N TRP D 117 31.80 11.87 -15.80
CA TRP D 117 31.00 10.87 -16.50
C TRP D 117 30.96 9.59 -15.69
N VAL D 118 29.78 9.00 -15.58
CA VAL D 118 29.66 7.63 -15.07
C VAL D 118 28.76 6.84 -16.01
N PRO D 119 28.89 5.51 -16.01
CA PRO D 119 28.03 4.70 -16.86
C PRO D 119 26.56 4.87 -16.49
N ASP D 120 25.70 4.63 -17.46
CA ASP D 120 24.25 4.74 -17.26
C ASP D 120 23.65 3.37 -16.94
N THR D 121 24.23 2.74 -15.93
CA THR D 121 23.84 1.39 -15.55
C THR D 121 22.50 1.40 -14.82
N TYR D 122 21.65 0.44 -15.15
CA TYR D 122 20.37 0.28 -14.46
C TYR D 122 20.09 -1.22 -14.31
N PHE D 123 19.10 -1.52 -13.47
CA PHE D 123 18.68 -2.88 -13.21
C PHE D 123 17.33 -3.11 -13.89
N LEU D 124 17.35 -3.89 -14.97
CA LEU D 124 16.19 -3.97 -15.85
C LEU D 124 14.99 -4.59 -15.17
N ASN D 125 15.19 -5.49 -14.20
CA ASN D 125 14.09 -6.15 -13.53
C ASN D 125 13.87 -5.61 -12.12
N ASP D 126 14.36 -4.42 -11.82
CA ASP D 126 14.11 -3.81 -10.52
C ASP D 126 12.74 -3.16 -10.46
N LYS D 127 12.14 -3.20 -9.28
CA LYS D 127 10.85 -2.56 -9.04
C LYS D 127 11.01 -1.22 -8.32
N LYS D 128 11.93 -1.14 -7.36
CA LYS D 128 12.16 0.07 -6.61
C LYS D 128 13.53 -0.01 -5.98
N SER D 129 14.35 1.03 -6.18
CA SER D 129 15.72 1.03 -5.71
C SER D 129 16.08 2.43 -5.24
N PHE D 130 17.06 2.49 -4.33
CA PHE D 130 17.58 3.75 -3.86
C PHE D 130 19.02 3.59 -3.42
N VAL D 131 19.79 4.67 -3.51
CA VAL D 131 21.11 4.77 -2.90
C VAL D 131 20.96 5.30 -1.48
N HIS D 132 21.54 4.59 -0.51
CA HIS D 132 21.50 5.02 0.87
C HIS D 132 22.13 6.41 1.03
N GLY D 133 21.54 7.21 1.91
CA GLY D 133 21.90 8.63 1.97
C GLY D 133 22.39 9.17 3.30
N VAL D 134 22.56 8.31 4.30
CA VAL D 134 23.01 8.72 5.62
C VAL D 134 24.37 8.09 5.90
N THR D 135 25.30 8.87 6.46
CA THR D 135 25.12 10.29 6.75
C THR D 135 25.34 11.13 5.49
N VAL D 136 25.89 10.48 4.48
CA VAL D 136 26.10 11.05 3.17
C VAL D 136 25.64 10.01 2.16
N LYS D 137 25.58 10.41 0.89
CA LYS D 137 25.26 9.45 -0.15
C LYS D 137 26.30 8.33 -0.14
N ASN D 138 25.83 7.10 0.01
CA ASN D 138 26.74 5.96 0.15
C ASN D 138 27.36 5.71 -1.21
N ARG D 139 28.38 6.50 -1.52
CA ARG D 139 29.01 6.55 -2.83
C ARG D 139 30.50 6.77 -2.66
N MET D 140 31.30 6.14 -3.52
CA MET D 140 32.74 6.28 -3.47
C MET D 140 33.27 6.61 -4.86
N ILE D 141 34.32 7.43 -4.90
CA ILE D 141 35.09 7.68 -6.12
C ILE D 141 36.56 7.54 -5.76
N ARG D 142 37.25 6.62 -6.43
CA ARG D 142 38.70 6.50 -6.29
C ARG D 142 39.33 6.59 -7.68
N LEU D 143 40.22 7.57 -7.86
CA LEU D 143 40.97 7.75 -9.09
C LEU D 143 42.33 7.08 -8.99
N HIS D 144 42.85 6.64 -10.13
CA HIS D 144 44.15 6.01 -10.22
C HIS D 144 45.00 6.77 -11.25
N PRO D 145 46.32 6.77 -11.08
CA PRO D 145 47.18 7.59 -11.98
C PRO D 145 46.96 7.34 -13.46
N ASP D 146 46.59 6.13 -13.86
CA ASP D 146 46.37 5.83 -15.27
C ASP D 146 45.00 6.25 -15.77
N GLY D 147 44.18 6.86 -14.91
CA GLY D 147 42.84 7.29 -15.28
C GLY D 147 41.76 6.28 -15.03
N THR D 148 42.06 5.18 -14.35
CA THR D 148 41.03 4.25 -13.90
C THR D 148 40.17 4.89 -12.83
N VAL D 149 38.84 4.80 -13.00
CA VAL D 149 37.89 5.31 -12.03
C VAL D 149 37.21 4.13 -11.36
N LEU D 150 37.23 4.12 -10.03
CA LEU D 150 36.49 3.16 -9.22
C LEU D 150 35.29 3.87 -8.61
N TYR D 151 34.09 3.45 -9.00
CA TYR D 151 32.86 4.08 -8.57
C TYR D 151 32.01 3.06 -7.84
N GLY D 152 31.75 3.32 -6.57
CA GLY D 152 31.02 2.37 -5.72
C GLY D 152 29.74 2.99 -5.19
N LEU D 153 28.70 2.17 -5.13
CA LEU D 153 27.41 2.58 -4.59
C LEU D 153 26.89 1.50 -3.67
N ARG D 154 26.20 1.90 -2.60
CA ARG D 154 25.47 0.97 -1.76
C ARG D 154 23.99 1.10 -2.09
N ILE D 155 23.42 0.03 -2.63
CA ILE D 155 22.09 0.08 -3.22
C ILE D 155 21.22 -0.96 -2.53
N THR D 156 19.97 -0.60 -2.24
CA THR D 156 18.94 -1.56 -1.93
C THR D 156 17.95 -1.58 -3.09
N THR D 157 17.68 -2.77 -3.61
CA THR D 157 16.80 -2.95 -4.76
C THR D 157 15.74 -3.99 -4.42
N THR D 158 14.49 -3.67 -4.74
CA THR D 158 13.45 -4.67 -4.88
C THR D 158 13.33 -5.04 -6.35
N ALA D 159 13.57 -6.31 -6.66
CA ALA D 159 13.66 -6.77 -8.05
C ALA D 159 12.64 -7.87 -8.29
N ALA D 160 12.04 -7.87 -9.47
CA ALA D 160 11.05 -8.87 -9.83
C ALA D 160 11.67 -10.25 -9.89
N CYS D 161 10.89 -11.26 -9.47
CA CYS D 161 11.31 -12.65 -9.61
C CYS D 161 10.05 -13.48 -9.79
N MET D 162 9.72 -13.80 -11.04
CA MET D 162 8.60 -14.68 -11.34
C MET D 162 8.89 -16.07 -10.80
N MET D 163 7.98 -16.58 -9.96
CA MET D 163 8.17 -17.86 -9.29
C MET D 163 7.22 -18.90 -9.84
N ASP D 164 7.70 -20.13 -9.97
CA ASP D 164 6.90 -21.27 -10.35
C ASP D 164 6.45 -21.98 -9.08
N LEU D 165 5.19 -21.80 -8.71
CA LEU D 165 4.68 -22.29 -7.43
C LEU D 165 3.92 -23.60 -7.58
N ARG D 166 4.16 -24.34 -8.67
CA ARG D 166 3.46 -25.60 -8.88
C ARG D 166 3.84 -26.63 -7.83
N ARG D 167 5.07 -26.58 -7.34
CA ARG D 167 5.57 -27.52 -6.34
C ARG D 167 5.61 -26.90 -4.95
N TYR D 168 5.05 -25.71 -4.78
CA TYR D 168 5.09 -25.01 -3.51
C TYR D 168 4.37 -25.84 -2.44
N PRO D 169 4.94 -25.96 -1.23
CA PRO D 169 6.20 -25.34 -0.81
C PRO D 169 7.43 -26.23 -0.93
N LEU D 170 7.43 -27.16 -1.87
CA LEU D 170 8.60 -27.99 -2.16
C LEU D 170 9.30 -27.54 -3.42
N ASP D 171 9.37 -26.23 -3.63
CA ASP D 171 9.75 -25.64 -4.90
C ASP D 171 11.18 -25.11 -4.84
N GLU D 172 11.77 -24.97 -6.02
CA GLU D 172 13.07 -24.33 -6.20
C GLU D 172 12.89 -23.17 -7.16
N GLN D 173 13.37 -22.00 -6.76
CA GLN D 173 13.19 -20.80 -7.57
C GLN D 173 14.53 -20.29 -8.11
N ASN D 174 14.45 -19.60 -9.23
CA ASN D 174 15.58 -18.91 -9.86
C ASN D 174 15.25 -17.42 -9.88
N CYS D 175 15.94 -16.65 -9.04
CA CYS D 175 15.79 -15.20 -9.01
C CYS D 175 17.05 -14.55 -9.56
N THR D 176 16.88 -13.62 -10.48
CA THR D 176 17.99 -12.98 -11.18
C THR D 176 18.03 -11.49 -10.87
N LEU D 177 19.19 -10.89 -11.12
CA LEU D 177 19.35 -9.45 -11.23
C LEU D 177 19.98 -9.14 -12.58
N GLU D 178 19.26 -8.40 -13.41
CA GLU D 178 19.69 -8.11 -14.77
C GLU D 178 20.28 -6.71 -14.83
N ILE D 179 21.56 -6.62 -15.20
CA ILE D 179 22.29 -5.36 -15.19
C ILE D 179 22.59 -4.97 -16.63
N GLU D 180 22.23 -3.75 -17.01
CA GLU D 180 22.34 -3.37 -18.41
C GLU D 180 22.69 -1.89 -18.51
N SER D 181 23.25 -1.52 -19.66
CA SER D 181 23.41 -0.11 -20.01
C SER D 181 22.10 0.44 -20.57
N TYR D 182 21.66 1.58 -20.07
CA TYR D 182 20.37 2.11 -20.50
C TYR D 182 20.42 2.63 -21.93
N GLY D 183 21.36 3.52 -22.22
CA GLY D 183 21.33 4.25 -23.47
C GLY D 183 22.49 3.98 -24.41
N TYR D 184 23.61 3.51 -23.86
CA TYR D 184 24.79 3.22 -24.66
C TYR D 184 24.70 1.79 -25.18
N THR D 185 24.86 1.64 -26.50
CA THR D 185 24.92 0.33 -27.11
C THR D 185 26.31 -0.29 -26.94
N THR D 186 26.47 -1.52 -27.44
CA THR D 186 27.76 -2.19 -27.41
C THR D 186 28.78 -1.57 -28.33
N ASP D 187 28.36 -0.66 -29.22
CA ASP D 187 29.31 0.18 -29.94
C ASP D 187 30.02 1.15 -29.00
N ASP D 188 29.37 1.52 -27.89
CA ASP D 188 29.88 2.57 -27.01
C ASP D 188 30.35 2.08 -25.66
N ILE D 189 29.75 1.01 -25.12
CA ILE D 189 30.10 0.52 -23.80
C ILE D 189 30.03 -1.00 -23.81
N GLU D 190 30.89 -1.62 -23.02
CA GLU D 190 30.90 -3.06 -22.82
C GLU D 190 31.01 -3.37 -21.34
N PHE D 191 30.31 -4.41 -20.90
CA PHE D 191 30.36 -4.85 -19.52
C PHE D 191 31.10 -6.17 -19.42
N TYR D 192 31.77 -6.37 -18.28
CA TYR D 192 32.31 -7.67 -17.94
C TYR D 192 32.29 -7.83 -16.42
N TRP D 193 32.25 -9.08 -15.98
CA TRP D 193 32.42 -9.41 -14.57
C TRP D 193 33.89 -9.34 -14.21
N ARG D 194 34.26 -8.36 -13.39
CA ARG D 194 35.66 -8.12 -13.06
C ARG D 194 36.10 -9.16 -12.05
N GLY D 195 37.00 -10.03 -12.46
CA GLY D 195 37.37 -11.21 -11.68
C GLY D 195 36.67 -12.48 -12.09
N GLY D 196 35.88 -12.45 -13.15
CA GLY D 196 35.15 -13.62 -13.60
C GLY D 196 34.21 -14.14 -12.53
N ASP D 197 34.43 -15.38 -12.09
CA ASP D 197 33.53 -16.05 -11.18
C ASP D 197 33.67 -15.56 -9.74
N LYS D 198 34.66 -14.71 -9.46
CA LYS D 198 34.84 -14.10 -8.15
C LYS D 198 34.33 -12.67 -8.11
N ALA D 199 33.66 -12.20 -9.16
CA ALA D 199 33.20 -10.82 -9.21
C ALA D 199 32.11 -10.54 -8.18
N VAL D 200 31.41 -11.55 -7.71
CA VAL D 200 30.33 -11.38 -6.74
C VAL D 200 30.73 -12.07 -5.45
N THR D 201 30.80 -11.31 -4.37
CA THR D 201 31.15 -11.82 -3.05
C THR D 201 29.97 -11.69 -2.11
N GLY D 202 30.06 -12.39 -0.99
CA GLY D 202 29.10 -12.24 0.08
C GLY D 202 27.88 -13.12 -0.03
N VAL D 203 27.88 -14.11 -0.92
CA VAL D 203 26.74 -15.01 -1.05
C VAL D 203 26.57 -15.81 0.23
N GLU D 204 27.66 -16.05 0.95
CA GLU D 204 27.59 -16.77 2.22
C GLU D 204 26.89 -15.95 3.30
N ARG D 205 26.79 -14.64 3.13
CA ARG D 205 26.15 -13.78 4.12
C ARG D 205 24.64 -13.91 4.09
N ILE D 206 24.07 -14.32 2.95
CA ILE D 206 22.63 -14.37 2.78
C ILE D 206 22.05 -15.36 3.79
N GLU D 207 21.12 -14.87 4.63
CA GLU D 207 20.52 -15.67 5.70
C GLU D 207 19.00 -15.50 5.59
N LEU D 208 18.39 -16.25 4.67
CA LEU D 208 16.94 -16.28 4.56
C LEU D 208 16.41 -17.48 5.34
N PRO D 209 15.54 -17.27 6.33
CA PRO D 209 15.00 -18.42 7.07
C PRO D 209 14.32 -19.46 6.18
N GLN D 210 13.59 -19.01 5.16
CA GLN D 210 12.74 -19.88 4.37
C GLN D 210 13.47 -20.48 3.16
N PHE D 211 14.68 -20.02 2.85
CA PHE D 211 15.39 -20.47 1.67
C PHE D 211 16.85 -20.73 2.00
N SER D 212 17.45 -21.67 1.28
CA SER D 212 18.89 -21.81 1.17
C SER D 212 19.33 -21.42 -0.23
N ILE D 213 20.46 -20.72 -0.32
CA ILE D 213 21.07 -20.43 -1.61
C ILE D 213 21.86 -21.65 -2.06
N VAL D 214 21.36 -22.32 -3.10
CA VAL D 214 22.04 -23.52 -3.60
C VAL D 214 23.27 -23.13 -4.41
N GLU D 215 23.13 -22.13 -5.27
CA GLU D 215 24.13 -21.80 -6.28
C GLU D 215 23.90 -20.36 -6.72
N HIS D 216 24.97 -19.73 -7.19
CA HIS D 216 24.86 -18.50 -7.95
C HIS D 216 25.68 -18.62 -9.23
N ARG D 217 25.25 -17.90 -10.26
CA ARG D 217 25.93 -17.92 -11.54
C ARG D 217 26.06 -16.50 -12.09
N LEU D 218 27.12 -16.28 -12.85
CA LEU D 218 27.38 -15.00 -13.50
C LEU D 218 27.35 -15.20 -15.00
N VAL D 219 26.56 -14.38 -15.70
CA VAL D 219 26.43 -14.49 -17.14
C VAL D 219 26.72 -13.13 -17.76
N SER D 220 27.22 -13.16 -18.99
CA SER D 220 27.47 -11.96 -19.79
C SER D 220 26.92 -12.22 -21.18
N ARG D 221 26.16 -11.28 -21.71
CA ARG D 221 25.67 -11.39 -23.08
C ARG D 221 25.28 -10.02 -23.60
N ASN D 222 24.95 -9.98 -24.89
CA ASN D 222 24.41 -8.80 -25.54
C ASN D 222 22.92 -9.00 -25.79
N VAL D 223 22.14 -7.97 -25.52
CA VAL D 223 20.69 -8.00 -25.70
C VAL D 223 20.32 -6.99 -26.78
N VAL D 224 19.54 -7.44 -27.76
CA VAL D 224 19.19 -6.63 -28.92
C VAL D 224 17.79 -6.07 -28.75
N PHE D 225 17.64 -4.78 -28.98
CA PHE D 225 16.37 -4.08 -29.05
C PHE D 225 16.29 -3.34 -30.37
N ALA D 226 15.14 -2.70 -30.62
CA ALA D 226 14.97 -1.92 -31.83
C ALA D 226 16.01 -0.81 -31.93
N THR D 227 16.46 -0.29 -30.79
CA THR D 227 17.43 0.80 -30.78
C THR D 227 18.87 0.31 -30.85
N GLY D 228 19.10 -1.00 -30.77
CA GLY D 228 20.41 -1.57 -30.99
C GLY D 228 20.72 -2.67 -29.99
N ALA D 229 21.98 -3.09 -29.99
CA ALA D 229 22.47 -4.15 -29.12
C ALA D 229 23.08 -3.54 -27.86
N TYR D 230 22.68 -4.06 -26.70
CA TYR D 230 23.12 -3.50 -25.43
C TYR D 230 23.85 -4.55 -24.60
N PRO D 231 24.88 -4.14 -23.84
CA PRO D 231 25.56 -5.09 -22.96
C PRO D 231 24.70 -5.44 -21.76
N ARG D 232 24.78 -6.72 -21.37
CA ARG D 232 24.01 -7.24 -20.25
C ARG D 232 24.92 -8.07 -19.34
N LEU D 233 24.77 -7.88 -18.04
CA LEU D 233 25.28 -8.81 -17.04
C LEU D 233 24.13 -9.33 -16.20
N SER D 234 24.14 -10.63 -15.93
CA SER D 234 23.08 -11.29 -15.19
C SER D 234 23.66 -12.01 -13.99
N LEU D 235 23.11 -11.74 -12.82
CA LEU D 235 23.42 -12.48 -11.60
C LEU D 235 22.15 -13.22 -11.20
N SER D 236 22.26 -14.54 -11.03
CA SER D 236 21.12 -15.36 -10.64
C SER D 236 21.47 -16.21 -9.43
N PHE D 237 20.44 -16.55 -8.66
CA PHE D 237 20.56 -17.43 -7.52
C PHE D 237 19.53 -18.54 -7.63
N ARG D 238 19.91 -19.74 -7.17
CA ARG D 238 18.98 -20.84 -7.04
C ARG D 238 18.58 -20.95 -5.58
N LEU D 239 17.28 -20.76 -5.31
CA LEU D 239 16.75 -20.78 -3.95
C LEU D 239 15.98 -22.07 -3.74
N LYS D 240 16.30 -22.79 -2.67
CA LYS D 240 15.59 -24.00 -2.30
C LYS D 240 14.81 -23.74 -1.02
N ARG D 241 13.50 -23.89 -1.08
CA ARG D 241 12.65 -23.61 0.07
C ARG D 241 12.89 -24.65 1.16
N ASN D 242 13.03 -24.19 2.40
CA ASN D 242 13.08 -25.08 3.55
C ASN D 242 11.68 -25.56 3.91
N ILE D 243 11.52 -26.88 3.98
CA ILE D 243 10.21 -27.48 4.23
C ILE D 243 9.77 -27.28 5.68
N GLY D 244 10.72 -27.16 6.61
CA GLY D 244 10.41 -27.32 8.03
C GLY D 244 9.24 -26.50 8.51
N TYR D 245 9.20 -25.21 8.13
CA TYR D 245 8.10 -24.35 8.57
C TYR D 245 6.76 -24.89 8.11
N PHE D 246 6.71 -25.41 6.89
CA PHE D 246 5.45 -25.82 6.26
C PHE D 246 4.95 -27.13 6.86
N ILE D 247 5.87 -28.06 7.15
CA ILE D 247 5.52 -29.26 7.90
C ILE D 247 4.77 -28.88 9.17
N LEU D 248 5.28 -27.89 9.89
CA LEU D 248 4.71 -27.55 11.19
C LEU D 248 3.43 -26.76 11.04
N GLN D 249 3.37 -25.86 10.05
CA GLN D 249 2.28 -24.89 9.97
C GLN D 249 1.05 -25.46 9.28
N THR D 250 1.24 -26.23 8.22
CA THR D 250 0.12 -26.71 7.41
C THR D 250 0.01 -28.23 7.38
N TYR D 251 1.12 -28.92 7.14
CA TYR D 251 1.06 -30.38 6.99
C TYR D 251 0.63 -31.06 8.28
N MET D 252 1.26 -30.71 9.39
CA MET D 252 0.95 -31.39 10.65
C MET D 252 -0.48 -31.15 11.12
N PRO D 253 -1.00 -29.91 11.15
CA PRO D 253 -2.42 -29.74 11.49
C PRO D 253 -3.36 -30.58 10.63
N SER D 254 -3.08 -30.68 9.33
CA SER D 254 -3.93 -31.48 8.45
C SER D 254 -3.88 -32.96 8.82
N ILE D 255 -2.70 -33.46 9.17
CA ILE D 255 -2.56 -34.84 9.61
C ILE D 255 -3.35 -35.05 10.90
N LEU D 256 -3.26 -34.09 11.83
CA LEU D 256 -3.90 -34.24 13.12
C LEU D 256 -5.42 -34.18 12.99
N ILE D 257 -5.94 -33.34 12.09
CA ILE D 257 -7.37 -33.29 11.85
C ILE D 257 -7.84 -34.60 11.24
N THR D 258 -7.05 -35.16 10.31
CA THR D 258 -7.45 -36.41 9.66
C THR D 258 -7.49 -37.55 10.66
N ILE D 259 -6.51 -37.62 11.55
CA ILE D 259 -6.52 -38.64 12.60
C ILE D 259 -7.73 -38.44 13.50
N LEU D 260 -8.00 -37.18 13.87
CA LEU D 260 -9.16 -36.88 14.69
C LEU D 260 -10.45 -37.43 14.07
N SER D 261 -10.56 -37.32 12.75
CA SER D 261 -11.76 -37.79 12.05
C SER D 261 -12.00 -39.28 12.28
N TRP D 262 -10.92 -40.05 12.48
CA TRP D 262 -11.03 -41.50 12.60
C TRP D 262 -11.57 -41.93 13.96
N VAL D 263 -11.43 -41.09 14.98
CA VAL D 263 -11.98 -41.37 16.31
C VAL D 263 -13.44 -41.79 16.21
N SER D 264 -14.18 -41.17 15.28
CA SER D 264 -15.60 -41.49 15.07
C SER D 264 -15.82 -43.00 14.94
N PHE D 265 -14.91 -43.71 14.27
CA PHE D 265 -15.16 -45.12 13.98
C PHE D 265 -15.12 -45.99 15.22
N TRP D 266 -14.55 -45.50 16.31
CA TRP D 266 -14.53 -46.22 17.58
CA TRP D 266 -14.53 -46.22 17.58
C TRP D 266 -15.73 -45.90 18.47
N ILE D 267 -16.60 -45.00 18.04
CA ILE D 267 -17.76 -44.58 18.82
C ILE D 267 -18.95 -45.40 18.39
N ASN D 268 -19.84 -45.69 19.34
CA ASN D 268 -21.04 -46.47 19.05
C ASN D 268 -21.93 -45.72 18.05
N TYR D 269 -22.59 -46.50 17.18
CA TYR D 269 -23.39 -45.90 16.13
C TYR D 269 -24.64 -45.22 16.65
N ASP D 270 -25.03 -45.47 17.90
CA ASP D 270 -26.16 -44.78 18.49
C ASP D 270 -25.80 -43.37 18.95
N ALA D 271 -24.51 -43.08 19.10
CA ALA D 271 -24.02 -41.77 19.53
C ALA D 271 -24.04 -40.80 18.34
N SER D 272 -25.25 -40.50 17.89
CA SER D 272 -25.41 -39.74 16.65
C SER D 272 -24.82 -38.34 16.79
N ALA D 273 -25.12 -37.67 17.90
CA ALA D 273 -24.61 -36.31 18.09
C ALA D 273 -23.08 -36.30 18.11
N ALA D 274 -22.47 -37.25 18.84
CA ALA D 274 -21.02 -37.29 18.96
C ALA D 274 -20.36 -37.52 17.62
N ARG D 275 -20.84 -38.51 16.86
CA ARG D 275 -20.16 -38.91 15.63
C ARG D 275 -20.39 -37.89 14.51
N VAL D 276 -21.58 -37.28 14.48
CA VAL D 276 -21.85 -36.24 13.48
C VAL D 276 -21.03 -34.99 13.81
N ALA D 277 -20.87 -34.70 15.10
CA ALA D 277 -20.05 -33.55 15.50
C ALA D 277 -18.62 -33.72 15.01
N LEU D 278 -18.06 -34.92 15.20
CA LEU D 278 -16.71 -35.19 14.73
C LEU D 278 -16.60 -34.97 13.23
N GLY D 279 -17.57 -35.47 12.48
CA GLY D 279 -17.55 -35.30 11.03
C GLY D 279 -17.55 -33.84 10.62
N ILE D 280 -18.49 -33.07 11.18
CA ILE D 280 -18.62 -31.66 10.83
C ILE D 280 -17.34 -30.90 11.16
N THR D 281 -16.89 -31.00 12.41
CA THR D 281 -15.80 -30.16 12.89
C THR D 281 -14.53 -30.39 12.08
N THR D 282 -14.24 -31.65 11.72
CA THR D 282 -13.03 -31.95 10.96
C THR D 282 -13.16 -31.44 9.53
N VAL D 283 -14.33 -31.62 8.92
CA VAL D 283 -14.57 -31.14 7.56
C VAL D 283 -14.43 -29.63 7.51
N LEU D 284 -15.06 -28.93 8.45
CA LEU D 284 -15.05 -27.47 8.45
C LEU D 284 -13.67 -26.92 8.80
N THR D 285 -12.96 -27.59 9.71
CA THR D 285 -11.60 -27.17 10.03
C THR D 285 -10.71 -27.26 8.80
N MET D 286 -10.90 -28.29 7.97
CA MET D 286 -10.07 -28.45 6.78
C MET D 286 -10.39 -27.38 5.75
N THR D 287 -11.63 -26.87 5.73
CA THR D 287 -11.96 -25.76 4.85
C THR D 287 -11.30 -24.47 5.32
N THR D 288 -11.35 -24.19 6.63
CA THR D 288 -10.74 -22.97 7.15
C THR D 288 -9.24 -22.98 6.91
N ILE D 289 -8.60 -24.15 7.05
CA ILE D 289 -7.16 -24.25 6.81
C ILE D 289 -6.84 -23.95 5.35
N ASN D 290 -7.62 -24.55 4.43
CA ASN D 290 -7.40 -24.34 3.01
C ASN D 290 -7.52 -22.86 2.66
N THR D 291 -8.66 -22.25 3.01
CA THR D 291 -8.94 -20.88 2.57
C THR D 291 -7.95 -19.90 3.19
N HIS D 292 -7.64 -20.07 4.47
CA HIS D 292 -6.62 -19.25 5.12
C HIS D 292 -5.30 -19.31 4.37
N LEU D 293 -4.86 -20.53 4.04
CA LEU D 293 -3.55 -20.70 3.41
C LEU D 293 -3.44 -19.89 2.13
N ARG D 294 -4.46 -19.98 1.26
CA ARG D 294 -4.37 -19.37 -0.06
C ARG D 294 -4.52 -17.85 0.00
N GLU D 295 -4.92 -17.31 1.15
CA GLU D 295 -4.94 -15.88 1.38
C GLU D 295 -3.56 -15.32 1.72
N THR D 296 -2.59 -16.19 1.97
CA THR D 296 -1.21 -15.81 2.23
C THR D 296 -0.38 -15.75 0.96
N LEU D 297 -0.96 -16.11 -0.18
CA LEU D 297 -0.27 -16.36 -1.43
C LEU D 297 -0.95 -15.57 -2.54
N PRO D 298 -0.28 -15.37 -3.67
CA PRO D 298 -0.94 -14.70 -4.78
C PRO D 298 -2.05 -15.54 -5.41
N LYS D 299 -2.92 -14.84 -6.14
CA LYS D 299 -4.14 -15.44 -6.70
C LYS D 299 -3.79 -16.16 -8.01
N ILE D 300 -3.04 -17.24 -7.88
CA ILE D 300 -2.61 -18.04 -9.02
C ILE D 300 -3.76 -18.95 -9.43
N PRO D 301 -3.93 -19.25 -10.72
CA PRO D 301 -5.03 -20.10 -11.17
C PRO D 301 -4.76 -21.61 -11.14
N TYR D 302 -3.55 -22.05 -10.78
CA TYR D 302 -3.21 -23.46 -10.85
C TYR D 302 -3.14 -24.06 -9.45
N VAL D 303 -3.10 -25.39 -9.42
CA VAL D 303 -3.04 -26.14 -8.17
C VAL D 303 -1.59 -26.34 -7.76
N LYS D 304 -1.29 -26.02 -6.51
CA LYS D 304 0.03 -26.21 -5.95
C LYS D 304 0.16 -27.60 -5.32
N ALA D 305 1.38 -27.92 -4.87
CA ALA D 305 1.60 -29.17 -4.16
C ALA D 305 0.81 -29.20 -2.85
N ILE D 306 0.81 -28.08 -2.12
CA ILE D 306 0.12 -28.02 -0.83
C ILE D 306 -1.38 -28.15 -1.03
N ASP D 307 -1.91 -27.55 -2.10
CA ASP D 307 -3.32 -27.72 -2.44
C ASP D 307 -3.67 -29.18 -2.62
N MET D 308 -2.80 -29.94 -3.29
CA MET D 308 -3.08 -31.35 -3.53
C MET D 308 -3.17 -32.11 -2.21
N TYR D 309 -2.28 -31.81 -1.26
CA TYR D 309 -2.30 -32.46 0.03
C TYR D 309 -3.60 -32.15 0.77
N LEU D 310 -3.97 -30.86 0.84
CA LEU D 310 -5.16 -30.45 1.57
C LEU D 310 -6.41 -31.04 0.95
N MET D 311 -6.43 -31.16 -0.39
CA MET D 311 -7.57 -31.76 -1.06
C MET D 311 -7.67 -33.25 -0.74
N GLY D 312 -6.53 -33.93 -0.68
CA GLY D 312 -6.54 -35.32 -0.24
C GLY D 312 -7.05 -35.46 1.19
N CYS D 313 -6.57 -34.60 2.09
CA CYS D 313 -6.99 -34.68 3.48
C CYS D 313 -8.48 -34.39 3.61
N PHE D 314 -8.97 -33.42 2.84
CA PHE D 314 -10.39 -33.10 2.85
C PHE D 314 -11.22 -34.32 2.46
N VAL D 315 -10.79 -35.03 1.41
CA VAL D 315 -11.55 -36.18 0.92
C VAL D 315 -11.61 -37.26 2.00
N PHE D 316 -10.50 -37.48 2.71
CA PHE D 316 -10.52 -38.49 3.77
C PHE D 316 -11.53 -38.13 4.85
N VAL D 317 -11.49 -36.89 5.33
CA VAL D 317 -12.32 -36.54 6.48
C VAL D 317 -13.79 -36.47 6.05
N PHE D 318 -14.03 -36.03 4.81
CA PHE D 318 -15.40 -35.99 4.28
C PHE D 318 -15.97 -37.40 4.15
N LEU D 319 -15.17 -38.33 3.64
CA LEU D 319 -15.60 -39.72 3.52
C LEU D 319 -15.84 -40.35 4.89
N ALA D 320 -15.08 -39.94 5.91
CA ALA D 320 -15.30 -40.46 7.25
C ALA D 320 -16.68 -40.08 7.76
N LEU D 321 -17.11 -38.84 7.49
CA LEU D 321 -18.46 -38.43 7.87
C LEU D 321 -19.49 -39.19 7.04
N LEU D 322 -19.26 -39.31 5.74
CA LEU D 322 -20.17 -40.04 4.87
C LEU D 322 -20.24 -41.51 5.27
N GLU D 323 -19.14 -42.06 5.78
CA GLU D 323 -19.17 -43.43 6.29
C GLU D 323 -20.21 -43.55 7.40
N TYR D 324 -20.27 -42.56 8.30
CA TYR D 324 -21.23 -42.62 9.40
C TYR D 324 -22.65 -42.47 8.86
N ALA D 325 -22.85 -41.56 7.90
CA ALA D 325 -24.15 -41.41 7.28
C ALA D 325 -24.62 -42.76 6.73
N PHE D 326 -23.71 -43.51 6.11
CA PHE D 326 -24.06 -44.81 5.57
C PHE D 326 -24.41 -45.77 6.69
N VAL D 327 -23.59 -45.81 7.75
CA VAL D 327 -23.90 -46.66 8.90
C VAL D 327 -25.24 -46.25 9.48
N ASN D 328 -25.42 -44.94 9.70
CA ASN D 328 -26.67 -44.42 10.24
C ASN D 328 -27.82 -44.82 9.34
N TYR D 329 -27.59 -44.78 8.02
CA TYR D 329 -28.64 -45.03 7.04
C TYR D 329 -29.22 -46.43 7.13
N ILE D 330 -28.47 -47.43 7.58
CA ILE D 330 -28.99 -48.77 7.44
C ILE D 330 -29.34 -49.33 8.80
N PHE D 331 -28.83 -48.72 9.88
CA PHE D 331 -29.01 -49.35 11.18
C PHE D 331 -30.46 -49.18 11.60
N PHE D 332 -31.09 -48.14 11.05
CA PHE D 332 -32.49 -47.77 11.23
C PHE D 332 -33.31 -48.11 9.99
N ALA D 447 -19.72 -53.96 11.58
CA ALA D 447 -18.70 -54.48 10.69
C ALA D 447 -18.10 -53.37 9.83
N ILE D 448 -18.97 -52.46 9.38
CA ILE D 448 -18.53 -51.35 8.55
C ILE D 448 -17.58 -50.45 9.32
N ASP D 449 -17.90 -50.19 10.59
CA ASP D 449 -17.00 -49.39 11.42
C ASP D 449 -15.65 -50.08 11.59
N ARG D 450 -15.67 -51.39 11.86
CA ARG D 450 -14.41 -52.11 12.06
C ARG D 450 -13.56 -52.05 10.79
N TRP D 451 -14.20 -52.21 9.64
CA TRP D 451 -13.50 -52.09 8.36
C TRP D 451 -12.93 -50.69 8.17
N SER D 452 -13.66 -49.67 8.61
CA SER D 452 -13.14 -48.30 8.53
C SER D 452 -11.94 -48.12 9.45
N ARG D 453 -11.94 -48.78 10.60
CA ARG D 453 -10.85 -48.59 11.56
C ARG D 453 -9.51 -49.03 10.97
N ILE D 454 -9.51 -49.96 10.04
CA ILE D 454 -8.27 -50.44 9.43
C ILE D 454 -8.03 -49.79 8.08
N VAL D 455 -9.06 -49.70 7.25
CA VAL D 455 -8.87 -49.29 5.85
C VAL D 455 -8.53 -47.81 5.75
N PHE D 456 -9.16 -46.97 6.60
CA PHE D 456 -8.92 -45.53 6.52
C PHE D 456 -7.49 -45.16 6.89
N PRO D 457 -6.94 -45.57 8.05
CA PRO D 457 -5.54 -45.21 8.34
C PRO D 457 -4.58 -45.74 7.30
N PHE D 458 -4.83 -46.96 6.81
CA PHE D 458 -3.96 -47.56 5.81
C PHE D 458 -3.99 -46.78 4.51
N THR D 459 -5.18 -46.35 4.08
CA THR D 459 -5.29 -45.57 2.85
C THR D 459 -4.59 -44.22 2.99
N PHE D 460 -4.70 -43.59 4.16
CA PHE D 460 -3.99 -42.33 4.41
C PHE D 460 -2.49 -42.53 4.31
N SER D 461 -2.00 -43.68 4.79
CA SER D 461 -0.57 -43.99 4.66
C SER D 461 -0.17 -44.10 3.20
N LEU D 462 -0.98 -44.82 2.40
CA LEU D 462 -0.74 -44.89 0.97
C LEU D 462 -0.73 -43.50 0.34
N PHE D 463 -1.76 -42.70 0.64
CA PHE D 463 -1.82 -41.35 0.10
C PHE D 463 -0.55 -40.56 0.41
N ASN D 464 -0.10 -40.62 1.66
CA ASN D 464 1.10 -39.87 2.06
C ASN D 464 2.32 -40.41 1.34
N LEU D 465 2.42 -41.74 1.22
CA LEU D 465 3.58 -42.35 0.56
C LEU D 465 3.70 -41.84 -0.88
N VAL D 466 2.61 -41.94 -1.64
CA VAL D 466 2.62 -41.50 -3.04
C VAL D 466 2.97 -40.02 -3.12
N TYR D 467 2.33 -39.21 -2.27
CA TYR D 467 2.54 -37.76 -2.32
C TYR D 467 4.00 -37.41 -2.07
N TRP D 468 4.56 -37.89 -0.96
CA TRP D 468 5.89 -37.45 -0.56
C TRP D 468 6.98 -38.04 -1.44
N LEU D 469 6.70 -39.16 -2.11
CA LEU D 469 7.65 -39.70 -3.08
C LEU D 469 7.65 -38.86 -4.36
N TYR D 470 6.47 -38.48 -4.83
CA TYR D 470 6.36 -37.69 -6.05
C TYR D 470 7.07 -36.35 -5.91
N TYR D 471 6.97 -35.72 -4.74
CA TYR D 471 7.36 -34.33 -4.57
C TYR D 471 8.69 -34.16 -3.85
N VAL D 472 9.10 -35.14 -3.04
CA VAL D 472 10.44 -35.13 -2.47
C VAL D 472 11.33 -36.11 -3.24
N PRO E 42 33.50 37.98 7.20
CA PRO E 42 34.86 38.50 6.98
C PRO E 42 35.86 37.38 6.71
N ASN E 43 36.58 36.96 7.76
CA ASN E 43 37.52 35.86 7.62
C ASN E 43 36.82 34.54 7.36
N LEU E 44 35.52 34.45 7.62
CA LEU E 44 34.77 33.23 7.32
C LEU E 44 34.78 32.94 5.83
N ASP E 45 34.58 33.97 5.00
CA ASP E 45 34.68 33.80 3.56
C ASP E 45 36.12 33.51 3.14
N GLY E 46 37.10 34.05 3.87
CA GLY E 46 38.49 33.78 3.54
C GLY E 46 38.85 32.31 3.74
N LEU E 47 38.30 31.67 4.76
CA LEU E 47 38.55 30.25 4.98
C LEU E 47 38.01 29.42 3.82
N ILE E 48 36.82 29.75 3.34
CA ILE E 48 36.25 29.04 2.19
C ILE E 48 37.04 29.36 0.93
N ALA E 49 37.50 30.60 0.80
CA ALA E 49 38.30 31.00 -0.37
C ALA E 49 39.55 30.14 -0.49
N GLY E 50 39.61 29.33 -1.54
CA GLY E 50 40.71 28.41 -1.73
C GLY E 50 40.57 27.09 -1.00
N TYR E 51 39.48 26.88 -0.27
CA TYR E 51 39.28 25.63 0.44
C TYR E 51 38.96 24.51 -0.54
N ALA E 52 39.62 23.37 -0.37
CA ALA E 52 39.45 22.22 -1.24
C ALA E 52 38.48 21.25 -0.59
N ARG E 53 37.24 21.22 -1.09
CA ARG E 53 36.20 20.42 -0.48
C ARG E 53 36.34 18.94 -0.79
N ASN E 54 36.91 18.59 -1.94
CA ASN E 54 36.96 17.20 -2.38
C ASN E 54 38.06 16.40 -1.70
N PHE E 55 38.90 17.01 -0.88
CA PHE E 55 40.04 16.34 -0.27
C PHE E 55 39.95 16.39 1.24
N ARG E 56 40.28 15.29 1.89
CA ARG E 56 40.34 15.24 3.33
C ARG E 56 41.53 16.06 3.83
N PRO E 57 41.47 16.51 5.09
CA PRO E 57 42.63 17.22 5.66
C PRO E 57 43.86 16.34 5.65
N GLY E 58 44.92 16.82 5.00
CA GLY E 58 46.14 16.06 4.84
C GLY E 58 45.91 14.82 4.00
N ILE E 59 45.59 15.02 2.72
CA ILE E 59 45.21 13.90 1.87
C ILE E 59 46.36 12.91 1.71
N GLY E 60 47.57 13.41 1.51
CA GLY E 60 48.74 12.56 1.37
C GLY E 60 49.45 12.20 2.65
N GLY E 61 48.96 12.67 3.79
CA GLY E 61 49.62 12.45 5.06
C GLY E 61 48.97 11.37 5.90
N PRO E 62 49.09 11.50 7.22
CA PRO E 62 48.51 10.51 8.13
C PRO E 62 47.00 10.56 8.09
N PRO E 63 46.33 9.48 8.47
CA PRO E 63 44.86 9.46 8.43
C PRO E 63 44.24 10.43 9.41
N VAL E 64 43.03 10.87 9.09
CA VAL E 64 42.31 11.82 9.94
C VAL E 64 41.65 11.06 11.09
N ASN E 65 41.92 11.51 12.31
CA ASN E 65 41.28 10.94 13.49
C ASN E 65 39.92 11.60 13.69
N VAL E 66 38.86 10.79 13.71
CA VAL E 66 37.50 11.28 13.84
C VAL E 66 36.94 10.75 15.15
N ALA E 67 36.75 11.64 16.12
CA ALA E 67 36.07 11.26 17.35
C ALA E 67 34.57 11.11 17.10
N LEU E 68 34.00 10.05 17.65
CA LEU E 68 32.61 9.70 17.39
C LEU E 68 31.84 9.61 18.70
N ALA E 69 30.68 10.25 18.74
CA ALA E 69 29.81 10.20 19.92
C ALA E 69 28.38 9.97 19.46
N LEU E 70 27.62 9.25 20.28
CA LEU E 70 26.23 8.94 19.99
C LEU E 70 25.35 9.35 21.16
N GLU E 71 24.18 9.92 20.85
CA GLU E 71 23.16 10.25 21.83
C GLU E 71 21.87 9.61 21.35
N VAL E 72 21.56 8.41 21.85
CA VAL E 72 20.39 7.68 21.41
C VAL E 72 19.14 8.38 21.96
N ALA E 73 18.40 9.05 21.09
CA ALA E 73 17.20 9.76 21.53
C ALA E 73 16.08 8.79 21.86
N SER E 74 15.86 7.79 21.00
CA SER E 74 14.76 6.86 21.22
C SER E 74 15.00 5.59 20.41
N ILE E 75 14.45 4.48 20.90
CA ILE E 75 14.43 3.21 20.20
C ILE E 75 13.00 2.72 20.16
N ASP E 76 12.52 2.35 18.97
CA ASP E 76 11.13 1.92 18.81
C ASP E 76 11.04 1.02 17.58
N HIS E 77 9.84 0.50 17.35
CA HIS E 77 9.55 -0.36 16.20
C HIS E 77 10.48 -1.57 16.16
N ILE E 78 10.67 -2.21 17.33
CA ILE E 78 11.47 -3.41 17.41
C ILE E 78 10.63 -4.59 16.96
N SER E 79 10.71 -4.94 15.68
CA SER E 79 9.88 -5.97 15.09
C SER E 79 10.69 -7.25 14.91
N GLU E 80 10.19 -8.35 15.47
CA GLU E 80 10.82 -9.64 15.28
C GLU E 80 10.54 -10.20 13.89
N ALA E 81 9.35 -9.92 13.34
CA ALA E 81 9.02 -10.40 12.00
C ALA E 81 9.94 -9.79 10.96
N ASN E 82 10.21 -8.49 11.05
CA ASN E 82 11.10 -7.81 10.12
C ASN E 82 12.55 -7.84 10.55
N MET E 83 12.83 -8.28 11.78
CA MET E 83 14.20 -8.33 12.32
C MET E 83 14.89 -6.97 12.19
N GLU E 84 14.23 -5.93 12.70
CA GLU E 84 14.72 -4.57 12.57
C GLU E 84 14.25 -3.76 13.76
N TYR E 85 14.94 -2.65 14.01
CA TYR E 85 14.54 -1.68 15.01
C TYR E 85 14.83 -0.29 14.49
N THR E 86 14.04 0.68 14.93
CA THR E 86 14.19 2.07 14.53
C THR E 86 14.82 2.86 15.66
N MET E 87 15.88 3.60 15.35
CA MET E 87 16.64 4.35 16.34
C MET E 87 16.86 5.77 15.86
N THR E 88 16.67 6.74 16.75
CA THR E 88 16.95 8.14 16.49
C THR E 88 18.12 8.57 17.37
N VAL E 89 19.17 9.11 16.75
CA VAL E 89 20.39 9.46 17.47
C VAL E 89 20.86 10.85 17.08
N PHE E 90 21.65 11.44 17.96
CA PHE E 90 22.43 12.63 17.68
C PHE E 90 23.87 12.16 17.45
N LEU E 91 24.28 12.11 16.19
CA LEU E 91 25.62 11.63 15.83
C LEU E 91 26.59 12.81 15.85
N HIS E 92 27.59 12.74 16.72
CA HIS E 92 28.60 13.78 16.85
C HIS E 92 29.91 13.28 16.30
N GLN E 93 30.50 14.05 15.39
CA GLN E 93 31.79 13.74 14.80
C GLN E 93 32.73 14.92 15.02
N SER E 94 33.93 14.63 15.51
CA SER E 94 34.93 15.66 15.77
C SER E 94 36.23 15.28 15.08
N TRP E 95 36.80 16.23 14.34
CA TRP E 95 38.08 16.02 13.66
C TRP E 95 38.73 17.37 13.45
N ARG E 96 40.04 17.34 13.18
CA ARG E 96 40.82 18.55 13.01
C ARG E 96 41.08 18.79 11.53
N ASP E 97 40.82 20.02 11.08
CA ASP E 97 41.09 20.45 9.72
C ASP E 97 41.89 21.74 9.78
N SER E 98 43.19 21.65 9.46
CA SER E 98 44.06 22.80 9.57
C SER E 98 43.72 23.90 8.56
N ARG E 99 43.01 23.56 7.48
CA ARG E 99 42.67 24.57 6.49
C ARG E 99 41.71 25.61 7.04
N LEU E 100 40.93 25.27 8.07
CA LEU E 100 39.96 26.17 8.65
C LEU E 100 40.46 26.85 9.92
N SER E 101 41.74 26.69 10.24
CA SER E 101 42.29 27.33 11.44
C SER E 101 42.30 28.84 11.27
N TYR E 102 41.83 29.55 12.29
CA TYR E 102 41.80 31.00 12.30
C TYR E 102 42.36 31.51 13.61
N ASN E 103 43.00 32.67 13.56
CA ASN E 103 43.63 33.26 14.75
C ASN E 103 43.15 34.69 15.02
N HIS E 104 42.15 35.18 14.28
CA HIS E 104 41.65 36.52 14.53
C HIS E 104 40.97 36.62 15.89
N THR E 105 40.23 35.58 16.28
CA THR E 105 39.58 35.52 17.58
C THR E 105 39.82 34.16 18.21
N ASN E 106 39.70 34.11 19.54
CA ASN E 106 39.86 32.88 20.30
C ASN E 106 38.51 32.28 20.70
N GLU E 107 37.45 32.62 19.98
CA GLU E 107 36.11 32.14 20.29
C GLU E 107 35.63 31.19 19.20
N THR E 108 35.00 30.10 19.60
CA THR E 108 34.47 29.14 18.65
C THR E 108 33.34 29.77 17.84
N LEU E 109 33.25 29.36 16.58
CA LEU E 109 32.24 29.88 15.65
C LEU E 109 31.09 28.90 15.59
N GLY E 110 29.92 29.32 16.08
CA GLY E 110 28.73 28.52 16.00
C GLY E 110 27.99 28.75 14.69
N LEU E 111 27.93 27.74 13.84
CA LEU E 111 27.35 27.87 12.52
C LEU E 111 26.20 26.88 12.36
N ASP E 112 25.26 27.23 11.48
CA ASP E 112 24.08 26.43 11.25
C ASP E 112 24.35 25.43 10.12
N SER E 113 23.29 24.78 9.62
CA SER E 113 23.42 23.77 8.59
C SER E 113 23.76 24.33 7.22
N ARG E 114 23.67 25.66 7.04
CA ARG E 114 23.99 26.25 5.75
C ARG E 114 25.46 26.06 5.40
N PHE E 115 26.35 26.19 6.39
CA PHE E 115 27.78 26.08 6.17
C PHE E 115 28.26 24.65 5.99
N VAL E 116 27.39 23.67 6.21
CA VAL E 116 27.79 22.26 6.17
C VAL E 116 28.24 21.87 4.76
N ASP E 117 27.49 22.32 3.75
CA ASP E 117 27.79 21.90 2.37
C ASP E 117 29.14 22.41 1.89
N LYS E 118 29.68 23.45 2.51
CA LYS E 118 30.94 24.03 2.04
C LYS E 118 32.15 23.18 2.43
N LEU E 119 32.09 22.48 3.56
CA LEU E 119 33.24 21.81 4.13
C LEU E 119 33.30 20.34 3.75
N TRP E 120 34.49 19.77 3.89
CA TRP E 120 34.66 18.33 3.76
C TRP E 120 34.15 17.63 5.01
N LEU E 121 33.46 16.51 4.80
CA LEU E 121 32.90 15.74 5.91
C LEU E 121 33.27 14.28 5.77
N PRO E 122 33.43 13.57 6.88
CA PRO E 122 33.65 12.12 6.81
C PRO E 122 32.44 11.44 6.19
N ASP E 123 32.70 10.39 5.42
CA ASP E 123 31.63 9.62 4.79
C ASP E 123 31.15 8.49 5.69
N THR E 124 30.80 8.84 6.93
CA THR E 124 30.33 7.85 7.88
C THR E 124 28.93 7.37 7.50
N PHE E 125 28.75 6.06 7.47
CA PHE E 125 27.46 5.47 7.17
C PHE E 125 27.21 4.31 8.12
N ILE E 126 25.93 4.00 8.31
CA ILE E 126 25.51 2.89 9.17
C ILE E 126 25.54 1.62 8.34
N VAL E 127 26.35 0.65 8.75
CA VAL E 127 26.57 -0.54 7.94
C VAL E 127 25.30 -1.38 7.83
N ASN E 128 24.60 -1.57 8.94
CA ASN E 128 23.44 -2.46 9.00
C ASN E 128 22.12 -1.69 8.98
N ALA E 129 22.07 -0.56 8.28
CA ALA E 129 20.87 0.25 8.20
C ALA E 129 20.08 -0.12 6.95
N LYS E 130 18.87 -0.63 7.15
CA LYS E 130 17.98 -0.86 6.01
C LYS E 130 17.58 0.46 5.35
N SER E 131 17.28 1.48 6.16
CA SER E 131 16.94 2.79 5.64
C SER E 131 17.21 3.82 6.73
N ALA E 132 17.54 5.03 6.30
CA ALA E 132 17.82 6.12 7.23
C ALA E 132 17.53 7.43 6.53
N TRP E 133 17.30 8.47 7.34
CA TRP E 133 16.95 9.78 6.81
C TRP E 133 17.27 10.85 7.84
N PHE E 134 17.30 12.09 7.37
CA PHE E 134 17.57 13.25 8.21
C PHE E 134 16.28 13.93 8.62
N HIS E 135 16.34 14.63 9.74
CA HIS E 135 15.23 15.47 10.18
C HIS E 135 15.48 16.88 9.66
N ASP E 136 14.55 17.38 8.84
CA ASP E 136 14.72 18.67 8.19
C ASP E 136 13.64 19.68 8.58
N VAL E 137 13.03 19.52 9.74
CA VAL E 137 12.03 20.44 10.26
C VAL E 137 12.55 21.02 11.56
N THR E 138 12.58 22.35 11.65
CA THR E 138 12.11 23.24 10.60
C THR E 138 13.18 23.46 9.52
N VAL E 139 14.44 23.27 9.91
CA VAL E 139 15.56 23.27 9.00
C VAL E 139 16.33 21.97 9.18
N GLU E 140 17.39 21.80 8.41
CA GLU E 140 18.24 20.62 8.56
C GLU E 140 18.84 20.61 9.96
N ASN E 141 18.69 19.48 10.65
CA ASN E 141 19.15 19.34 12.04
C ASN E 141 20.65 19.01 12.03
N LYS E 142 21.43 20.02 11.69
CA LYS E 142 22.88 19.91 11.64
C LYS E 142 23.50 21.14 12.30
N LEU E 143 24.70 20.98 12.83
CA LEU E 143 25.44 22.10 13.40
C LEU E 143 26.92 21.91 13.13
N ILE E 144 27.61 23.03 12.88
CA ILE E 144 29.05 23.06 12.71
C ILE E 144 29.61 24.05 13.71
N ARG E 145 30.51 23.57 14.58
CA ARG E 145 31.23 24.42 15.52
C ARG E 145 32.70 24.35 15.16
N LEU E 146 33.26 25.48 14.74
CA LEU E 146 34.66 25.56 14.31
C LEU E 146 35.47 26.25 15.40
N GLN E 147 36.53 25.60 15.82
CA GLN E 147 37.44 26.13 16.82
C GLN E 147 38.64 26.78 16.16
N PRO E 148 39.29 27.74 16.82
CA PRO E 148 40.43 28.43 16.18
C PRO E 148 41.56 27.51 15.77
N ASP E 149 41.81 26.44 16.53
CA ASP E 149 42.89 25.52 16.18
C ASP E 149 42.55 24.64 14.99
N GLY E 150 41.31 24.65 14.51
CA GLY E 150 40.89 23.84 13.39
C GLY E 150 40.04 22.64 13.77
N VAL E 151 39.69 22.47 15.04
CA VAL E 151 38.85 21.36 15.44
C VAL E 151 37.41 21.64 15.03
N ILE E 152 36.78 20.67 14.39
CA ILE E 152 35.42 20.80 13.87
C ILE E 152 34.51 19.88 14.67
N LEU E 153 33.40 20.42 15.17
CA LEU E 153 32.35 19.64 15.81
C LEU E 153 31.16 19.58 14.86
N TYR E 154 30.77 18.37 14.47
CA TYR E 154 29.72 18.16 13.49
C TYR E 154 28.68 17.21 14.08
N SER E 155 27.50 17.73 14.36
CA SER E 155 26.42 16.96 14.97
C SER E 155 25.21 16.96 14.06
N ILE E 156 24.62 15.78 13.87
CA ILE E 156 23.43 15.62 13.05
C ILE E 156 22.42 14.75 13.79
N ARG E 157 21.15 14.95 13.48
CA ARG E 157 20.05 14.18 14.06
C ARG E 157 19.46 13.32 12.97
N ILE E 158 19.60 12.00 13.11
CA ILE E 158 19.20 11.05 12.07
C ILE E 158 18.35 9.95 12.70
N THR E 159 17.35 9.50 11.96
CA THR E 159 16.55 8.33 12.34
C THR E 159 16.82 7.22 11.33
N SER E 160 17.18 6.04 11.85
CA SER E 160 17.57 4.92 11.00
C SER E 160 16.85 3.66 11.42
N THR E 161 16.40 2.88 10.44
CA THR E 161 15.90 1.54 10.66
C THR E 161 17.06 0.57 10.49
N VAL E 162 17.47 -0.07 11.57
CA VAL E 162 18.68 -0.88 11.60
C VAL E 162 18.29 -2.34 11.67
N ALA E 163 18.85 -3.14 10.77
CA ALA E 163 18.61 -4.59 10.80
C ALA E 163 19.29 -5.21 12.01
N CYS E 164 18.57 -6.12 12.66
CA CYS E 164 19.07 -6.83 13.83
C CYS E 164 18.62 -8.28 13.74
N ASP E 165 19.57 -9.18 13.51
CA ASP E 165 19.26 -10.61 13.47
C ASP E 165 18.85 -11.08 14.86
N MET E 166 17.68 -11.70 14.95
CA MET E 166 17.12 -12.13 16.22
C MET E 166 16.95 -13.64 16.23
N ASP E 167 17.40 -14.28 17.31
CA ASP E 167 17.23 -15.71 17.51
C ASP E 167 15.95 -15.93 18.31
N LEU E 168 14.94 -16.52 17.68
CA LEU E 168 13.64 -16.75 18.31
C LEU E 168 13.53 -18.16 18.88
N ALA E 169 14.65 -18.80 19.21
CA ALA E 169 14.61 -20.15 19.77
C ALA E 169 13.90 -20.15 21.12
N LYS E 170 14.16 -19.15 21.96
CA LYS E 170 13.58 -19.06 23.29
C LYS E 170 12.41 -18.10 23.36
N TYR E 171 11.89 -17.66 22.22
CA TYR E 171 10.78 -16.71 22.20
C TYR E 171 9.57 -17.31 22.92
N PRO E 172 8.87 -16.53 23.75
CA PRO E 172 9.16 -15.12 24.05
C PRO E 172 10.13 -14.89 25.22
N MET E 173 10.57 -15.95 25.89
CA MET E 173 11.53 -15.80 27.00
C MET E 173 12.96 -15.77 26.47
N ASP E 174 13.24 -14.75 25.67
CA ASP E 174 14.51 -14.64 24.96
C ASP E 174 15.11 -13.25 25.14
N GLU E 175 16.43 -13.18 25.04
CA GLU E 175 17.16 -11.92 25.07
C GLU E 175 17.87 -11.75 23.73
N GLN E 176 17.72 -10.58 23.13
CA GLN E 176 18.27 -10.29 21.81
C GLN E 176 19.36 -9.24 21.92
N GLU E 177 20.42 -9.40 21.12
CA GLU E 177 21.51 -8.44 21.04
C GLU E 177 21.45 -7.77 19.68
N CYS E 178 21.39 -6.44 19.69
CA CYS E 178 21.35 -5.64 18.46
C CYS E 178 22.57 -4.73 18.41
N MET E 179 23.00 -4.43 17.19
CA MET E 179 24.23 -3.68 16.97
C MET E 179 23.96 -2.46 16.09
N LEU E 180 24.82 -1.46 16.23
CA LEU E 180 24.79 -0.26 15.40
C LEU E 180 26.22 -0.03 14.90
N ASP E 181 26.48 -0.41 13.66
CA ASP E 181 27.82 -0.36 13.10
C ASP E 181 28.02 0.96 12.34
N LEU E 182 29.13 1.64 12.62
CA LEU E 182 29.47 2.89 11.97
C LEU E 182 30.85 2.74 11.33
N GLU E 183 30.96 3.20 10.08
CA GLU E 183 32.16 2.95 9.28
C GLU E 183 32.25 3.98 8.18
N SER E 184 33.48 4.29 7.77
CA SER E 184 33.69 5.13 6.60
C SER E 184 33.39 4.33 5.33
N TYR E 185 32.64 4.92 4.41
CA TYR E 185 32.23 4.18 3.23
C TYR E 185 33.38 4.05 2.24
N GLY E 186 34.13 5.12 2.01
CA GLY E 186 35.13 5.11 0.95
C GLY E 186 36.56 5.26 1.39
N TYR E 187 36.79 5.86 2.56
CA TYR E 187 38.13 6.12 3.05
C TYR E 187 38.58 4.95 3.93
N SER E 188 39.71 4.36 3.57
CA SER E 188 40.24 3.22 4.31
C SER E 188 40.94 3.72 5.57
N SER E 189 41.61 2.81 6.29
CA SER E 189 42.32 3.18 7.50
C SER E 189 43.48 4.12 7.22
N GLU E 190 43.95 4.17 5.98
CA GLU E 190 45.01 5.10 5.60
C GLU E 190 44.52 6.54 5.47
N ASP E 191 43.21 6.76 5.47
CA ASP E 191 42.64 8.09 5.29
C ASP E 191 41.82 8.55 6.49
N ILE E 192 40.92 7.72 7.00
CA ILE E 192 40.07 8.07 8.13
C ILE E 192 40.15 6.95 9.16
N VAL E 193 40.37 7.34 10.42
CA VAL E 193 40.37 6.40 11.54
C VAL E 193 39.37 6.92 12.58
N TYR E 194 38.50 6.03 13.05
CA TYR E 194 37.48 6.39 14.01
C TYR E 194 37.85 5.90 15.41
N TYR E 195 37.32 6.59 16.41
CA TYR E 195 37.47 6.18 17.80
C TYR E 195 36.35 6.83 18.61
N TRP E 196 35.87 6.11 19.61
CA TRP E 196 34.86 6.65 20.50
C TRP E 196 35.43 7.79 21.33
N SER E 197 34.72 8.90 21.39
CA SER E 197 35.17 10.04 22.18
C SER E 197 35.05 9.72 23.67
N GLU E 198 35.83 10.46 24.48
CA GLU E 198 35.80 10.26 25.91
C GLU E 198 34.43 10.59 26.51
N SER E 199 33.68 11.47 25.86
CA SER E 199 32.34 11.82 26.33
C SER E 199 31.30 10.74 26.05
N GLN E 200 31.62 9.75 25.22
CA GLN E 200 30.63 8.75 24.83
C GLN E 200 30.11 7.97 26.04
N GLU E 201 30.96 7.74 27.03
CA GLU E 201 30.55 6.98 28.21
C GLU E 201 29.50 7.68 29.05
N HIS E 202 29.27 8.98 28.83
CA HIS E 202 28.37 9.76 29.67
C HIS E 202 27.08 10.15 28.97
N ILE E 203 27.11 10.46 27.68
CA ILE E 203 25.96 11.03 26.99
C ILE E 203 25.32 10.03 26.03
N HIS E 204 25.56 8.73 26.22
CA HIS E 204 24.94 7.74 25.34
C HIS E 204 23.42 7.74 25.50
N GLY E 205 22.94 7.94 26.73
CA GLY E 205 21.51 8.07 26.98
C GLY E 205 20.73 6.78 26.91
N LEU E 206 21.40 5.62 26.87
CA LEU E 206 20.67 4.36 26.79
C LEU E 206 19.97 4.03 28.10
N ASP E 207 20.49 4.52 29.23
CA ASP E 207 19.83 4.28 30.51
C ASP E 207 18.48 4.97 30.58
N LYS E 208 18.37 6.19 30.06
CA LYS E 208 17.13 6.94 30.13
C LYS E 208 16.04 6.39 29.23
N LEU E 209 16.38 5.52 28.27
CA LEU E 209 15.39 5.00 27.36
C LEU E 209 14.40 4.09 28.07
N GLN E 210 13.12 4.18 27.67
CA GLN E 210 12.06 3.35 28.22
C GLN E 210 11.38 2.65 27.04
N LEU E 211 11.51 1.32 26.99
CA LEU E 211 10.98 0.52 25.91
C LEU E 211 9.71 -0.19 26.38
N ALA E 212 8.72 -0.25 25.49
CA ALA E 212 7.42 -0.82 25.87
C ALA E 212 7.53 -2.30 26.19
N GLN E 213 8.28 -3.07 25.40
CA GLN E 213 8.34 -4.51 25.54
C GLN E 213 9.69 -5.05 25.97
N PHE E 214 10.77 -4.29 25.82
CA PHE E 214 12.11 -4.75 26.11
C PHE E 214 12.75 -3.91 27.21
N THR E 215 13.88 -4.41 27.71
CA THR E 215 14.68 -3.69 28.69
C THR E 215 16.14 -3.79 28.30
N ILE E 216 16.85 -2.66 28.29
CA ILE E 216 18.26 -2.63 27.93
C ILE E 216 19.05 -3.11 29.13
N THR E 217 19.47 -4.38 29.11
CA THR E 217 20.21 -4.92 30.25
C THR E 217 21.63 -4.37 30.30
N SER E 218 22.31 -4.31 29.16
CA SER E 218 23.69 -3.83 29.13
C SER E 218 23.99 -3.26 27.76
N TYR E 219 25.02 -2.42 27.71
CA TYR E 219 25.47 -1.82 26.46
C TYR E 219 26.99 -1.83 26.42
N ARG E 220 27.54 -1.81 25.22
CA ARG E 220 28.98 -1.89 25.03
C ARG E 220 29.37 -1.17 23.75
N PHE E 221 30.46 -0.42 23.82
CA PHE E 221 31.02 0.28 22.67
C PHE E 221 32.31 -0.44 22.27
N THR E 222 32.36 -0.91 21.02
CA THR E 222 33.44 -1.77 20.56
C THR E 222 34.09 -1.16 19.32
N THR E 223 35.41 -1.34 19.21
CA THR E 223 36.18 -0.91 18.06
C THR E 223 36.78 -2.14 17.38
N GLU E 224 36.56 -2.24 16.07
CA GLU E 224 37.08 -3.34 15.27
C GLU E 224 37.93 -2.77 14.15
N LEU E 225 39.24 -3.03 14.19
CA LEU E 225 40.18 -2.53 13.19
C LEU E 225 40.47 -3.54 12.09
N MET E 226 39.83 -4.70 12.12
CA MET E 226 40.11 -5.78 11.17
C MET E 226 38.89 -6.09 10.32
N ASN E 227 38.15 -5.06 9.91
CA ASN E 227 36.97 -5.27 9.08
C ASN E 227 37.36 -5.76 7.69
N PHE E 228 38.32 -5.09 7.06
CA PHE E 228 38.92 -5.52 5.79
C PHE E 228 37.87 -5.74 4.71
N LYS E 229 37.23 -4.63 4.33
CA LYS E 229 36.27 -4.66 3.23
C LYS E 229 37.01 -4.86 1.90
N SER E 230 36.25 -4.92 0.81
CA SER E 230 36.84 -5.18 -0.50
C SER E 230 37.81 -4.07 -0.90
N ALA E 231 37.43 -2.81 -0.64
CA ALA E 231 38.30 -1.69 -1.00
C ALA E 231 39.57 -1.70 -0.17
N GLY E 232 39.48 -2.04 1.11
CA GLY E 232 40.65 -2.05 1.98
C GLY E 232 40.24 -2.30 3.42
N GLN E 233 41.10 -1.85 4.32
CA GLN E 233 40.87 -1.98 5.76
C GLN E 233 40.11 -0.74 6.25
N PHE E 234 38.91 -0.97 6.79
CA PHE E 234 38.05 0.11 7.27
C PHE E 234 37.76 -0.07 8.74
N PRO E 235 38.31 0.75 9.63
CA PRO E 235 37.96 0.64 11.05
C PRO E 235 36.46 0.85 11.25
N ARG E 236 35.89 0.06 12.15
CA ARG E 236 34.45 0.08 12.39
C ARG E 236 34.19 0.29 13.88
N LEU E 237 33.32 1.24 14.19
CA LEU E 237 32.85 1.45 15.56
C LEU E 237 31.43 0.90 15.67
N SER E 238 31.22 0.04 16.66
CA SER E 238 29.95 -0.65 16.82
C SER E 238 29.43 -0.45 18.24
N LEU E 239 28.12 -0.23 18.34
CA LEU E 239 27.43 -0.13 19.62
C LEU E 239 26.59 -1.38 19.81
N HIS E 240 26.90 -2.15 20.85
CA HIS E 240 26.16 -3.36 21.19
C HIS E 240 25.31 -3.08 22.42
N PHE E 241 24.01 -3.33 22.31
CA PHE E 241 23.12 -3.24 23.46
C PHE E 241 22.23 -4.48 23.48
N HIS E 242 22.07 -5.06 24.66
CA HIS E 242 21.31 -6.29 24.83
C HIS E 242 19.89 -5.96 25.27
N LEU E 243 18.91 -6.55 24.60
CA LEU E 243 17.50 -6.33 24.91
C LEU E 243 16.91 -7.60 25.48
N ARG E 244 16.26 -7.47 26.63
CA ARG E 244 15.56 -8.57 27.28
C ARG E 244 14.07 -8.31 27.20
N ARG E 245 13.33 -9.24 26.61
CA ARG E 245 11.89 -9.08 26.49
C ARG E 245 11.24 -9.13 27.87
N ASN E 246 10.33 -8.21 28.13
CA ASN E 246 9.68 -8.15 29.42
C ASN E 246 8.78 -9.37 29.64
N ARG E 247 8.86 -9.94 30.84
CA ARG E 247 8.02 -11.06 31.23
C ARG E 247 6.91 -10.53 32.14
N GLY E 248 5.67 -10.67 31.68
CA GLY E 248 4.54 -10.15 32.43
C GLY E 248 3.20 -10.55 31.82
N VAL E 249 2.27 -9.58 31.75
CA VAL E 249 0.95 -9.86 31.22
C VAL E 249 1.01 -10.29 29.76
N TYR E 250 1.98 -9.77 29.01
CA TYR E 250 2.13 -10.16 27.61
C TYR E 250 2.42 -11.65 27.49
N ILE E 251 3.32 -12.17 28.32
CA ILE E 251 3.61 -13.60 28.30
C ILE E 251 2.44 -14.39 28.87
N ILE E 252 1.80 -13.87 29.92
CA ILE E 252 0.64 -14.54 30.49
C ILE E 252 -0.47 -14.66 29.47
N GLN E 253 -0.72 -13.58 28.71
CA GLN E 253 -1.76 -13.62 27.69
C GLN E 253 -1.40 -14.62 26.58
N SER E 254 -0.11 -14.74 26.26
CA SER E 254 0.29 -15.67 25.21
C SER E 254 -0.01 -17.11 25.61
N TYR E 255 0.26 -17.48 26.86
CA TYR E 255 0.07 -18.84 27.32
C TYR E 255 -1.29 -19.09 27.93
N MET E 256 -2.10 -18.04 28.17
CA MET E 256 -3.38 -18.23 28.84
C MET E 256 -4.34 -19.13 28.06
N PRO E 257 -4.61 -18.89 26.76
CA PRO E 257 -5.56 -19.77 26.07
C PRO E 257 -5.12 -21.22 26.00
N SER E 258 -3.81 -21.48 25.87
CA SER E 258 -3.33 -22.86 25.81
C SER E 258 -3.57 -23.60 27.11
N VAL E 259 -3.31 -22.95 28.25
CA VAL E 259 -3.50 -23.59 29.55
C VAL E 259 -4.98 -23.83 29.83
N LEU E 260 -5.82 -22.85 29.49
CA LEU E 260 -7.25 -22.99 29.76
C LEU E 260 -7.88 -24.12 28.93
N LEU E 261 -7.43 -24.29 27.69
CA LEU E 261 -7.91 -25.39 26.88
C LEU E 261 -7.54 -26.74 27.51
N VAL E 262 -6.31 -26.84 28.02
CA VAL E 262 -5.90 -28.06 28.72
C VAL E 262 -6.75 -28.26 29.97
N ALA E 263 -6.98 -27.18 30.73
CA ALA E 263 -7.80 -27.27 31.93
C ALA E 263 -9.24 -27.62 31.57
N MET E 264 -9.77 -27.05 30.48
CA MET E 264 -11.14 -27.35 30.08
C MET E 264 -11.29 -28.81 29.65
N SER E 265 -10.25 -29.39 29.06
CA SER E 265 -10.31 -30.80 28.70
C SER E 265 -10.40 -31.70 29.92
N TRP E 266 -9.82 -31.27 31.04
CA TRP E 266 -9.90 -32.05 32.28
C TRP E 266 -11.31 -32.09 32.85
N VAL E 267 -12.19 -31.16 32.44
CA VAL E 267 -13.55 -31.15 32.95
C VAL E 267 -14.30 -32.40 32.51
N SER E 268 -14.01 -32.90 31.30
CA SER E 268 -14.69 -34.08 30.80
C SER E 268 -14.43 -35.31 31.67
N PHE E 269 -13.33 -35.34 32.40
CA PHE E 269 -13.05 -36.49 33.27
C PHE E 269 -14.12 -36.64 34.34
N TRP E 270 -14.58 -35.52 34.91
CA TRP E 270 -15.61 -35.55 35.93
CA TRP E 270 -15.61 -35.55 35.93
C TRP E 270 -17.01 -35.73 35.36
N ILE E 271 -17.17 -35.66 34.05
CA ILE E 271 -18.47 -35.85 33.41
C ILE E 271 -18.71 -37.35 33.23
N SER E 272 -19.95 -37.78 33.45
CA SER E 272 -20.28 -39.20 33.34
C SER E 272 -20.07 -39.69 31.91
N GLN E 273 -19.63 -40.94 31.80
CA GLN E 273 -19.40 -41.54 30.49
C GLN E 273 -20.70 -41.79 29.73
N ALA E 274 -21.84 -41.80 30.43
CA ALA E 274 -23.12 -42.02 29.76
C ALA E 274 -23.42 -40.92 28.76
N ALA E 275 -23.13 -39.66 29.12
CA ALA E 275 -23.37 -38.52 28.24
C ALA E 275 -22.29 -38.50 27.18
N VAL E 276 -22.47 -39.34 26.16
CA VAL E 276 -21.48 -39.42 25.08
C VAL E 276 -21.33 -38.11 24.32
N PRO E 277 -22.40 -37.46 23.84
CA PRO E 277 -22.20 -36.19 23.12
C PRO E 277 -21.57 -35.10 23.96
N ALA E 278 -21.79 -35.10 25.28
CA ALA E 278 -21.22 -34.06 26.13
C ALA E 278 -19.71 -34.13 26.19
N ARG E 279 -19.17 -35.34 26.44
CA ARG E 279 -17.72 -35.48 26.57
C ARG E 279 -17.02 -35.39 25.22
N VAL E 280 -17.66 -35.92 24.17
CA VAL E 280 -17.07 -35.85 22.84
C VAL E 280 -16.99 -34.40 22.37
N SER E 281 -18.07 -33.63 22.57
CA SER E 281 -18.06 -32.22 22.17
C SER E 281 -17.02 -31.43 22.96
N LEU E 282 -16.90 -31.71 24.26
CA LEU E 282 -15.89 -31.03 25.05
C LEU E 282 -14.49 -31.40 24.60
N GLY E 283 -14.26 -32.67 24.26
CA GLY E 283 -12.94 -33.09 23.81
C GLY E 283 -12.53 -32.47 22.49
N ILE E 284 -13.45 -32.43 21.52
CA ILE E 284 -13.08 -31.96 20.19
C ILE E 284 -12.83 -30.45 20.20
N THR E 285 -13.61 -29.69 20.97
CA THR E 285 -13.47 -28.24 20.96
C THR E 285 -12.09 -27.82 21.47
N THR E 286 -11.58 -28.51 22.49
CA THR E 286 -10.23 -28.22 22.97
C THR E 286 -9.19 -28.51 21.90
N VAL E 287 -9.35 -29.63 21.18
CA VAL E 287 -8.37 -30.00 20.16
C VAL E 287 -8.40 -29.03 18.99
N LEU E 288 -9.61 -28.72 18.50
CA LEU E 288 -9.73 -27.84 17.34
C LEU E 288 -9.24 -26.43 17.66
N THR E 289 -9.62 -25.90 18.84
CA THR E 289 -9.16 -24.56 19.22
C THR E 289 -7.66 -24.53 19.39
N MET E 290 -7.08 -25.61 19.92
CA MET E 290 -5.63 -25.70 20.03
C MET E 290 -4.99 -25.68 18.64
N THR E 291 -5.60 -26.36 17.67
CA THR E 291 -5.08 -26.35 16.31
C THR E 291 -5.12 -24.94 15.73
N THR E 292 -6.23 -24.22 15.93
CA THR E 292 -6.32 -22.85 15.44
C THR E 292 -5.32 -21.93 16.14
N LEU E 293 -5.06 -22.17 17.42
CA LEU E 293 -4.08 -21.36 18.13
C LEU E 293 -2.69 -21.54 17.54
N MET E 294 -2.32 -22.77 17.19
CA MET E 294 -1.02 -23.00 16.57
C MET E 294 -0.93 -22.32 15.21
N VAL E 295 -2.01 -22.37 14.42
CA VAL E 295 -2.01 -21.71 13.12
C VAL E 295 -1.86 -20.21 13.28
N SER E 296 -2.61 -19.63 14.21
CA SER E 296 -2.55 -18.18 14.43
C SER E 296 -1.25 -17.75 15.09
N ALA E 297 -0.56 -18.65 15.79
CA ALA E 297 0.66 -18.27 16.49
C ALA E 297 1.76 -17.87 15.50
N ARG E 298 1.98 -18.69 14.48
CA ARG E 298 3.00 -18.40 13.48
C ARG E 298 2.48 -17.53 12.34
N SER E 299 1.18 -17.25 12.30
CA SER E 299 0.67 -16.27 11.34
C SER E 299 1.12 -14.87 11.71
N SER E 300 1.35 -14.60 13.00
CA SER E 300 1.89 -13.32 13.42
C SER E 300 3.29 -13.11 12.87
N LEU E 301 4.11 -14.16 12.86
CA LEU E 301 5.45 -14.11 12.30
C LEU E 301 5.49 -14.99 11.05
N PRO E 302 5.10 -14.47 9.89
CA PRO E 302 4.96 -15.32 8.69
C PRO E 302 6.26 -16.00 8.27
N ARG E 303 7.40 -15.35 8.45
CA ARG E 303 8.67 -15.88 7.96
C ARG E 303 9.54 -16.47 9.06
N ALA E 304 9.01 -16.63 10.27
CA ALA E 304 9.77 -17.22 11.37
C ALA E 304 9.71 -18.74 11.23
N SER E 305 10.62 -19.27 10.41
CA SER E 305 10.70 -20.71 10.18
C SER E 305 11.41 -21.46 11.30
N ALA E 306 12.07 -20.75 12.22
CA ALA E 306 12.79 -21.41 13.30
C ALA E 306 11.82 -21.90 14.37
N ILE E 307 12.32 -22.79 15.22
CA ILE E 307 11.53 -23.34 16.31
C ILE E 307 11.51 -22.34 17.46
N LYS E 308 10.32 -22.00 17.93
CA LYS E 308 10.14 -21.09 19.05
C LYS E 308 9.65 -21.86 20.27
N ALA E 309 10.01 -21.36 21.46
CA ALA E 309 9.58 -22.01 22.69
C ALA E 309 8.06 -21.97 22.82
N LEU E 310 7.41 -20.93 22.29
CA LEU E 310 5.95 -20.88 22.32
C LEU E 310 5.34 -22.01 21.50
N ASP E 311 5.94 -22.30 20.33
CA ASP E 311 5.43 -23.38 19.50
C ASP E 311 5.56 -24.73 20.21
N VAL E 312 6.66 -24.93 20.94
CA VAL E 312 6.86 -26.17 21.67
C VAL E 312 5.77 -26.35 22.72
N TYR E 313 5.41 -25.28 23.43
CA TYR E 313 4.39 -25.36 24.46
C TYR E 313 3.03 -25.72 23.85
N PHE E 314 2.74 -25.20 22.66
CA PHE E 314 1.49 -25.54 22.00
C PHE E 314 1.43 -27.03 21.66
N TRP E 315 2.56 -27.60 21.23
CA TRP E 315 2.59 -29.03 20.95
C TRP E 315 2.34 -29.86 22.21
N ILE E 316 2.94 -29.43 23.33
CA ILE E 316 2.70 -30.11 24.61
C ILE E 316 1.24 -30.02 24.99
N CYS E 317 0.65 -28.82 24.85
CA CYS E 317 -0.76 -28.66 25.19
C CYS E 317 -1.65 -29.47 24.24
N TYR E 318 -1.27 -29.55 22.97
CA TYR E 318 -2.06 -30.33 22.02
C TYR E 318 -2.06 -31.81 22.37
N VAL E 319 -0.92 -32.32 22.85
CA VAL E 319 -0.85 -33.73 23.23
C VAL E 319 -1.80 -34.04 24.37
N PHE E 320 -1.84 -33.17 25.39
CA PHE E 320 -2.70 -33.40 26.54
C PHE E 320 -4.17 -33.34 26.17
N VAL E 321 -4.57 -32.34 25.38
CA VAL E 321 -5.98 -32.23 25.01
C VAL E 321 -6.38 -33.35 24.07
N PHE E 322 -5.47 -33.78 23.19
CA PHE E 322 -5.76 -34.90 22.31
C PHE E 322 -5.82 -36.21 23.08
N ALA E 323 -4.93 -36.39 24.06
CA ALA E 323 -4.94 -37.60 24.87
C ALA E 323 -6.22 -37.72 25.69
N ALA E 324 -6.76 -36.58 26.16
CA ALA E 324 -7.99 -36.61 26.93
C ALA E 324 -9.15 -37.16 26.09
N LEU E 325 -9.25 -36.73 24.84
CA LEU E 325 -10.27 -37.27 23.95
C LEU E 325 -10.04 -38.74 23.67
N VAL E 326 -8.78 -39.13 23.45
CA VAL E 326 -8.45 -40.54 23.25
C VAL E 326 -8.73 -41.33 24.53
N GLU E 327 -8.52 -40.72 25.68
CA GLU E 327 -8.80 -41.40 26.95
C GLU E 327 -10.28 -41.75 27.05
N TYR E 328 -11.16 -40.83 26.70
CA TYR E 328 -12.59 -41.14 26.71
C TYR E 328 -12.94 -42.16 25.63
N ALA E 329 -12.35 -42.03 24.44
CA ALA E 329 -12.61 -42.99 23.38
C ALA E 329 -12.17 -44.40 23.79
N PHE E 330 -11.02 -44.51 24.47
CA PHE E 330 -10.59 -45.79 25.01
C PHE E 330 -11.58 -46.32 26.03
N ALA E 331 -12.06 -45.44 26.92
CA ALA E 331 -13.05 -45.85 27.91
C ALA E 331 -14.39 -46.18 27.27
N HIS E 332 -14.82 -45.38 26.30
CA HIS E 332 -16.10 -45.61 25.64
C HIS E 332 -16.10 -46.92 24.86
N PHE E 333 -14.98 -47.24 24.20
CA PHE E 333 -14.90 -48.46 23.42
C PHE E 333 -14.97 -49.69 24.32
N ASN E 334 -14.36 -49.63 25.50
CA ASN E 334 -14.36 -50.76 26.42
C ASN E 334 -15.63 -50.87 27.24
N ALA E 335 -16.56 -49.91 27.12
CA ALA E 335 -17.80 -49.92 27.88
C ALA E 335 -18.99 -50.38 27.04
N ASP E 336 -18.76 -51.28 26.09
CA ASP E 336 -19.83 -51.79 25.25
C ASP E 336 -20.60 -52.91 25.96
N ALA E 424 -14.58 -48.44 31.35
CA ALA E 424 -14.41 -48.68 32.79
C ALA E 424 -14.35 -47.36 33.55
N ASP E 425 -15.03 -47.32 34.70
CA ASP E 425 -15.04 -46.12 35.53
C ASP E 425 -13.67 -45.85 36.17
N THR E 426 -12.81 -46.86 36.26
CA THR E 426 -11.50 -46.66 36.85
C THR E 426 -10.61 -45.77 35.98
N ILE E 427 -10.82 -45.79 34.67
CA ILE E 427 -9.98 -45.00 33.77
C ILE E 427 -10.15 -43.51 34.05
N ASP E 428 -11.39 -43.07 34.26
CA ASP E 428 -11.64 -41.67 34.57
C ASP E 428 -11.00 -41.27 35.89
N ILE E 429 -11.05 -42.16 36.89
CA ILE E 429 -10.48 -41.85 38.20
C ILE E 429 -8.98 -41.61 38.08
N TYR E 430 -8.28 -42.47 37.33
CA TYR E 430 -6.86 -42.24 37.09
C TYR E 430 -6.62 -40.97 36.29
N ALA E 431 -7.48 -40.70 35.30
CA ALA E 431 -7.31 -39.51 34.47
C ALA E 431 -7.44 -38.23 35.28
N ARG E 432 -8.30 -38.23 36.32
CA ARG E 432 -8.47 -37.05 37.14
C ARG E 432 -7.21 -36.70 37.93
N ALA E 433 -6.27 -37.63 38.06
CA ALA E 433 -5.03 -37.39 38.79
C ALA E 433 -3.80 -37.44 37.91
N VAL E 434 -3.74 -38.36 36.95
CA VAL E 434 -2.54 -38.49 36.12
C VAL E 434 -2.38 -37.27 35.23
N PHE E 435 -3.45 -36.85 34.55
CA PHE E 435 -3.36 -35.70 33.66
C PHE E 435 -2.95 -34.41 34.37
N PRO E 436 -3.56 -34.03 35.50
CA PRO E 436 -3.05 -32.84 36.21
C PRO E 436 -1.61 -33.00 36.68
N ALA E 437 -1.21 -34.21 37.08
CA ALA E 437 0.15 -34.42 37.54
C ALA E 437 1.14 -34.41 36.38
N ALA E 438 0.80 -35.06 35.27
CA ALA E 438 1.68 -35.08 34.11
C ALA E 438 1.86 -33.69 33.53
N PHE E 439 0.78 -32.91 33.46
CA PHE E 439 0.88 -31.56 32.94
C PHE E 439 1.74 -30.68 33.85
N ALA E 440 1.61 -30.85 35.17
CA ALA E 440 2.47 -30.11 36.07
C ALA E 440 3.94 -30.54 35.92
N ALA E 441 4.18 -31.83 35.74
CA ALA E 441 5.55 -32.32 35.62
C ALA E 441 6.21 -31.81 34.34
N VAL E 442 5.49 -31.83 33.21
CA VAL E 442 6.08 -31.38 31.96
C VAL E 442 6.31 -29.88 31.98
N ASN E 443 5.44 -29.13 32.67
CA ASN E 443 5.63 -27.68 32.76
C ASN E 443 6.92 -27.35 33.52
N VAL E 444 7.21 -28.08 34.59
CA VAL E 444 8.44 -27.85 35.34
C VAL E 444 9.66 -28.07 34.45
N ILE E 445 9.64 -29.13 33.65
CA ILE E 445 10.73 -29.38 32.70
C ILE E 445 10.78 -28.26 31.67
N TYR E 446 9.61 -27.85 31.15
CA TYR E 446 9.58 -26.82 30.11
C TYR E 446 10.11 -25.48 30.62
N TRP E 447 9.63 -25.04 31.79
CA TRP E 447 10.03 -23.73 32.29
C TRP E 447 11.47 -23.72 32.79
N ALA E 448 11.96 -24.86 33.26
CA ALA E 448 13.37 -24.94 33.65
C ALA E 448 14.29 -24.79 32.44
N ALA E 449 13.92 -25.38 31.32
CA ALA E 449 14.74 -25.29 30.12
C ALA E 449 14.81 -23.86 29.61
N TYR E 450 13.69 -23.14 29.63
CA TYR E 450 13.63 -21.75 29.16
C TYR E 450 13.56 -20.85 30.39
N ALA E 451 14.73 -20.47 30.90
CA ALA E 451 14.81 -19.60 32.07
C ALA E 451 15.56 -18.31 31.75
N GLN F 1 -18.77 0.36 -28.31
CA GLN F 1 -19.85 0.10 -29.26
C GLN F 1 -21.21 0.34 -28.63
N VAL F 2 -21.76 1.52 -28.85
CA VAL F 2 -23.03 1.94 -28.26
C VAL F 2 -23.99 2.29 -29.39
N GLN F 3 -25.26 1.92 -29.23
CA GLN F 3 -26.32 2.30 -30.15
C GLN F 3 -27.33 3.15 -29.39
N LEU F 4 -27.73 4.27 -29.98
CA LEU F 4 -28.67 5.19 -29.35
C LEU F 4 -29.84 5.43 -30.30
N VAL F 5 -31.06 5.18 -29.81
CA VAL F 5 -32.28 5.48 -30.55
C VAL F 5 -33.11 6.44 -29.70
N GLU F 6 -33.46 7.58 -30.27
CA GLU F 6 -34.24 8.60 -29.59
C GLU F 6 -35.62 8.73 -30.25
N SER F 7 -36.61 9.08 -29.43
CA SER F 7 -37.99 9.19 -29.91
C SER F 7 -38.75 10.12 -28.98
N GLY F 8 -39.92 10.55 -29.46
CA GLY F 8 -40.76 11.48 -28.72
C GLY F 8 -40.46 12.94 -28.99
N GLY F 9 -40.20 13.28 -30.25
CA GLY F 9 -40.03 14.66 -30.64
C GLY F 9 -41.30 15.32 -31.14
N GLY F 10 -41.41 15.47 -32.46
CA GLY F 10 -42.63 15.94 -33.08
C GLY F 10 -42.81 17.45 -32.95
N LEU F 11 -44.00 17.89 -33.31
CA LEU F 11 -44.33 19.31 -33.38
C LEU F 11 -45.47 19.62 -32.41
N VAL F 12 -45.27 20.63 -31.58
CA VAL F 12 -46.26 21.10 -30.61
C VAL F 12 -46.28 22.62 -30.64
N GLN F 13 -47.20 23.21 -29.88
CA GLN F 13 -47.28 24.66 -29.78
C GLN F 13 -46.23 25.20 -28.81
N GLY F 14 -45.76 24.48 -23.67
CA GLY F 14 -46.00 23.06 -23.78
C GLY F 14 -44.87 22.20 -23.23
N SER F 15 -45.23 21.07 -22.64
CA SER F 15 -44.25 20.14 -22.08
C SER F 15 -44.04 18.97 -23.04
N LEU F 16 -42.78 18.57 -23.19
CA LEU F 16 -42.41 17.46 -24.05
C LEU F 16 -41.38 16.60 -23.32
N ARG F 17 -41.31 15.32 -23.68
CA ARG F 17 -40.36 14.38 -23.10
C ARG F 17 -39.69 13.59 -24.23
N LEU F 18 -38.54 14.09 -24.66
CA LEU F 18 -37.60 13.29 -25.45
C LEU F 18 -37.01 12.16 -24.61
N SER F 19 -36.83 11.00 -25.23
CA SER F 19 -36.21 9.85 -24.59
C SER F 19 -35.07 9.33 -25.45
N CYS F 20 -34.10 8.68 -24.80
CA CYS F 20 -32.88 8.22 -25.44
C CYS F 20 -32.48 6.88 -24.84
N ALA F 21 -32.65 5.81 -25.63
CA ALA F 21 -32.47 4.44 -25.17
C ALA F 21 -31.12 3.93 -25.65
N ALA F 22 -30.27 3.53 -24.70
CA ALA F 22 -28.93 3.07 -25.00
C ALA F 22 -28.85 1.55 -24.91
N SER F 23 -27.92 0.97 -25.67
CA SER F 23 -27.67 -0.46 -25.61
C SER F 23 -26.23 -0.74 -26.03
N GLY F 24 -25.62 -1.74 -25.39
CA GLY F 24 -24.24 -2.09 -25.66
C GLY F 24 -23.30 -1.80 -24.51
N HIS F 25 -22.02 -1.54 -24.84
CA HIS F 25 -21.00 -1.22 -23.84
C HIS F 25 -21.23 0.19 -23.31
N THR F 26 -22.20 0.32 -22.41
CA THR F 26 -22.43 1.61 -21.76
C THR F 26 -21.48 1.86 -20.60
N PHE F 27 -20.78 0.83 -20.12
CA PHE F 27 -19.85 1.02 -19.01
C PHE F 27 -18.68 1.91 -19.40
N ASN F 28 -18.13 1.70 -20.60
CA ASN F 28 -17.02 2.50 -21.09
C ASN F 28 -17.43 3.93 -21.38
N TYR F 29 -18.73 4.21 -21.49
CA TYR F 29 -19.24 5.53 -21.88
C TYR F 29 -20.21 6.00 -20.82
N PRO F 30 -19.70 6.41 -19.66
CA PRO F 30 -20.56 6.67 -18.49
C PRO F 30 -21.43 7.91 -18.61
N ILE F 31 -21.18 8.79 -19.58
CA ILE F 31 -21.87 10.06 -19.70
C ILE F 31 -22.70 10.04 -20.97
N MET F 32 -23.95 10.50 -20.86
CA MET F 32 -24.81 10.76 -22.00
C MET F 32 -25.06 12.26 -22.11
N GLY F 33 -24.92 12.80 -23.33
CA GLY F 33 -25.16 14.21 -23.57
C GLY F 33 -26.33 14.41 -24.51
N TRP F 34 -27.05 15.51 -24.30
CA TRP F 34 -28.04 16.01 -25.24
C TRP F 34 -27.51 17.23 -25.98
N PHE F 35 -27.48 17.15 -27.30
CA PHE F 35 -27.19 18.29 -28.16
C PHE F 35 -28.41 18.65 -28.99
N ARG F 36 -28.37 19.83 -29.60
CA ARG F 36 -29.40 20.26 -30.54
C ARG F 36 -28.77 21.14 -31.60
N GLN F 37 -29.15 20.90 -32.86
CA GLN F 37 -28.61 21.64 -34.00
C GLN F 37 -29.76 22.34 -34.71
N ALA F 38 -29.82 23.67 -34.55
CA ALA F 38 -30.75 24.46 -35.33
C ALA F 38 -30.28 24.55 -36.78
N PRO F 39 -31.20 24.76 -37.73
CA PRO F 39 -30.79 24.89 -39.14
C PRO F 39 -29.87 26.08 -39.34
N GLY F 40 -28.65 25.79 -39.77
CA GLY F 40 -27.65 26.81 -40.02
C GLY F 40 -26.67 26.91 -38.88
N LYS F 41 -27.19 26.90 -37.65
CA LYS F 41 -26.38 27.14 -36.48
C LYS F 41 -25.53 25.90 -36.16
N GLU F 42 -24.54 26.09 -35.29
CA GLU F 42 -23.67 25.01 -34.89
C GLU F 42 -24.38 24.09 -33.90
N ARG F 43 -23.89 22.87 -33.79
CA ARG F 43 -24.45 21.91 -32.85
C ARG F 43 -24.14 22.33 -31.42
N GLU F 44 -25.16 22.34 -30.57
CA GLU F 44 -25.15 23.11 -29.34
C GLU F 44 -25.45 22.19 -28.16
N PHE F 45 -24.68 22.38 -27.10
CA PHE F 45 -24.84 21.59 -25.89
C PHE F 45 -26.14 21.97 -25.17
N VAL F 46 -26.85 20.95 -24.69
CA VAL F 46 -28.06 21.14 -23.88
C VAL F 46 -27.83 20.68 -22.45
N GLY F 47 -27.43 19.43 -22.26
CA GLY F 47 -27.12 18.95 -20.93
C GLY F 47 -26.54 17.56 -20.99
N ALA F 48 -26.13 17.06 -19.82
CA ALA F 48 -25.48 15.77 -19.72
C ALA F 48 -25.77 15.16 -18.35
N ILE F 49 -25.81 13.84 -18.32
CA ILE F 49 -26.05 13.09 -17.09
C ILE F 49 -25.08 11.92 -17.01
N SER F 50 -24.48 11.73 -15.82
CA SER F 50 -23.81 10.48 -15.50
C SER F 50 -24.84 9.39 -15.27
N TRP F 51 -24.62 8.23 -15.91
CA TRP F 51 -25.40 7.03 -15.61
C TRP F 51 -25.39 6.70 -14.12
N SER F 52 -24.21 6.64 -13.52
CA SER F 52 -24.07 6.33 -12.10
C SER F 52 -23.98 7.64 -11.32
N GLY F 53 -24.99 7.91 -10.49
CA GLY F 53 -25.04 9.08 -9.64
C GLY F 53 -26.03 10.13 -10.11
N GLY F 54 -26.20 10.25 -11.43
CA GLY F 54 -27.09 11.26 -11.98
C GLY F 54 -26.59 12.68 -11.82
N SER F 55 -25.27 12.85 -11.71
CA SER F 55 -24.68 14.18 -11.71
C SER F 55 -25.00 14.90 -13.01
N THR F 56 -25.69 16.03 -12.91
CA THR F 56 -26.33 16.68 -14.04
C THR F 56 -25.72 18.06 -14.27
N SER F 57 -25.75 18.50 -15.52
CA SER F 57 -25.30 19.83 -15.91
C SER F 57 -26.14 20.31 -17.08
N TYR F 58 -26.37 21.62 -17.12
CA TYR F 58 -27.22 22.22 -18.14
C TYR F 58 -26.55 23.46 -18.72
N ALA F 59 -26.80 23.69 -20.00
CA ALA F 59 -26.56 25.00 -20.61
C ALA F 59 -27.47 26.05 -19.98
N ASP F 60 -26.99 27.30 -19.98
CA ASP F 60 -27.72 28.40 -19.38
C ASP F 60 -29.10 28.57 -20.00
N SER F 61 -29.18 28.49 -21.33
CA SER F 61 -30.44 28.69 -22.05
C SER F 61 -31.56 27.84 -21.47
N VAL F 62 -31.26 26.59 -21.12
CA VAL F 62 -32.26 25.62 -20.68
C VAL F 62 -32.21 25.38 -19.18
N LYS F 63 -31.34 26.08 -18.46
CA LYS F 63 -31.26 25.95 -17.01
C LYS F 63 -32.56 26.40 -16.37
N ASP F 64 -33.15 25.51 -15.56
CA ASP F 64 -34.44 25.72 -14.90
C ASP F 64 -35.58 25.77 -15.91
N ARG F 65 -35.47 24.94 -16.94
CA ARG F 65 -36.54 24.70 -17.91
C ARG F 65 -36.55 23.21 -18.24
N PHE F 66 -35.49 22.75 -18.89
CA PHE F 66 -35.31 21.34 -19.19
C PHE F 66 -34.81 20.61 -17.95
N THR F 67 -35.16 19.33 -17.85
CA THR F 67 -34.61 18.45 -16.81
C THR F 67 -34.27 17.10 -17.40
N ILE F 68 -33.04 16.66 -17.17
CA ILE F 68 -32.57 15.34 -17.59
C ILE F 68 -32.57 14.42 -16.38
N SER F 69 -32.96 13.16 -16.58
CA SER F 69 -32.58 12.08 -15.69
C SER F 69 -32.69 10.77 -16.46
N ARG F 70 -32.45 9.66 -15.76
CA ARG F 70 -32.28 8.37 -16.41
C ARG F 70 -32.86 7.28 -15.52
N ASP F 71 -32.94 6.07 -16.08
CA ASP F 71 -33.15 4.86 -15.29
C ASP F 71 -32.24 3.77 -15.82
N ASN F 72 -31.37 3.25 -14.95
CA ASN F 72 -30.37 2.29 -15.40
C ASN F 72 -30.98 0.94 -15.77
N ALA F 73 -32.18 0.65 -15.28
CA ALA F 73 -32.86 -0.60 -15.64
C ALA F 73 -33.08 -0.69 -17.15
N LYS F 74 -33.69 0.34 -17.73
CA LYS F 74 -33.99 0.35 -19.16
C LYS F 74 -32.81 0.84 -20.00
N ASN F 75 -31.80 1.46 -19.37
CA ASN F 75 -30.73 2.15 -20.08
C ASN F 75 -31.28 3.28 -20.96
N THR F 76 -31.98 4.21 -20.31
CA THR F 76 -32.73 5.24 -20.98
C THR F 76 -32.43 6.58 -20.32
N VAL F 77 -32.25 7.61 -21.14
CA VAL F 77 -32.13 8.99 -20.69
C VAL F 77 -33.25 9.80 -21.33
N TYR F 78 -33.77 10.79 -20.59
CA TYR F 78 -34.86 11.62 -21.06
C TYR F 78 -34.55 13.09 -20.84
N LEU F 79 -34.82 13.89 -21.86
CA LEU F 79 -34.83 15.35 -21.78
C LEU F 79 -36.27 15.80 -21.65
N GLU F 80 -36.65 16.24 -20.44
CA GLU F 80 -38.00 16.75 -20.18
C GLU F 80 -38.05 18.23 -20.52
N MET F 81 -38.49 18.53 -21.74
CA MET F 81 -38.52 19.88 -22.29
C MET F 81 -39.81 20.57 -21.87
N ASN F 82 -39.77 21.23 -20.72
CA ASN F 82 -40.90 22.03 -20.23
C ASN F 82 -40.69 23.49 -20.59
N ASN F 83 -41.81 24.22 -20.74
CA ASN F 83 -41.79 25.68 -20.90
C ASN F 83 -41.13 26.05 -22.24
N LEU F 84 -41.57 25.39 -23.30
CA LEU F 84 -40.90 25.50 -24.59
C LEU F 84 -41.03 26.90 -25.17
N LYS F 85 -40.14 27.19 -26.11
CA LYS F 85 -39.99 28.50 -26.73
C LYS F 85 -39.65 28.30 -28.20
N PRO F 86 -39.90 29.32 -29.03
CA PRO F 86 -39.55 29.18 -30.46
C PRO F 86 -38.04 29.16 -30.71
N GLU F 87 -37.22 29.50 -29.72
CA GLU F 87 -35.78 29.27 -29.84
C GLU F 87 -35.43 27.80 -29.77
N ASP F 88 -36.27 26.99 -29.14
CA ASP F 88 -36.04 25.55 -28.91
C ASP F 88 -36.49 24.72 -30.11
N THR F 89 -36.04 25.10 -31.30
CA THR F 89 -36.47 24.49 -32.56
C THR F 89 -35.23 23.98 -33.30
N ALA F 90 -34.97 22.68 -33.18
CA ALA F 90 -33.72 22.10 -33.63
C ALA F 90 -33.87 20.59 -33.72
N VAL F 91 -32.93 19.97 -34.42
CA VAL F 91 -32.71 18.52 -34.37
C VAL F 91 -31.97 18.20 -33.08
N TYR F 92 -32.69 17.64 -32.11
CA TYR F 92 -32.09 17.21 -30.84
C TYR F 92 -31.42 15.86 -31.03
N TYR F 93 -30.12 15.79 -30.74
CA TYR F 93 -29.36 14.55 -30.81
C TYR F 93 -28.93 14.09 -29.42
N CYS F 94 -28.81 12.78 -29.28
CA CYS F 94 -28.26 12.12 -28.10
C CYS F 94 -26.85 11.63 -28.44
N ALA F 95 -25.95 11.67 -27.44
CA ALA F 95 -24.60 11.17 -27.67
C ALA F 95 -23.98 10.66 -26.38
N ALA F 96 -23.00 9.78 -26.56
CA ALA F 96 -22.26 9.15 -25.46
C ALA F 96 -20.83 9.66 -25.43
N LYS F 97 -20.32 9.89 -24.23
CA LYS F 97 -18.96 10.39 -24.02
C LYS F 97 -18.14 9.35 -23.27
N GLY F 98 -16.91 9.13 -23.74
CA GLY F 98 -15.98 8.30 -23.01
C GLY F 98 -15.55 8.91 -21.68
N ARG F 99 -15.06 8.03 -20.81
CA ARG F 99 -14.65 8.43 -19.47
C ARG F 99 -13.61 9.55 -19.48
N TYR F 100 -12.62 9.45 -20.37
CA TYR F 100 -11.49 10.39 -20.39
C TYR F 100 -11.53 11.29 -21.61
N SER F 101 -12.71 11.55 -22.16
CA SER F 101 -12.85 12.17 -23.46
C SER F 101 -13.01 13.68 -23.43
N GLY F 102 -12.79 14.33 -22.29
CA GLY F 102 -12.71 15.78 -22.28
C GLY F 102 -13.94 16.45 -21.70
N GLY F 103 -14.09 17.73 -22.04
CA GLY F 103 -15.18 18.52 -21.50
C GLY F 103 -16.54 18.09 -22.01
N LEU F 104 -17.53 18.25 -21.12
CA LEU F 104 -18.93 17.93 -21.45
C LEU F 104 -19.43 18.69 -22.67
N TYR F 105 -19.03 19.95 -22.82
CA TYR F 105 -19.72 20.86 -23.74
C TYR F 105 -19.44 20.62 -25.21
N TYR F 106 -18.40 19.86 -25.55
CA TYR F 106 -17.85 19.91 -26.90
C TYR F 106 -18.26 18.67 -27.68
N PRO F 107 -19.11 18.81 -28.70
CA PRO F 107 -19.65 17.62 -29.39
C PRO F 107 -18.60 16.74 -30.04
N THR F 108 -17.42 17.29 -30.39
CA THR F 108 -16.38 16.47 -30.97
C THR F 108 -15.79 15.48 -29.97
N ASN F 109 -16.01 15.68 -28.67
CA ASN F 109 -15.56 14.74 -27.67
C ASN F 109 -16.42 13.48 -27.61
N TYR F 110 -17.59 13.51 -28.23
CA TYR F 110 -18.58 12.45 -28.14
C TYR F 110 -18.43 11.53 -29.34
N ASP F 111 -18.67 10.24 -29.14
CA ASP F 111 -18.38 9.24 -30.15
C ASP F 111 -19.62 8.69 -30.84
N TYR F 112 -20.68 8.40 -30.09
CA TYR F 112 -21.80 7.60 -30.59
C TYR F 112 -23.05 8.48 -30.61
N TRP F 113 -23.46 8.92 -31.80
CA TRP F 113 -24.51 9.90 -31.96
C TRP F 113 -25.82 9.23 -32.35
N GLY F 114 -26.88 9.52 -31.61
CA GLY F 114 -28.22 9.14 -32.03
C GLY F 114 -28.62 9.76 -33.36
N GLN F 115 -29.75 9.28 -33.87
CA GLN F 115 -30.25 9.73 -35.17
C GLN F 115 -30.54 11.23 -35.19
N GLY F 116 -31.34 11.70 -34.23
CA GLY F 116 -31.67 13.10 -34.12
C GLY F 116 -33.12 13.42 -34.44
N THR F 117 -33.93 13.64 -33.41
CA THR F 117 -35.32 14.05 -33.59
C THR F 117 -35.40 15.53 -33.94
N GLN F 118 -36.06 15.84 -35.05
CA GLN F 118 -36.43 17.22 -35.36
C GLN F 118 -37.62 17.64 -34.50
N VAL F 119 -37.52 18.81 -33.87
CA VAL F 119 -38.59 19.38 -33.05
C VAL F 119 -38.80 20.82 -33.46
N THR F 120 -40.03 21.14 -33.89
CA THR F 120 -40.41 22.51 -34.22
C THR F 120 -41.63 22.91 -33.41
N VAL F 121 -41.69 24.19 -33.02
CA VAL F 121 -42.79 24.70 -32.22
C VAL F 121 -43.18 26.09 -32.71
N GLN G 1 17.74 -25.03 -19.61
CA GLN G 1 17.97 -26.26 -20.36
C GLN G 1 16.68 -26.74 -21.02
N VAL G 2 16.51 -26.39 -22.30
CA VAL G 2 15.31 -26.72 -23.05
C VAL G 2 15.72 -27.52 -24.28
N GLN G 3 14.91 -28.53 -24.61
CA GLN G 3 15.08 -29.30 -25.83
C GLN G 3 13.85 -29.11 -26.71
N LEU G 4 14.06 -28.84 -27.99
CA LEU G 4 12.98 -28.60 -28.93
C LEU G 4 13.12 -29.54 -30.12
N VAL G 5 12.07 -30.31 -30.39
CA VAL G 5 12.00 -31.18 -31.56
C VAL G 5 10.79 -30.75 -32.38
N GLU G 6 11.02 -30.44 -33.65
CA GLU G 6 9.97 -30.01 -34.55
C GLU G 6 9.76 -31.06 -35.65
N SER G 7 8.52 -31.15 -36.13
CA SER G 7 8.16 -32.15 -37.13
C SER G 7 6.92 -31.67 -37.87
N GLY G 8 6.66 -32.32 -39.01
CA GLY G 8 5.53 -31.96 -39.86
C GLY G 8 5.84 -30.90 -40.89
N GLY G 9 7.02 -30.98 -41.50
CA GLY G 9 7.37 -30.09 -42.60
C GLY G 9 7.07 -30.66 -43.97
N GLY G 10 8.10 -31.15 -44.65
CA GLY G 10 7.93 -31.84 -45.90
C GLY G 10 7.64 -30.90 -47.06
N LEU G 11 7.28 -31.51 -48.19
CA LEU G 11 7.08 -30.81 -49.45
C LEU G 11 5.64 -30.97 -49.91
N VAL G 12 4.99 -29.85 -50.23
CA VAL G 12 3.62 -29.82 -50.72
C VAL G 12 3.55 -28.83 -51.88
N GLN G 13 2.38 -28.75 -52.51
CA GLN G 13 2.17 -27.78 -53.59
C GLN G 13 1.90 -26.40 -53.04
N GLY G 14 -2.11 -24.62 -50.21
CA GLY G 14 -2.06 -25.78 -49.33
C GLY G 14 -1.86 -25.41 -47.87
N SER G 15 -2.50 -26.16 -46.98
CA SER G 15 -2.38 -25.95 -45.55
C SER G 15 -1.40 -26.95 -44.94
N LEU G 16 -0.57 -26.47 -44.02
CA LEU G 16 0.41 -27.30 -43.34
C LEU G 16 0.40 -26.93 -41.86
N ARG G 17 0.81 -27.86 -41.02
CA ARG G 17 0.89 -27.65 -39.57
C ARG G 17 2.24 -28.18 -39.07
N LEU G 18 3.21 -27.28 -38.99
CA LEU G 18 4.42 -27.49 -38.21
C LEU G 18 4.10 -27.54 -36.72
N SER G 19 4.77 -28.44 -36.01
CA SER G 19 4.64 -28.56 -34.56
C SER G 19 6.01 -28.50 -33.90
N CYS G 20 6.03 -28.06 -32.65
CA CYS G 20 7.25 -27.81 -31.89
C CYS G 20 7.04 -28.23 -30.45
N ALA G 21 7.67 -29.34 -30.05
CA ALA G 21 7.45 -29.96 -28.76
C ALA G 21 8.61 -29.62 -27.83
N ALA G 22 8.31 -28.98 -26.71
CA ALA G 22 9.31 -28.53 -25.75
C ALA G 22 9.36 -29.46 -24.56
N SER G 23 10.52 -29.53 -23.93
CA SER G 23 10.70 -30.30 -22.70
C SER G 23 11.84 -29.71 -21.89
N GLY G 24 11.68 -29.75 -20.56
CA GLY G 24 12.68 -29.20 -19.67
C GLY G 24 12.23 -27.95 -18.92
N HIS G 25 13.17 -27.09 -18.56
CA HIS G 25 12.88 -25.84 -17.85
C HIS G 25 12.24 -24.84 -18.82
N THR G 26 10.95 -25.04 -19.08
CA THR G 26 10.21 -24.10 -19.90
C THR G 26 9.75 -22.88 -19.11
N PHE G 27 9.77 -22.92 -17.78
CA PHE G 27 9.34 -21.80 -16.98
C PHE G 27 10.26 -20.60 -17.18
N ASN G 28 11.57 -20.83 -17.20
CA ASN G 28 12.54 -19.76 -17.39
C ASN G 28 12.49 -19.18 -18.80
N TYR G 29 11.84 -19.87 -19.73
CA TYR G 29 11.84 -19.47 -21.14
C TYR G 29 10.38 -19.38 -21.60
N PRO G 30 9.67 -18.34 -21.18
CA PRO G 30 8.22 -18.29 -21.37
C PRO G 30 7.79 -18.07 -22.81
N ILE G 31 8.69 -17.69 -23.71
CA ILE G 31 8.34 -17.33 -25.08
C ILE G 31 8.94 -18.37 -26.01
N MET G 32 8.15 -18.82 -26.98
CA MET G 32 8.63 -19.62 -28.09
C MET G 32 8.50 -18.84 -29.39
N GLY G 33 9.57 -18.85 -30.19
CA GLY G 33 9.57 -18.15 -31.46
C GLY G 33 9.70 -19.13 -32.62
N TRP G 34 9.08 -18.78 -33.74
CA TRP G 34 9.30 -19.44 -35.02
C TRP G 34 10.14 -18.56 -35.93
N PHE G 35 11.26 -19.10 -36.38
CA PHE G 35 12.08 -18.48 -37.41
C PHE G 35 12.09 -19.34 -38.67
N ARG G 36 12.56 -18.74 -39.76
CA ARG G 36 12.77 -19.48 -41.01
C ARG G 36 13.95 -18.89 -41.76
N GLN G 37 14.81 -19.76 -42.27
CA GLN G 37 16.02 -19.36 -42.98
C GLN G 37 15.96 -19.89 -44.41
N ALA G 38 15.72 -18.99 -45.37
CA ALA G 38 15.81 -19.36 -46.77
C ALA G 38 17.28 -19.53 -47.16
N PRO G 39 17.57 -20.35 -48.18
CA PRO G 39 18.96 -20.53 -48.62
C PRO G 39 19.57 -19.22 -49.08
N GLY G 40 20.62 -18.80 -48.39
CA GLY G 40 21.32 -17.56 -48.71
C GLY G 40 20.88 -16.43 -47.80
N LYS G 41 19.57 -16.31 -47.59
CA LYS G 41 19.02 -15.19 -46.85
C LYS G 41 19.29 -15.34 -45.36
N GLU G 42 19.07 -14.25 -44.63
CA GLU G 42 19.27 -14.26 -43.19
C GLU G 42 18.11 -14.97 -42.51
N ARG G 43 18.35 -15.42 -41.28
CA ARG G 43 17.31 -16.06 -40.50
C ARG G 43 16.26 -15.04 -40.09
N GLU G 44 14.99 -15.38 -40.29
CA GLU G 44 13.92 -14.40 -40.38
C GLU G 44 12.82 -14.74 -39.38
N PHE G 45 12.34 -13.72 -38.68
CA PHE G 45 11.27 -13.91 -37.71
C PHE G 45 9.95 -14.22 -38.39
N VAL G 46 9.22 -15.18 -37.84
CA VAL G 46 7.88 -15.53 -38.31
C VAL G 46 6.82 -15.14 -37.27
N GLY G 47 6.96 -15.64 -36.05
CA GLY G 47 6.04 -15.28 -35.00
C GLY G 47 6.48 -15.85 -33.67
N ALA G 48 5.75 -15.47 -32.62
CA ALA G 48 6.08 -15.87 -31.27
C ALA G 48 4.81 -15.96 -30.43
N ILE G 49 4.83 -16.85 -29.45
CA ILE G 49 3.71 -17.03 -28.53
C ILE G 49 4.22 -17.15 -27.11
N SER G 50 3.58 -16.45 -26.19
CA SER G 50 3.74 -16.72 -24.78
C SER G 50 3.04 -18.03 -24.41
N TRP G 51 3.76 -18.91 -23.68
CA TRP G 51 3.15 -20.10 -23.10
C TRP G 51 1.93 -19.74 -22.25
N SER G 52 2.07 -18.79 -21.34
CA SER G 52 0.97 -18.37 -20.47
C SER G 52 0.31 -17.15 -21.09
N GLY G 53 -0.96 -17.31 -21.49
CA GLY G 53 -1.75 -16.24 -22.06
C GLY G 53 -1.96 -16.36 -23.56
N GLY G 54 -0.96 -16.90 -24.27
CA GLY G 54 -1.04 -17.00 -25.71
C GLY G 54 -0.97 -15.68 -26.42
N SER G 55 -0.35 -14.67 -25.82
CA SER G 55 -0.10 -13.40 -26.49
C SER G 55 0.77 -13.62 -27.71
N THR G 56 0.24 -13.27 -28.88
CA THR G 56 0.82 -13.67 -30.15
C THR G 56 1.26 -12.45 -30.95
N SER G 57 2.27 -12.65 -31.78
CA SER G 57 2.77 -11.62 -32.69
C SER G 57 3.26 -12.28 -33.96
N TYR G 58 3.11 -11.58 -35.07
CA TYR G 58 3.47 -12.10 -36.38
C TYR G 58 4.25 -11.06 -37.18
N ALA G 59 5.17 -11.55 -37.99
CA ALA G 59 5.74 -10.76 -39.07
C ALA G 59 4.67 -10.41 -40.10
N ASP G 60 4.86 -9.27 -40.77
CA ASP G 60 3.89 -8.78 -41.74
C ASP G 60 3.66 -9.80 -42.85
N SER G 61 4.74 -10.40 -43.37
CA SER G 61 4.65 -11.34 -44.48
C SER G 61 3.59 -12.42 -44.22
N VAL G 62 3.53 -12.93 -42.99
CA VAL G 62 2.66 -14.05 -42.63
C VAL G 62 1.46 -13.61 -41.83
N LYS G 63 1.29 -12.31 -41.59
CA LYS G 63 0.13 -11.81 -40.88
C LYS G 63 -1.15 -12.10 -41.67
N ASP G 64 -2.10 -12.77 -40.99
CA ASP G 64 -3.36 -13.21 -41.58
C ASP G 64 -3.13 -14.30 -42.64
N ARG G 65 -2.17 -15.17 -42.37
CA ARG G 65 -1.92 -16.38 -43.14
C ARG G 65 -1.58 -17.49 -42.17
N PHE G 66 -0.43 -17.36 -41.51
CA PHE G 66 0.00 -18.30 -40.48
C PHE G 66 -0.73 -18.00 -39.18
N THR G 67 -0.94 -19.03 -38.38
CA THR G 67 -1.47 -18.87 -37.03
C THR G 67 -0.71 -19.79 -36.07
N ILE G 68 -0.22 -19.20 -34.99
CA ILE G 68 0.47 -19.93 -33.92
C ILE G 68 -0.50 -20.07 -32.75
N SER G 69 -0.47 -21.25 -32.11
CA SER G 69 -0.96 -21.39 -30.74
C SER G 69 -0.30 -22.62 -30.13
N ARG G 70 -0.70 -22.94 -28.90
CA ARG G 70 0.01 -23.93 -28.10
C ARG G 70 -0.99 -24.69 -27.25
N ASP G 71 -0.51 -25.76 -26.61
CA ASP G 71 -1.21 -26.41 -25.52
C ASP G 71 -0.22 -26.75 -24.43
N ASN G 72 -0.44 -26.21 -23.23
CA ASN G 72 0.52 -26.37 -22.14
C ASN G 72 0.57 -27.80 -21.62
N ALA G 73 -0.47 -28.58 -21.85
CA ALA G 73 -0.47 -29.98 -21.44
C ALA G 73 0.67 -30.74 -22.08
N LYS G 74 0.77 -30.69 -23.41
CA LYS G 74 1.81 -31.40 -24.14
C LYS G 74 3.13 -30.64 -24.20
N ASN G 75 3.11 -29.34 -23.88
CA ASN G 75 4.26 -28.45 -24.10
C ASN G 75 4.63 -28.39 -25.57
N THR G 76 3.66 -27.98 -26.38
CA THR G 76 3.76 -28.04 -27.83
C THR G 76 3.30 -26.70 -28.41
N VAL G 77 4.03 -26.21 -29.40
CA VAL G 77 3.64 -25.04 -30.18
C VAL G 77 3.52 -25.46 -31.64
N TYR G 78 2.56 -24.85 -32.36
CA TYR G 78 2.33 -25.19 -33.75
C TYR G 78 2.23 -23.92 -34.59
N LEU G 79 2.90 -23.95 -35.73
CA LEU G 79 2.75 -22.96 -36.80
C LEU G 79 1.82 -23.53 -37.86
N GLU G 80 0.58 -23.04 -37.91
CA GLU G 80 -0.40 -23.46 -38.91
C GLU G 80 -0.22 -22.64 -40.17
N MET G 81 0.55 -23.19 -41.12
CA MET G 81 0.92 -22.51 -42.36
C MET G 81 -0.17 -22.73 -43.40
N ASN G 82 -1.15 -21.82 -43.42
CA ASN G 82 -2.21 -21.84 -44.42
C ASN G 82 -1.87 -20.86 -45.54
N ASN G 83 -2.40 -21.16 -46.73
CA ASN G 83 -2.33 -20.24 -47.88
C ASN G 83 -0.88 -20.06 -48.33
N LEU G 84 -0.19 -21.19 -48.49
CA LEU G 84 1.25 -21.17 -48.72
C LEU G 84 1.60 -20.54 -50.07
N LYS G 85 2.85 -20.13 -50.19
CA LYS G 85 3.37 -19.39 -51.32
C LYS G 85 4.80 -19.86 -51.57
N PRO G 86 5.31 -19.65 -52.80
CA PRO G 86 6.71 -20.05 -53.06
C PRO G 86 7.74 -19.19 -52.35
N GLU G 87 7.34 -18.06 -51.76
CA GLU G 87 8.23 -17.33 -50.88
C GLU G 87 8.44 -18.06 -49.56
N ASP G 88 7.50 -18.91 -49.16
CA ASP G 88 7.51 -19.63 -47.88
C ASP G 88 8.32 -20.92 -47.98
N THR G 89 9.53 -20.82 -48.49
CA THR G 89 10.38 -21.98 -48.76
C THR G 89 11.71 -21.80 -48.01
N ALA G 90 11.82 -22.46 -46.85
CA ALA G 90 12.91 -22.20 -45.93
C ALA G 90 12.99 -23.34 -44.92
N VAL G 91 14.12 -23.41 -44.23
CA VAL G 91 14.27 -24.22 -43.03
C VAL G 91 13.61 -23.47 -41.87
N TYR G 92 12.43 -23.93 -41.46
CA TYR G 92 11.72 -23.37 -40.32
C TYR G 92 12.31 -23.90 -39.02
N TYR G 93 12.78 -23.00 -38.16
CA TYR G 93 13.32 -23.35 -36.84
C TYR G 93 12.42 -22.86 -35.73
N CYS G 94 12.43 -23.61 -34.63
CA CYS G 94 11.79 -23.24 -33.38
C CYS G 94 12.86 -22.79 -32.38
N ALA G 95 12.51 -21.82 -31.53
CA ALA G 95 13.47 -21.37 -30.54
C ALA G 95 12.76 -20.81 -29.31
N ALA G 96 13.48 -20.84 -28.19
CA ALA G 96 13.00 -20.37 -26.89
C ALA G 96 13.72 -19.09 -26.49
N LYS G 97 12.98 -18.15 -25.90
CA LYS G 97 13.52 -16.87 -25.47
C LYS G 97 13.40 -16.75 -23.97
N GLY G 98 14.47 -16.28 -23.32
CA GLY G 98 14.40 -15.95 -21.91
C GLY G 98 13.50 -14.77 -21.61
N ARG G 99 13.08 -14.72 -20.35
CA ARG G 99 12.16 -13.68 -19.89
C ARG G 99 12.68 -12.28 -20.17
N TYR G 100 13.96 -12.03 -19.92
CA TYR G 100 14.53 -10.69 -20.01
C TYR G 100 15.49 -10.56 -21.19
N SER G 101 15.29 -11.36 -22.24
CA SER G 101 16.29 -11.53 -23.29
C SER G 101 16.07 -10.62 -24.50
N GLY G 102 15.22 -9.62 -24.41
CA GLY G 102 15.17 -8.60 -25.43
C GLY G 102 13.98 -8.72 -26.37
N GLY G 103 14.11 -8.10 -27.53
CA GLY G 103 13.03 -8.07 -28.50
C GLY G 103 12.74 -9.42 -29.10
N LEU G 104 11.45 -9.63 -29.41
CA LEU G 104 10.98 -10.86 -30.05
C LEU G 104 11.69 -11.14 -31.37
N TYR G 105 11.97 -10.10 -32.15
CA TYR G 105 12.30 -10.28 -33.56
C TYR G 105 13.71 -10.82 -33.81
N TYR G 106 14.60 -10.77 -32.82
CA TYR G 106 16.02 -10.90 -33.11
C TYR G 106 16.52 -12.28 -32.71
N PRO G 107 16.90 -13.12 -33.67
CA PRO G 107 17.25 -14.52 -33.35
C PRO G 107 18.42 -14.67 -32.40
N THR G 108 19.31 -13.68 -32.31
CA THR G 108 20.42 -13.78 -31.36
C THR G 108 19.95 -13.67 -29.92
N ASN G 109 18.73 -13.20 -29.67
CA ASN G 109 18.19 -13.15 -28.32
C ASN G 109 17.75 -14.51 -27.83
N TYR G 110 17.63 -15.49 -28.73
CA TYR G 110 17.06 -16.80 -28.44
C TYR G 110 18.20 -17.76 -28.15
N ASP G 111 17.97 -18.70 -27.23
CA ASP G 111 19.03 -19.57 -26.74
C ASP G 111 18.96 -20.99 -27.26
N TYR G 112 17.77 -21.59 -27.32
CA TYR G 112 17.62 -23.03 -27.53
C TYR G 112 16.92 -23.25 -28.85
N TRP G 113 17.66 -23.68 -29.87
CA TRP G 113 17.17 -23.75 -31.24
C TRP G 113 16.82 -25.19 -31.59
N GLY G 114 15.61 -25.41 -32.08
CA GLY G 114 15.25 -26.68 -32.70
C GLY G 114 16.12 -27.02 -33.89
N GLN G 115 15.95 -28.27 -34.35
CA GLN G 115 16.75 -28.77 -35.46
C GLN G 115 16.52 -27.97 -36.74
N GLY G 116 15.25 -27.82 -37.14
CA GLY G 116 14.91 -27.05 -38.32
C GLY G 116 14.38 -27.89 -39.46
N THR G 117 13.07 -27.89 -39.66
CA THR G 117 12.43 -28.59 -40.78
C THR G 117 12.60 -27.79 -42.06
N GLN G 118 13.16 -28.41 -43.09
CA GLN G 118 13.14 -27.85 -44.43
C GLN G 118 11.74 -28.01 -45.04
N VAL G 119 11.22 -26.94 -45.62
CA VAL G 119 9.91 -26.94 -46.28
C VAL G 119 10.07 -26.27 -47.63
N THR G 120 9.74 -27.01 -48.70
CA THR G 120 9.75 -26.47 -50.05
C THR G 120 8.37 -26.67 -50.69
N VAL G 121 7.95 -25.72 -51.52
CA VAL G 121 6.66 -25.79 -52.18
C VAL G 121 6.78 -25.30 -53.61
C1 NAG H . 9.69 22.93 -1.52
C2 NAG H . 10.89 22.05 -1.82
C3 NAG H . 12.13 22.92 -2.06
C4 NAG H . 11.85 23.95 -3.15
C5 NAG H . 10.57 24.73 -2.82
C6 NAG H . 10.16 25.67 -3.94
C7 NAG H . 10.70 19.85 -0.76
C8 NAG H . 11.04 19.02 0.45
N2 NAG H . 11.13 21.11 -0.74
O3 NAG H . 13.22 22.10 -2.45
O4 NAG H . 12.93 24.88 -3.21
O5 NAG H . 9.48 23.83 -2.62
O6 NAG H . 9.88 24.97 -5.14
O7 NAG H . 10.08 19.39 -1.72
C1 NAG H . 13.67 24.72 -4.43
C2 NAG H . 14.85 25.70 -4.42
C3 NAG H . 15.65 25.58 -5.71
C4 NAG H . 16.07 24.14 -5.92
C5 NAG H . 14.86 23.22 -5.87
C6 NAG H . 15.21 21.76 -5.97
C7 NAG H . 14.45 27.71 -3.05
C8 NAG H . 13.93 29.11 -3.03
N2 NAG H . 14.38 27.06 -4.22
O3 NAG H . 16.79 26.43 -5.63
O4 NAG H . 16.71 24.01 -7.18
O5 NAG H . 14.16 23.40 -4.63
O6 NAG H . 14.06 20.93 -5.95
O7 NAG H . 14.91 27.17 -2.05
C1 BMA H . 18.12 23.77 -7.00
C2 BMA H . 18.66 22.99 -8.22
C3 BMA H . 20.19 22.83 -8.13
C4 BMA H . 20.88 24.16 -7.76
C5 BMA H . 20.24 24.76 -6.51
C6 BMA H . 20.85 26.09 -6.11
O2 BMA H . 18.40 23.70 -9.43
O3 BMA H . 20.72 22.33 -9.34
O4 BMA H . 22.26 23.93 -7.54
O5 BMA H . 18.84 24.97 -6.77
O6 BMA H . 20.45 27.07 -7.06
C1 MAN H . 20.74 20.89 -9.29
C2 MAN H . 22.18 20.40 -9.36
C3 MAN H . 22.77 20.73 -10.73
C4 MAN H . 21.87 20.21 -11.84
C5 MAN H . 20.44 20.71 -11.65
C6 MAN H . 19.47 20.15 -12.65
O2 MAN H . 22.20 18.99 -9.17
O3 MAN H . 24.07 20.17 -10.84
O4 MAN H . 22.35 20.66 -13.11
O5 MAN H . 19.97 20.31 -10.34
O6 MAN H . 19.39 18.73 -12.56
C1 MAN H . 21.62 27.72 -7.60
C2 MAN H . 21.40 29.22 -7.66
C3 MAN H . 20.31 29.53 -8.68
C4 MAN H . 20.63 28.89 -10.02
C5 MAN H . 20.91 27.41 -9.84
C6 MAN H . 21.34 26.73 -11.11
O2 MAN H . 22.61 29.86 -8.04
O3 MAN H . 20.17 30.94 -8.83
O4 MAN H . 19.54 29.06 -10.91
O5 MAN H . 21.97 27.22 -8.89
O6 MAN H . 22.53 27.30 -11.63
C1 NAG I . -5.56 34.05 -25.98
C2 NAG I . -6.40 33.93 -27.25
C3 NAG I . -7.62 34.84 -27.17
C4 NAG I . -8.40 34.56 -25.89
C5 NAG I . -7.48 34.65 -24.68
C6 NAG I . -8.15 34.27 -23.38
C7 NAG I . -5.35 33.39 -29.40
C8 NAG I . -4.50 33.90 -30.53
N2 NAG I . -5.60 34.26 -28.42
O3 NAG I . -8.45 34.62 -28.30
O4 NAG I . -9.45 35.51 -25.75
O5 NAG I . -6.37 33.75 -24.85
O6 NAG I . -8.63 32.93 -23.41
O7 NAG I . -5.77 32.23 -29.38
C1 NAG I . -10.73 34.85 -25.78
C2 NAG I . -11.76 35.74 -25.10
C3 NAG I . -13.13 35.05 -25.10
C4 NAG I . -13.50 34.65 -26.52
C5 NAG I . -12.40 33.80 -27.14
C6 NAG I . -12.65 33.45 -28.59
C7 NAG I . -10.82 37.25 -23.41
C8 NAG I . -10.47 37.41 -21.96
N2 NAG I . -11.37 36.07 -23.75
O3 NAG I . -14.11 35.94 -24.58
O4 NAG I . -14.72 33.90 -26.52
O5 NAG I . -11.16 34.53 -27.10
O6 NAG I . -11.62 32.63 -29.11
O7 NAG I . -10.63 38.14 -24.23
C1 NAG J . -20.68 22.41 3.75
C2 NAG J . -21.70 23.18 2.93
C3 NAG J . -21.22 24.61 2.69
C4 NAG J . -20.83 25.28 4.00
C5 NAG J . -19.82 24.41 4.74
C6 NAG J . -19.46 24.95 6.10
C7 NAG J . -22.74 21.44 1.53
C8 NAG J . -22.85 20.88 0.15
N2 NAG J . -21.94 22.51 1.66
O3 NAG J . -22.26 25.35 2.05
O4 NAG J . -20.23 26.54 3.76
O5 NAG J . -20.39 23.11 4.96
O6 NAG J . -20.56 24.91 6.99
O7 NAG J . -23.33 20.96 2.49
C1 NAG J . -21.16 27.60 4.01
C2 NAG J . -20.37 28.86 4.33
C3 NAG J . -21.32 30.06 4.47
C4 NAG J . -22.20 30.18 3.23
C5 NAG J . -22.94 28.86 3.00
C6 NAG J . -23.77 28.88 1.75
C7 NAG J . -18.36 28.17 5.54
C8 NAG J . -17.69 28.07 6.88
N2 NAG J . -19.58 28.69 5.54
O3 NAG J . -20.56 31.24 4.65
O4 NAG J . -23.13 31.24 3.40
O5 NAG J . -21.98 27.81 2.85
O6 NAG J . -24.41 27.62 1.54
O7 NAG J . -17.81 27.79 4.51
C1 BMA J . -22.80 32.29 2.48
C2 BMA J . -24.03 33.17 2.26
C3 BMA J . -23.67 34.35 1.35
C4 BMA J . -22.38 35.04 1.78
C5 BMA J . -21.24 34.01 1.95
C6 BMA J . -19.97 34.64 2.47
O2 BMA J . -24.47 33.72 3.48
O3 BMA J . -24.73 35.30 1.32
O4 BMA J . -22.00 36.02 0.83
O5 BMA J . -21.67 33.03 2.89
O6 BMA J . -20.34 35.66 3.39
C1 MAN J . -25.56 35.06 0.16
C2 MAN J . -26.18 36.38 -0.28
C3 MAN J . -27.13 36.89 0.79
C4 MAN J . -28.15 35.82 1.15
C5 MAN J . -27.44 34.52 1.51
C6 MAN J . -28.39 33.37 1.77
O2 MAN J . -26.89 36.18 -1.51
O3 MAN J . -27.80 38.06 0.33
O4 MAN J . -28.93 36.24 2.25
O5 MAN J . -26.59 34.11 0.43
O6 MAN J . -27.69 32.18 2.12
C1 MAN J . -19.20 36.05 4.18
C2 MAN J . -19.71 36.55 5.53
C3 MAN J . -20.54 37.80 5.32
C4 MAN J . -19.75 38.84 4.53
C5 MAN J . -19.22 38.23 3.24
C6 MAN J . -18.34 39.17 2.45
O2 MAN J . -18.59 36.83 6.36
O3 MAN J . -20.93 38.34 6.58
O4 MAN J . -20.59 39.96 4.21
O5 MAN J . -18.44 37.06 3.54
O6 MAN J . -17.85 38.57 1.26
C1 NAG K . 21.06 6.85 -36.65
C2 NAG K . 21.69 5.78 -37.54
C3 NAG K . 20.88 5.64 -38.83
C4 NAG K . 19.40 5.42 -38.52
C5 NAG K . 18.89 6.51 -37.59
C6 NAG K . 17.47 6.29 -37.14
C7 NAG K . 24.09 5.34 -37.39
C8 NAG K . 25.46 5.80 -37.79
N2 NAG K . 23.07 6.08 -37.83
O3 NAG K . 21.39 4.56 -39.60
O4 NAG K . 18.66 5.44 -39.73
O5 NAG K . 19.70 6.54 -36.40
O6 NAG K . 17.33 5.08 -36.42
O7 NAG K . 23.92 4.34 -36.70
C1 NAG K . 18.01 4.16 -39.94
C2 NAG K . 16.87 4.33 -40.93
C3 NAG K . 16.18 2.99 -41.16
C4 NAG K . 17.19 1.93 -41.57
C5 NAG K . 18.32 1.87 -40.54
C6 NAG K . 19.42 0.91 -40.93
C7 NAG K . 15.95 6.60 -40.90
C8 NAG K . 14.90 7.50 -40.32
N2 NAG K . 15.92 5.33 -40.49
O3 NAG K . 15.19 3.13 -42.18
O4 NAG K . 16.57 0.66 -41.66
O5 NAG K . 18.92 3.17 -40.40
O6 NAG K . 20.43 0.86 -39.93
O7 NAG K . 16.79 7.01 -41.69
C1 NAG L . -11.35 0.27 -24.19
C2 NAG L . -11.15 -0.31 -25.59
C3 NAG L . -10.70 0.80 -26.55
C4 NAG L . -11.65 1.98 -26.50
C5 NAG L . -11.84 2.44 -25.06
C6 NAG L . -12.87 3.53 -24.92
C7 NAG L . -10.34 -2.54 -26.24
C8 NAG L . -9.22 -3.52 -26.13
N2 NAG L . -10.17 -1.39 -25.57
O3 NAG L . -10.65 0.27 -27.87
O4 NAG L . -11.10 3.07 -27.24
O5 NAG L . -12.28 1.34 -24.25
O6 NAG L . -13.03 3.93 -23.56
O7 NAG L . -11.35 -2.77 -26.89
C1 NAG L . -11.82 3.28 -28.46
C2 NAG L . -11.78 4.77 -28.78
C3 NAG L . -12.45 5.05 -30.12
C4 NAG L . -11.85 4.18 -31.22
C5 NAG L . -11.91 2.71 -30.79
C6 NAG L . -11.23 1.78 -31.78
C7 NAG L . -11.75 6.44 -26.97
C8 NAG L . -12.56 7.15 -25.93
N2 NAG L . -12.40 5.54 -27.72
O3 NAG L . -12.29 6.43 -30.45
O4 NAG L . -12.57 4.35 -32.42
O5 NAG L . -11.23 2.54 -29.54
O6 NAG L . -11.34 0.43 -31.37
O7 NAG L . -10.55 6.66 -27.14
C1 BMA L . -11.72 4.96 -33.41
C2 BMA L . -12.30 4.68 -34.79
C3 BMA L . -11.46 5.36 -35.87
C4 BMA L . -11.19 6.84 -35.53
C5 BMA L . -10.63 6.97 -34.10
C6 BMA L . -10.49 8.42 -33.68
O2 BMA L . -13.61 5.22 -34.90
O3 BMA L . -12.10 5.28 -37.14
O4 BMA L . -10.25 7.38 -36.45
O5 BMA L . -11.54 6.34 -33.19
O6 BMA L . -11.59 9.13 -34.23
C1 MAN L . -11.61 4.14 -37.85
C2 MAN L . -11.69 4.43 -39.35
C3 MAN L . -13.15 4.57 -39.76
C4 MAN L . -13.95 3.35 -39.33
C5 MAN L . -13.76 3.10 -37.83
C6 MAN L . -14.43 1.83 -37.36
O2 MAN L . -11.09 3.36 -40.07
O3 MAN L . -13.24 4.74 -41.17
O4 MAN L . -15.33 3.56 -39.58
O5 MAN L . -12.35 2.96 -37.56
O6 MAN L . -14.22 1.63 -35.96
C1 MAN L . -11.71 10.41 -33.57
C2 MAN L . -13.16 10.88 -33.68
C3 MAN L . -13.50 11.14 -35.14
C4 MAN L . -12.50 12.09 -35.77
C5 MAN L . -11.08 11.57 -35.55
C6 MAN L . -10.02 12.53 -36.05
O2 MAN L . -13.32 12.08 -32.93
O3 MAN L . -14.82 11.68 -35.24
O4 MAN L . -12.75 12.21 -37.16
O5 MAN L . -10.84 11.39 -34.15
O6 MAN L . -8.71 12.01 -35.84
C1 NAG M . 46.10 1.70 -6.37
C2 NAG M . 47.23 1.04 -5.59
C3 NAG M . 47.89 -0.05 -6.43
C4 NAG M . 46.84 -1.04 -6.93
C5 NAG M . 45.73 -0.28 -7.66
C6 NAG M . 44.58 -1.17 -8.09
C7 NAG M . 48.45 2.36 -3.91
C8 NAG M . 49.51 3.39 -3.67
N2 NAG M . 48.22 2.03 -5.19
O3 NAG M . 48.86 -0.74 -5.65
O4 NAG M . 47.44 -1.96 -7.83
O5 NAG M . 45.16 0.71 -6.78
O6 NAG M . 43.95 -1.79 -6.98
O7 NAG M . 47.83 1.84 -2.99
C1 NAG M . 47.32 -3.30 -7.31
C2 NAG M . 47.53 -4.30 -8.44
C3 NAG M . 47.40 -5.73 -7.90
C4 NAG M . 48.35 -5.93 -6.73
C5 NAG M . 48.10 -4.86 -5.67
C6 NAG M . 49.08 -4.94 -4.52
C7 NAG M . 46.88 -3.36 -10.61
C8 NAG M . 45.77 -3.23 -11.62
N2 NAG M . 46.58 -4.08 -9.52
O3 NAG M . 47.72 -6.65 -8.94
O4 NAG M . 48.15 -7.22 -6.15
O5 NAG M . 48.25 -3.56 -6.26
O6 NAG M . 48.80 -3.94 -3.54
O7 NAG M . 47.98 -2.86 -10.78
C1 NAG N . 18.33 -18.79 -14.00
C2 NAG N . 19.64 -19.57 -14.02
C3 NAG N . 20.63 -18.91 -14.97
C4 NAG N . 20.00 -18.72 -16.35
C5 NAG N . 18.68 -17.98 -16.23
C6 NAG N . 17.95 -17.87 -17.54
C7 NAG N . 20.73 -20.77 -12.18
C8 NAG N . 21.30 -20.67 -10.80
N2 NAG N . 20.20 -19.65 -12.68
O3 NAG N . 21.79 -19.72 -15.08
O4 NAG N . 20.87 -17.92 -17.16
O5 NAG N . 17.81 -18.69 -15.33
O6 NAG N . 16.71 -17.18 -17.39
O7 NAG N . 20.73 -21.83 -12.81
C1 NAG N . 21.50 -18.71 -18.18
C2 NAG N . 21.72 -17.80 -19.40
C3 NAG N . 22.45 -18.56 -20.50
C4 NAG N . 23.74 -19.17 -19.95
C5 NAG N . 23.42 -20.02 -18.72
C6 NAG N . 24.66 -20.58 -18.06
C7 NAG N . 20.14 -15.99 -19.92
C8 NAG N . 18.79 -15.65 -20.47
N2 NAG N . 20.45 -17.29 -19.90
O3 NAG N . 22.76 -17.67 -21.56
O4 NAG N . 24.35 -19.97 -20.94
O5 NAG N . 22.75 -19.22 -17.75
O6 NAG N . 24.33 -21.39 -16.94
O7 NAG N . 20.91 -15.14 -19.50
C1 BMA N . 25.61 -19.40 -21.34
C2 BMA N . 26.46 -20.49 -21.98
C3 BMA N . 27.78 -19.90 -22.46
C4 BMA N . 27.58 -18.62 -23.27
C5 BMA N . 26.68 -17.63 -22.51
C6 BMA N . 26.35 -16.40 -23.35
O2 BMA N . 25.82 -21.01 -23.13
O3 BMA N . 28.51 -20.84 -23.24
O4 BMA N . 28.83 -18.00 -23.53
O5 BMA N . 25.45 -18.28 -22.18
O6 BMA N . 26.17 -16.85 -24.69
C1 MAN N . 29.43 -21.57 -22.41
C2 MAN N . 30.62 -22.00 -23.25
C3 MAN N . 30.17 -22.99 -24.31
C4 MAN N . 29.43 -24.15 -23.67
C5 MAN N . 28.30 -23.63 -22.78
C6 MAN N . 27.58 -24.72 -22.01
O2 MAN N . 31.61 -22.59 -22.42
O3 MAN N . 31.29 -23.47 -25.04
O4 MAN N . 28.88 -25.00 -24.67
O5 MAN N . 28.83 -22.71 -21.81
O6 MAN N . 26.54 -24.20 -21.20
C1 MAN N . 25.49 -15.83 -25.45
C2 MAN N . 24.76 -16.49 -26.62
C3 MAN N . 25.79 -17.10 -27.58
C4 MAN N . 26.81 -16.06 -27.99
C5 MAN N . 27.43 -15.40 -26.75
C6 MAN N . 28.38 -14.28 -27.09
O2 MAN N . 23.99 -15.51 -27.30
O3 MAN N . 25.13 -17.62 -28.72
O4 MAN N . 27.84 -16.67 -28.76
O5 MAN N . 26.39 -14.84 -25.93
O6 MAN N . 28.94 -13.71 -25.92
C1 NAG O . 8.57 48.20 15.48
C2 NAG O . 8.59 47.65 16.89
C3 NAG O . 7.72 46.39 16.99
C4 NAG O . 6.32 46.70 16.50
C5 NAG O . 6.39 47.27 15.08
C6 NAG O . 5.04 47.68 14.55
C7 NAG O . 10.49 47.79 18.45
C8 NAG O . 11.91 47.38 18.71
N2 NAG O . 9.96 47.34 17.30
O3 NAG O . 7.68 45.95 18.34
O4 NAG O . 5.54 45.51 16.50
O5 NAG O . 7.22 48.44 15.08
O6 NAG O . 4.12 46.60 14.53
O7 NAG O . 9.85 48.48 19.24
O1 PX6 P . -26.46 -33.80 45.87
O2 PX6 P . -26.28 -31.80 44.31
P1 PX6 P . -26.41 -32.31 45.71
O3 PX6 P . -27.63 -31.65 46.42
O4 PX6 P . -25.14 -31.81 46.55
C1 PX6 P . -25.29 -31.39 47.92
C2 PX6 P . -24.00 -30.78 48.39
C3 PX6 P . -22.82 -31.30 47.60
O5 PX6 P . -21.62 -30.69 48.12
C4 PX6 P . -20.75 -30.23 47.22
O6 PX6 P . -20.92 -30.26 46.03
C5 PX6 P . -19.52 -29.67 47.88
C6 PX6 P . -18.73 -28.71 46.99
C7 PX6 P . -19.50 -27.43 46.71
C8 PX6 P . -18.81 -26.50 45.72
C9 PX6 P . -18.60 -27.11 44.34
C10 PX6 P . -18.14 -26.10 43.30
C11 PX6 P . -19.05 -24.88 43.19
C12 PX6 P . -18.92 -24.11 41.88
C13 PX6 P . -17.53 -23.55 41.62
C14 PX6 P . -17.03 -22.58 42.66
C15 PX6 P . -15.87 -21.72 42.20
C16 PX6 P . -14.70 -22.51 41.63
C17 PX6 P . -13.58 -21.65 41.06
C18 PX6 P . -12.45 -22.43 40.44
C19 PX6 P . -11.38 -21.55 39.84
O7 PX6 P . -24.08 -29.34 48.17
C20 PX6 P . -24.44 -28.57 49.20
O8 PX6 P . -24.70 -29.00 50.29
C21 PX6 P . -24.49 -27.12 48.82
C22 PX6 P . -23.26 -26.66 48.05
C23 PX6 P . -23.39 -25.24 47.53
C24 PX6 P . -22.17 -24.74 46.76
C25 PX6 P . -22.36 -23.37 46.15
C26 PX6 P . -21.12 -22.81 45.47
C27 PX6 P . -21.33 -21.43 44.86
C28 PX6 P . -20.07 -20.77 44.34
C29 PX6 P . -20.29 -19.37 43.80
C30 PX6 P . -19.01 -18.64 43.40
C31 PX6 P . -19.26 -17.23 42.90
C32 PX6 P . -17.98 -16.43 42.66
C33 PX6 P . -17.10 -16.97 41.54
C34 PX6 P . -15.85 -16.14 41.29
C35 PX6 P . -15.03 -16.65 40.13
C1 D10 Q . -37.86 -17.56 36.89
C2 D10 Q . -37.06 -18.54 36.05
C3 D10 Q . -36.22 -17.86 34.99
C4 D10 Q . -35.41 -18.82 34.14
C5 D10 Q . -34.56 -18.14 33.08
C6 D10 Q . -33.54 -17.17 33.66
C7 D10 Q . -32.71 -16.46 32.59
C8 D10 Q . -31.70 -15.48 33.15
C9 D10 Q . -30.63 -16.12 34.03
C10 D10 Q . -29.64 -15.12 34.57
C1 OCT R . -0.43 -9.37 37.77
C2 OCT R . -1.47 -10.26 37.13
C3 OCT R . -2.12 -9.63 35.90
C4 OCT R . -3.13 -10.53 35.20
C5 OCT R . -3.69 -9.93 33.93
C6 OCT R . -4.63 -10.86 33.17
C7 OCT R . -5.13 -10.29 31.86
C8 OCT R . -6.01 -11.26 31.10
N1 EPE S . -7.79 21.18 -17.83
C2 EPE S . -7.20 21.94 -18.92
C3 EPE S . -5.81 21.43 -19.25
N4 EPE S . -5.85 20.02 -19.63
C5 EPE S . -6.45 19.25 -18.52
C6 EPE S . -7.83 19.76 -18.20
C7 EPE S . -4.53 19.52 -19.97
C8 EPE S . -4.51 18.73 -21.25
O8 EPE S . -5.45 17.68 -21.20
C9 EPE S . -9.13 21.66 -17.49
C10 EPE S . -9.08 23.15 -17.17
S EPE S . -10.24 24.06 -18.14
O1S EPE S . -10.10 25.45 -17.76
O2S EPE S . -9.83 23.86 -19.55
O3S EPE S . -11.54 23.51 -17.89
CL CL T . 13.62 3.24 -8.67
CL CL U . 3.33 11.14 -9.77
N1 EPE V . 13.92 -0.16 -25.15
C2 EPE V . 15.12 0.31 -25.84
C3 EPE V . 16.18 0.74 -24.84
N4 EPE V . 16.54 -0.37 -23.97
C5 EPE V . 15.33 -0.85 -23.27
C6 EPE V . 14.28 -1.28 -24.28
C7 EPE V . 17.57 0.01 -23.01
C8 EPE V . 18.70 -0.98 -22.92
O8 EPE V . 18.20 -2.27 -22.62
C9 EPE V . 12.89 -0.57 -26.10
C10 EPE V . 12.57 0.57 -27.07
S EPE V . 12.71 0.06 -28.76
O1S EPE V . 12.41 1.22 -29.57
O2S EPE V . 14.11 -0.35 -28.93
O3S EPE V . 11.82 -1.06 -28.94
CL CL W . 18.39 5.06 3.29
C1 NAG X . 43.56 8.59 17.14
C2 NAG X . 43.58 8.71 18.66
C3 NAG X . 44.29 7.50 19.28
C4 NAG X . 43.64 6.21 18.78
C5 NAG X . 43.60 6.19 17.25
C6 NAG X . 42.87 5.00 16.70
C7 NAG X . 43.66 10.81 19.91
C8 NAG X . 44.47 12.04 20.24
N2 NAG X . 44.22 9.95 19.07
O3 NAG X . 44.21 7.58 20.69
O4 NAG X . 44.37 5.09 19.25
O5 NAG X . 42.92 7.37 16.77
O6 NAG X . 41.52 4.97 17.14
O7 NAG X . 42.54 10.62 20.39
C1 NAG Y . 47.47 35.19 12.37
C2 NAG Y . 48.30 36.38 12.84
C3 NAG Y . 48.82 37.17 11.64
C4 NAG Y . 49.58 36.24 10.70
C5 NAG Y . 48.69 35.05 10.31
C6 NAG Y . 49.42 34.04 9.47
C7 NAG Y . 47.51 37.13 15.04
C8 NAG Y . 46.64 38.10 15.78
N2 NAG Y . 47.51 37.25 13.71
O3 NAG Y . 49.68 38.21 12.09
O4 NAG Y . 49.96 36.94 9.52
O5 NAG Y . 48.24 34.37 11.50
O6 NAG Y . 50.51 33.47 10.16
O7 NAG Y . 48.18 36.27 15.62
C1 D10 Z . -14.92 -32.98 43.70
C2 D10 Z . -15.68 -32.01 42.81
C3 D10 Z . -15.04 -31.83 41.46
C4 D10 Z . -15.79 -30.88 40.53
C5 D10 Z . -15.18 -30.72 39.16
C6 D10 Z . -13.77 -30.15 39.18
C7 D10 Z . -13.15 -29.96 37.80
C8 D10 Z . -11.76 -29.36 37.82
C9 D10 Z . -11.16 -29.16 36.43
C10 D10 Z . -9.78 -28.55 36.48
C1 OCT AA . 9.17 -31.08 27.81
C2 OCT AA . 9.90 -30.53 26.61
C3 OCT AA . 11.05 -29.61 26.98
C4 OCT AA . 11.85 -29.11 25.79
C5 OCT AA . 13.04 -28.25 26.18
C6 OCT AA . 13.90 -27.82 24.99
C7 OCT AA . 15.11 -27.00 25.38
C8 OCT AA . 15.97 -26.62 24.20
#